data_1HKX
#
_entry.id   1HKX
#
_cell.length_a   147.946
_cell.length_b   118.043
_cell.length_c   157.820
_cell.angle_alpha   90.00
_cell.angle_beta   110.91
_cell.angle_gamma   90.00
#
_symmetry.space_group_name_H-M   'C 1 2 1'
#
loop_
_entity.id
_entity.type
_entity.pdbx_description
1 polymer 'CALCIUM/CALMODULIN-DEPENDENT PROTEIN KINASE TYPE II ALPHA CHAIN'
2 non-polymer 2,3-DIHYDROXY-1,4-DITHIOBUTANE
3 non-polymer 'CHLORIDE ION'
4 non-polymer 'HEXATANTALUM DODECABROMIDE'
5 water water
#
_entity_poly.entity_id   1
_entity_poly.type   'polypeptide(L)'
_entity_poly.pdbx_seq_one_letter_code
;GPHMTTIEDEDTKVRKQEIIKVTEQLIEAISNGDFESYTKMCDPGMTAFEPEALGNLVEGLDFHRFYFENLWSRNSKPVH
TTILNPHIHLMGDESACIAYIRITQYLDAGGIPRTAQSEETRVWHRRDGKWQIVHFHRSGAPSVLPH
;
_entity_poly.pdbx_strand_id   A,B,C,D,E,F,G,H,I,J,K,L,M,N
#
loop_
_chem_comp.id
_chem_comp.type
_chem_comp.name
_chem_comp.formula
CL non-polymer 'CHLORIDE ION' 'Cl -1'
DTT non-polymer 2,3-DIHYDROXY-1,4-DITHIOBUTANE 'C4 H10 O2 S2'
TBR non-polymer 'HEXATANTALUM DODECABROMIDE' 'Br12 Ta6'
#
# COMPACT_ATOMS: atom_id res chain seq x y z
N MET A 4 5.22 -38.55 55.74
CA MET A 4 6.66 -38.28 55.92
C MET A 4 6.96 -36.80 55.69
N THR A 5 6.42 -36.26 54.61
CA THR A 5 6.63 -34.87 54.25
C THR A 5 5.40 -33.98 54.47
N THR A 6 4.50 -34.42 55.35
CA THR A 6 3.28 -33.65 55.64
C THR A 6 3.65 -32.23 56.08
N ILE A 7 4.27 -32.10 57.25
CA ILE A 7 4.70 -30.79 57.71
C ILE A 7 5.74 -30.42 56.67
N GLU A 8 6.12 -29.16 56.58
CA GLU A 8 7.16 -28.80 55.62
C GLU A 8 6.77 -29.33 54.24
N ASP A 9 5.81 -28.65 53.62
CA ASP A 9 5.27 -29.00 52.32
C ASP A 9 3.92 -28.34 52.40
N GLU A 10 3.36 -28.45 53.59
CA GLU A 10 2.09 -27.83 53.87
C GLU A 10 2.47 -26.38 54.04
N ASP A 11 3.75 -26.11 54.27
CA ASP A 11 4.13 -24.72 54.47
C ASP A 11 4.60 -24.09 53.16
N THR A 12 5.09 -24.92 52.26
CA THR A 12 5.53 -24.43 50.97
C THR A 12 4.25 -23.98 50.26
N LYS A 13 3.16 -24.62 50.63
CA LYS A 13 1.86 -24.31 50.07
C LYS A 13 1.46 -22.91 50.52
N VAL A 14 1.64 -22.62 51.80
CA VAL A 14 1.28 -21.31 52.33
C VAL A 14 2.31 -20.24 51.95
N ARG A 15 3.55 -20.64 51.78
CA ARG A 15 4.60 -19.70 51.40
C ARG A 15 4.32 -19.22 49.98
N LYS A 16 3.87 -20.12 49.12
CA LYS A 16 3.55 -19.76 47.75
C LYS A 16 2.33 -18.87 47.70
N GLN A 17 1.35 -19.14 48.57
CA GLN A 17 0.16 -18.32 48.59
C GLN A 17 0.57 -16.93 49.07
N GLU A 18 1.58 -16.89 49.92
CA GLU A 18 2.12 -15.65 50.45
C GLU A 18 2.62 -14.82 49.27
N ILE A 19 3.42 -15.46 48.41
CA ILE A 19 3.95 -14.78 47.24
C ILE A 19 2.84 -14.36 46.28
N ILE A 20 1.83 -15.20 46.10
CA ILE A 20 0.73 -14.85 45.20
C ILE A 20 -0.03 -13.64 45.73
N LYS A 21 -0.11 -13.51 47.05
CA LYS A 21 -0.83 -12.39 47.65
C LYS A 21 -0.11 -11.06 47.44
N VAL A 22 1.21 -11.04 47.62
CA VAL A 22 1.97 -9.81 47.42
C VAL A 22 1.97 -9.42 45.96
N THR A 23 1.98 -10.41 45.08
CA THR A 23 1.95 -10.13 43.64
C THR A 23 0.62 -9.49 43.29
N GLU A 24 -0.46 -10.02 43.88
CA GLU A 24 -1.80 -9.47 43.66
C GLU A 24 -1.86 -8.05 44.20
N GLN A 25 -1.25 -7.84 45.36
CA GLN A 25 -1.23 -6.54 45.99
C GLN A 25 -0.46 -5.56 45.10
N LEU A 26 0.67 -6.01 44.58
CA LEU A 26 1.50 -5.19 43.70
C LEU A 26 0.70 -4.78 42.48
N ILE A 27 0.05 -5.74 41.85
CA ILE A 27 -0.75 -5.47 40.67
C ILE A 27 -1.88 -4.49 40.97
N GLU A 28 -2.49 -4.62 42.15
CA GLU A 28 -3.58 -3.71 42.51
C GLU A 28 -3.07 -2.28 42.65
N ALA A 29 -1.91 -2.14 43.29
CA ALA A 29 -1.31 -0.82 43.47
C ALA A 29 -1.04 -0.24 42.09
N ILE A 30 -0.47 -1.03 41.19
CA ILE A 30 -0.17 -0.57 39.84
C ILE A 30 -1.48 -0.18 39.17
N SER A 31 -2.46 -1.07 39.24
CA SER A 31 -3.76 -0.84 38.62
C SER A 31 -4.49 0.39 39.15
N ASN A 32 -4.24 0.78 40.38
CA ASN A 32 -4.90 1.94 40.95
C ASN A 32 -4.04 3.19 40.90
N GLY A 33 -2.90 3.11 40.22
CA GLY A 33 -2.01 4.25 40.12
C GLY A 33 -1.48 4.72 41.46
N ASP A 34 -1.44 3.82 42.43
CA ASP A 34 -0.96 4.15 43.77
C ASP A 34 0.56 3.96 43.87
N PHE A 35 1.30 4.97 43.44
CA PHE A 35 2.76 4.92 43.44
C PHE A 35 3.41 4.76 44.82
N GLU A 36 2.77 5.28 45.86
CA GLU A 36 3.33 5.17 47.20
C GLU A 36 3.40 3.71 47.64
N SER A 37 2.30 3.00 47.51
CA SER A 37 2.26 1.58 47.88
C SER A 37 3.24 0.82 47.01
N TYR A 38 3.32 1.21 45.74
CA TYR A 38 4.21 0.55 44.80
C TYR A 38 5.66 0.63 45.27
N THR A 39 6.16 1.84 45.52
CA THR A 39 7.53 2.03 45.97
C THR A 39 7.79 1.27 47.26
N LYS A 40 6.78 1.21 48.10
CA LYS A 40 6.86 0.51 49.36
C LYS A 40 7.16 -0.96 49.10
N MET A 41 6.68 -1.47 47.96
CA MET A 41 6.88 -2.87 47.61
C MET A 41 8.09 -3.15 46.73
N CYS A 42 8.78 -2.11 46.31
CA CYS A 42 9.96 -2.29 45.46
C CYS A 42 11.27 -1.96 46.16
N ASP A 43 12.30 -2.73 45.85
CA ASP A 43 13.63 -2.48 46.41
C ASP A 43 14.15 -1.25 45.66
N PRO A 44 14.83 -0.34 46.36
CA PRO A 44 15.36 0.87 45.71
C PRO A 44 16.22 0.58 44.47
N GLY A 45 16.96 -0.52 44.51
CA GLY A 45 17.81 -0.89 43.40
C GLY A 45 17.12 -1.86 42.46
N MET A 46 15.81 -1.74 42.38
CA MET A 46 14.99 -2.59 41.53
C MET A 46 15.38 -2.45 40.06
N THR A 47 15.44 -3.59 39.39
CA THR A 47 15.81 -3.64 37.98
C THR A 47 14.59 -4.11 37.15
N ALA A 48 14.50 -3.67 35.89
CA ALA A 48 13.35 -4.08 35.06
C ALA A 48 13.53 -4.11 33.55
N PHE A 49 12.82 -5.04 32.93
CA PHE A 49 12.76 -5.22 31.48
C PHE A 49 11.27 -5.12 31.17
N GLU A 50 10.90 -4.22 30.26
CA GLU A 50 9.50 -4.06 29.90
C GLU A 50 9.37 -3.31 28.57
N PRO A 51 8.29 -3.56 27.83
CA PRO A 51 8.07 -2.91 26.55
C PRO A 51 8.29 -1.40 26.56
N GLU A 52 7.84 -0.74 27.63
CA GLU A 52 7.99 0.71 27.72
C GLU A 52 9.45 1.17 27.78
N ALA A 53 10.37 0.25 28.12
CA ALA A 53 11.78 0.59 28.23
C ALA A 53 12.57 0.33 26.93
N LEU A 54 11.85 0.02 25.86
CA LEU A 54 12.45 -0.19 24.55
C LEU A 54 13.69 -1.07 24.48
N GLY A 55 13.67 -2.23 25.12
CA GLY A 55 14.81 -3.10 25.07
C GLY A 55 15.94 -2.76 26.01
N ASN A 56 15.76 -1.74 26.85
CA ASN A 56 16.80 -1.36 27.82
C ASN A 56 16.47 -1.87 29.22
N LEU A 57 17.50 -2.19 29.99
CA LEU A 57 17.33 -2.63 31.37
C LEU A 57 17.27 -1.34 32.18
N VAL A 58 16.14 -1.09 32.85
CA VAL A 58 15.97 0.11 33.65
C VAL A 58 16.20 -0.12 35.15
N GLU A 59 16.72 0.90 35.84
CA GLU A 59 16.99 0.81 37.30
C GLU A 59 16.18 1.81 38.09
N GLY A 60 15.89 1.46 39.34
CA GLY A 60 15.14 2.36 40.21
C GLY A 60 13.67 2.46 39.87
N LEU A 61 12.94 3.21 40.69
CA LEU A 61 11.51 3.39 40.47
C LEU A 61 11.22 4.66 39.70
N ASP A 62 12.24 5.48 39.56
CA ASP A 62 12.12 6.75 38.88
C ASP A 62 11.47 6.65 37.50
N PHE A 63 11.86 5.63 36.74
CA PHE A 63 11.34 5.41 35.39
C PHE A 63 9.87 5.04 35.38
N HIS A 64 9.41 4.39 36.44
CA HIS A 64 8.03 3.96 36.52
C HIS A 64 7.07 5.04 37.00
N ARG A 65 7.54 5.97 37.82
CA ARG A 65 6.68 7.04 38.32
C ARG A 65 5.91 7.73 37.19
N PHE A 66 6.55 7.86 36.04
CA PHE A 66 5.91 8.51 34.90
C PHE A 66 4.54 7.96 34.55
N TYR A 67 4.44 6.64 34.42
CA TYR A 67 3.18 5.99 34.06
C TYR A 67 2.16 6.02 35.18
N PHE A 68 2.63 6.16 36.41
CA PHE A 68 1.70 6.25 37.53
C PHE A 68 1.05 7.61 37.50
N GLU A 69 1.87 8.65 37.53
CA GLU A 69 1.38 10.02 37.53
C GLU A 69 0.61 10.41 36.27
N ASN A 70 0.88 9.74 35.15
CA ASN A 70 0.18 10.09 33.92
C ASN A 70 -0.85 9.07 33.47
N LEU A 71 -1.57 8.53 34.44
CA LEU A 71 -2.62 7.56 34.21
C LEU A 71 -3.57 7.62 35.40
N TRP A 72 -4.30 8.73 35.48
CA TRP A 72 -5.27 8.99 36.54
C TRP A 72 -6.68 8.72 36.05
N SER A 73 -6.97 9.18 34.84
CA SER A 73 -8.29 8.99 34.25
C SER A 73 -8.73 7.52 34.41
N ARG A 74 -7.75 6.62 34.49
CA ARG A 74 -8.02 5.20 34.66
C ARG A 74 -8.87 5.00 35.91
N ASN A 75 -8.78 5.93 36.85
CA ASN A 75 -9.54 5.83 38.09
C ASN A 75 -10.97 5.43 37.73
N SER A 76 -11.58 6.25 36.88
CA SER A 76 -12.94 5.99 36.41
C SER A 76 -12.90 4.77 35.51
N LYS A 77 -11.86 4.68 34.68
CA LYS A 77 -11.71 3.55 33.77
C LYS A 77 -11.71 2.25 34.57
N PRO A 78 -12.76 1.44 34.41
CA PRO A 78 -12.84 0.17 35.14
C PRO A 78 -11.74 -0.77 34.64
N VAL A 79 -11.04 -1.41 35.57
CA VAL A 79 -9.97 -2.33 35.19
C VAL A 79 -10.02 -3.63 35.95
N HIS A 80 -10.07 -4.74 35.22
CA HIS A 80 -10.07 -6.04 35.89
C HIS A 80 -8.83 -6.80 35.46
N THR A 81 -8.11 -7.35 36.44
CA THR A 81 -6.90 -8.10 36.14
C THR A 81 -7.02 -9.54 36.55
N THR A 82 -6.44 -10.41 35.74
CA THR A 82 -6.47 -11.84 36.00
C THR A 82 -5.05 -12.36 35.90
N ILE A 83 -4.67 -13.19 36.85
CA ILE A 83 -3.34 -13.77 36.88
C ILE A 83 -3.54 -15.21 36.48
N LEU A 84 -3.01 -15.60 35.33
CA LEU A 84 -3.18 -16.97 34.86
C LEU A 84 -1.96 -17.85 34.92
N ASN A 85 -2.22 -19.14 35.16
CA ASN A 85 -1.18 -20.15 35.20
C ASN A 85 0.06 -19.75 36.00
N PRO A 86 -0.14 -19.25 37.24
CA PRO A 86 0.96 -18.84 38.11
C PRO A 86 1.93 -19.99 38.43
N HIS A 87 3.19 -19.65 38.58
CA HIS A 87 4.21 -20.63 38.94
C HIS A 87 5.21 -19.96 39.88
N ILE A 88 5.31 -20.49 41.10
CA ILE A 88 6.22 -19.93 42.05
C ILE A 88 7.40 -20.85 42.26
N HIS A 89 8.56 -20.25 42.46
CA HIS A 89 9.80 -20.97 42.73
C HIS A 89 10.29 -20.41 44.04
N LEU A 90 10.39 -21.26 45.06
CA LEU A 90 10.87 -20.80 46.35
C LEU A 90 12.38 -21.05 46.39
N MET A 91 13.12 -20.07 46.91
CA MET A 91 14.58 -20.17 47.00
C MET A 91 14.99 -19.59 48.34
N GLY A 92 15.05 -20.43 49.36
CA GLY A 92 15.40 -19.94 50.68
C GLY A 92 14.14 -19.34 51.27
N ASP A 93 14.20 -18.88 52.51
CA ASP A 93 13.04 -18.31 53.16
C ASP A 93 12.86 -16.83 52.85
N GLU A 94 13.88 -16.22 52.25
CA GLU A 94 13.80 -14.79 51.95
C GLU A 94 13.79 -14.50 50.46
N SER A 95 13.71 -15.54 49.63
CA SER A 95 13.75 -15.35 48.19
C SER A 95 12.75 -16.18 47.37
N ALA A 96 11.94 -15.48 46.57
CA ALA A 96 10.94 -16.15 45.74
C ALA A 96 10.88 -15.59 44.33
N CYS A 97 10.35 -16.39 43.41
CA CYS A 97 10.22 -16.01 42.02
C CYS A 97 8.88 -16.46 41.46
N ILE A 98 8.11 -15.52 40.93
CA ILE A 98 6.81 -15.88 40.37
C ILE A 98 6.66 -15.45 38.92
N ALA A 99 6.13 -16.35 38.11
CA ALA A 99 5.91 -16.09 36.69
C ALA A 99 4.47 -16.37 36.35
N TYR A 100 3.82 -15.46 35.64
CA TYR A 100 2.43 -15.65 35.29
C TYR A 100 2.02 -14.86 34.04
N ILE A 101 0.84 -15.17 33.51
CA ILE A 101 0.31 -14.46 32.37
C ILE A 101 -0.60 -13.44 33.00
N ARG A 102 -0.45 -12.18 32.61
CA ARG A 102 -1.29 -11.13 33.15
C ARG A 102 -2.29 -10.68 32.11
N ILE A 103 -3.56 -10.90 32.39
CA ILE A 103 -4.60 -10.50 31.44
C ILE A 103 -5.36 -9.32 32.01
N THR A 104 -5.47 -8.28 31.19
CA THR A 104 -6.17 -7.07 31.62
C THR A 104 -7.38 -6.79 30.73
N GLN A 105 -8.51 -6.58 31.40
CA GLN A 105 -9.75 -6.27 30.71
C GLN A 105 -10.02 -4.81 31.01
N TYR A 106 -10.06 -4.00 29.96
CA TYR A 106 -10.31 -2.59 30.10
C TYR A 106 -11.28 -2.13 29.00
N LEU A 107 -11.81 -0.90 29.11
CA LEU A 107 -12.74 -0.37 28.11
C LEU A 107 -11.94 0.53 27.16
N ASP A 108 -12.55 1.52 26.56
CA ASP A 108 -11.73 2.47 25.82
C ASP A 108 -12.55 3.65 25.48
N ALA A 109 -12.55 4.05 24.21
CA ALA A 109 -13.34 5.19 23.83
C ALA A 109 -14.56 4.51 23.18
N GLY A 110 -15.75 4.96 23.56
CA GLY A 110 -16.94 4.33 23.03
C GLY A 110 -17.26 3.23 23.99
N GLY A 111 -16.41 3.11 25.01
CA GLY A 111 -16.56 2.11 26.04
C GLY A 111 -16.39 0.71 25.49
N ILE A 112 -15.52 0.55 24.50
CA ILE A 112 -15.30 -0.76 23.88
C ILE A 112 -14.43 -1.69 24.75
N PRO A 113 -14.93 -2.90 25.01
CA PRO A 113 -14.16 -3.83 25.82
C PRO A 113 -13.06 -4.53 25.04
N ARG A 114 -11.84 -4.42 25.55
CA ARG A 114 -10.71 -5.07 24.89
C ARG A 114 -9.84 -5.80 25.92
N THR A 115 -9.04 -6.75 25.44
CA THR A 115 -8.20 -7.53 26.33
C THR A 115 -6.74 -7.49 25.90
N ALA A 116 -5.87 -7.33 26.90
CA ALA A 116 -4.43 -7.29 26.66
C ALA A 116 -3.76 -8.39 27.45
N GLN A 117 -2.72 -8.97 26.89
CA GLN A 117 -1.97 -10.04 27.54
C GLN A 117 -0.50 -9.70 27.66
N SER A 118 0.12 -10.16 28.74
CA SER A 118 1.55 -9.96 28.91
C SER A 118 2.07 -11.02 29.86
N GLU A 119 3.30 -11.48 29.58
CA GLU A 119 3.94 -12.48 30.41
C GLU A 119 4.78 -11.72 31.41
N GLU A 120 4.64 -12.04 32.69
CA GLU A 120 5.42 -11.33 33.69
C GLU A 120 6.17 -12.25 34.64
N THR A 121 7.36 -11.79 35.01
CA THR A 121 8.22 -12.47 35.96
C THR A 121 8.52 -11.44 37.04
N ARG A 122 8.31 -11.81 38.30
CA ARG A 122 8.58 -10.90 39.42
C ARG A 122 9.54 -11.63 40.35
N VAL A 123 10.65 -11.01 40.70
CA VAL A 123 11.59 -11.64 41.62
C VAL A 123 11.48 -10.95 42.97
N TRP A 124 11.06 -11.71 43.98
CA TRP A 124 10.86 -11.19 45.33
C TRP A 124 11.95 -11.49 46.35
N HIS A 125 12.23 -10.49 47.17
CA HIS A 125 13.22 -10.64 48.23
C HIS A 125 12.66 -10.08 49.53
N ARG A 126 12.73 -10.90 50.58
CA ARG A 126 12.24 -10.53 51.90
C ARG A 126 13.26 -9.66 52.64
N ARG A 127 12.88 -8.42 52.94
CA ARG A 127 13.77 -7.52 53.66
C ARG A 127 13.08 -6.95 54.90
N ASP A 128 13.68 -7.19 56.06
CA ASP A 128 13.14 -6.71 57.32
C ASP A 128 11.64 -6.94 57.47
N GLY A 129 11.18 -8.14 57.16
CA GLY A 129 9.77 -8.43 57.31
C GLY A 129 8.89 -8.40 56.07
N LYS A 130 9.01 -7.36 55.23
CA LYS A 130 8.17 -7.28 54.04
C LYS A 130 8.88 -7.65 52.75
N TRP A 131 8.09 -8.22 51.84
CA TRP A 131 8.58 -8.65 50.53
C TRP A 131 8.74 -7.46 49.61
N GLN A 132 9.85 -7.44 48.88
CA GLN A 132 10.11 -6.36 47.93
C GLN A 132 10.54 -6.90 46.58
N ILE A 133 10.14 -6.22 45.52
CA ILE A 133 10.55 -6.66 44.20
C ILE A 133 11.96 -6.21 43.92
N VAL A 134 12.78 -7.14 43.49
CA VAL A 134 14.17 -6.83 43.23
C VAL A 134 14.42 -6.74 41.70
N HIS A 135 13.54 -7.38 40.94
CA HIS A 135 13.64 -7.39 39.48
C HIS A 135 12.36 -7.91 38.87
N PHE A 136 12.00 -7.37 37.71
CA PHE A 136 10.83 -7.85 37.03
C PHE A 136 11.02 -7.75 35.53
N HIS A 137 10.37 -8.68 34.82
CA HIS A 137 10.49 -8.75 33.38
C HIS A 137 9.09 -8.91 32.77
N ARG A 138 8.69 -7.95 31.94
CA ARG A 138 7.37 -7.98 31.30
C ARG A 138 7.52 -8.11 29.78
N SER A 139 6.78 -9.05 29.18
CA SER A 139 6.78 -9.27 27.73
C SER A 139 5.37 -9.14 27.18
N GLY A 140 5.28 -9.01 25.86
CA GLY A 140 3.99 -8.81 25.24
C GLY A 140 3.84 -7.32 25.47
N ALA A 141 3.98 -6.53 24.40
CA ALA A 141 3.90 -5.07 24.47
C ALA A 141 2.89 -4.38 25.43
N PRO A 142 1.90 -5.12 26.00
CA PRO A 142 1.02 -4.38 26.91
C PRO A 142 1.73 -3.63 28.04
N SER A 143 1.05 -2.60 28.55
CA SER A 143 1.58 -1.76 29.61
C SER A 143 1.46 -2.48 30.96
N VAL A 144 2.09 -2.01 31.93
N ASP B 9 30.83 -5.44 50.48
CA ASP B 9 31.62 -6.36 51.35
C ASP B 9 32.65 -7.09 50.51
N GLU B 10 32.55 -6.86 49.20
CA GLU B 10 33.44 -7.41 48.18
C GLU B 10 33.49 -8.90 47.92
N ASP B 11 32.88 -9.70 48.78
CA ASP B 11 32.75 -11.12 48.46
C ASP B 11 31.49 -11.09 47.56
N THR B 12 30.71 -10.02 47.68
CA THR B 12 29.51 -9.86 46.86
C THR B 12 30.03 -9.67 45.44
N LYS B 13 31.24 -9.11 45.35
CA LYS B 13 31.89 -8.88 44.08
C LYS B 13 32.22 -10.22 43.44
N VAL B 14 32.75 -11.15 44.24
CA VAL B 14 33.10 -12.47 43.70
C VAL B 14 31.87 -13.35 43.53
N ARG B 15 30.85 -13.13 44.34
CA ARG B 15 29.62 -13.89 44.24
C ARG B 15 28.94 -13.56 42.90
N LYS B 16 28.95 -12.28 42.55
CA LYS B 16 28.36 -11.83 41.31
C LYS B 16 29.14 -12.36 40.12
N GLN B 17 30.46 -12.42 40.25
CA GLN B 17 31.26 -12.93 39.15
C GLN B 17 30.96 -14.41 39.00
N GLU B 18 30.63 -15.03 40.12
CA GLU B 18 30.27 -16.44 40.17
C GLU B 18 29.03 -16.63 39.27
N ILE B 19 28.03 -15.78 39.49
CA ILE B 19 26.81 -15.85 38.72
C ILE B 19 27.06 -15.55 37.25
N ILE B 20 27.92 -14.57 36.98
CA ILE B 20 28.23 -14.22 35.59
C ILE B 20 28.90 -15.39 34.88
N LYS B 21 29.72 -16.14 35.60
CA LYS B 21 30.40 -17.28 35.02
C LYS B 21 29.45 -18.42 34.65
N VAL B 22 28.52 -18.76 35.53
CA VAL B 22 27.57 -19.83 35.22
C VAL B 22 26.65 -19.41 34.08
N THR B 23 26.33 -18.12 34.01
CA THR B 23 25.47 -17.63 32.95
C THR B 23 26.22 -17.78 31.62
N GLU B 24 27.50 -17.46 31.63
CA GLU B 24 28.33 -17.58 30.44
C GLU B 24 28.41 -19.04 30.04
N GLN B 25 28.58 -19.90 31.04
CA GLN B 25 28.67 -21.33 30.81
C GLN B 25 27.36 -21.83 30.20
N LEU B 26 26.25 -21.38 30.74
CA LEU B 26 24.93 -21.77 30.26
C LEU B 26 24.80 -21.37 28.80
N ILE B 27 25.12 -20.12 28.50
CA ILE B 27 25.03 -19.62 27.13
C ILE B 27 25.92 -20.41 26.18
N GLU B 28 27.10 -20.80 26.63
CA GLU B 28 28.02 -21.58 25.79
C GLU B 28 27.43 -22.93 25.48
N ALA B 29 26.83 -23.57 26.49
CA ALA B 29 26.20 -24.87 26.29
C ALA B 29 25.09 -24.72 25.25
N ILE B 30 24.25 -23.70 25.41
CA ILE B 30 23.18 -23.44 24.47
C ILE B 30 23.75 -23.21 23.08
N SER B 31 24.74 -22.32 23.01
CA SER B 31 25.39 -21.99 21.76
C SER B 31 26.05 -23.18 21.04
N ASN B 32 26.50 -24.18 21.80
CA ASN B 32 27.12 -25.34 21.20
C ASN B 32 26.16 -26.53 21.05
N GLY B 33 24.88 -26.30 21.30
CA GLY B 33 23.91 -27.36 21.19
C GLY B 33 24.18 -28.52 22.12
N ASP B 34 24.87 -28.26 23.21
CA ASP B 34 25.19 -29.28 24.20
C ASP B 34 24.06 -29.43 25.23
N PHE B 35 23.03 -30.18 24.88
CA PHE B 35 21.88 -30.39 25.75
C PHE B 35 22.18 -31.07 27.10
N GLU B 36 23.19 -31.95 27.13
CA GLU B 36 23.54 -32.62 28.37
C GLU B 36 23.99 -31.62 29.43
N SER B 37 24.95 -30.76 29.07
CA SER B 37 25.45 -29.75 29.99
C SER B 37 24.32 -28.82 30.38
N TYR B 38 23.46 -28.51 29.42
CA TYR B 38 22.33 -27.62 29.66
C TYR B 38 21.43 -28.17 30.77
N THR B 39 20.96 -29.40 30.60
CA THR B 39 20.08 -30.02 31.59
C THR B 39 20.76 -30.07 32.96
N LYS B 40 22.05 -30.29 32.94
CA LYS B 40 22.85 -30.36 34.16
C LYS B 40 22.73 -29.02 34.91
N MET B 41 22.57 -27.94 34.15
CA MET B 41 22.47 -26.60 34.73
C MET B 41 21.04 -26.12 35.02
N CYS B 42 20.05 -26.91 34.63
CA CYS B 42 18.66 -26.52 34.86
C CYS B 42 17.95 -27.38 35.88
N ASP B 43 17.11 -26.75 36.68
CA ASP B 43 16.33 -27.46 37.68
C ASP B 43 15.25 -28.20 36.90
N PRO B 44 14.93 -29.43 37.29
CA PRO B 44 13.90 -30.21 36.59
C PRO B 44 12.57 -29.48 36.43
N GLY B 45 12.20 -28.70 37.43
CA GLY B 45 10.96 -27.96 37.41
C GLY B 45 11.15 -26.54 36.89
N MET B 46 12.13 -26.39 35.99
CA MET B 46 12.44 -25.10 35.39
C MET B 46 11.25 -24.54 34.63
N THR B 47 11.05 -23.25 34.77
CA THR B 47 9.96 -22.55 34.13
C THR B 47 10.53 -21.52 33.11
N ALA B 48 9.82 -21.26 32.01
CA ALA B 48 10.32 -20.31 31.00
C ALA B 48 9.31 -19.56 30.15
N PHE B 49 9.71 -18.35 29.79
CA PHE B 49 8.95 -17.45 28.93
C PHE B 49 9.93 -17.13 27.82
N GLU B 50 9.55 -17.39 26.58
CA GLU B 50 10.43 -17.07 25.46
C GLU B 50 9.64 -17.00 24.16
N PRO B 51 10.12 -16.24 23.17
CA PRO B 51 9.43 -16.09 21.88
C PRO B 51 8.98 -17.42 21.25
N GLU B 52 9.81 -18.45 21.36
CA GLU B 52 9.48 -19.74 20.79
C GLU B 52 8.26 -20.41 21.46
N ALA B 53 7.90 -19.95 22.65
CA ALA B 53 6.76 -20.52 23.37
C ALA B 53 5.44 -19.79 23.13
N LEU B 54 5.47 -18.85 22.20
CA LEU B 54 4.28 -18.08 21.79
C LEU B 54 3.41 -17.51 22.91
N GLY B 55 4.02 -16.89 23.90
CA GLY B 55 3.22 -16.32 24.95
C GLY B 55 2.82 -17.27 26.06
N ASN B 56 3.25 -18.52 25.97
CA ASN B 56 2.92 -19.52 27.00
C ASN B 56 4.07 -19.76 27.95
N LEU B 57 3.75 -20.05 29.21
CA LEU B 57 4.77 -20.33 30.21
C LEU B 57 5.05 -21.83 30.08
N VAL B 58 6.27 -22.18 29.72
CA VAL B 58 6.64 -23.58 29.54
C VAL B 58 7.36 -24.16 30.74
N GLU B 59 7.15 -25.47 31.00
CA GLU B 59 7.79 -26.17 32.13
C GLU B 59 8.70 -27.29 31.68
N GLY B 60 9.71 -27.57 32.48
CA GLY B 60 10.64 -28.64 32.16
C GLY B 60 11.61 -28.31 31.04
N LEU B 61 12.51 -29.24 30.75
CA LEU B 61 13.50 -29.04 29.69
C LEU B 61 13.05 -29.68 28.41
N ASP B 62 11.99 -30.48 28.51
CA ASP B 62 11.46 -31.19 27.35
C ASP B 62 11.22 -30.29 26.14
N PHE B 63 10.64 -29.12 26.38
CA PHE B 63 10.33 -28.17 25.32
C PHE B 63 11.56 -27.59 24.63
N HIS B 64 12.66 -27.48 25.37
CA HIS B 64 13.88 -26.92 24.84
C HIS B 64 14.67 -27.94 24.03
N ARG B 65 14.43 -29.22 24.30
CA ARG B 65 15.06 -30.28 23.53
C ARG B 65 14.34 -30.22 22.17
N PHE B 66 15.02 -29.67 21.17
CA PHE B 66 14.44 -29.54 19.84
C PHE B 66 15.21 -28.43 19.19
N TYR B 67 15.46 -27.40 19.97
CA TYR B 67 16.22 -26.27 19.47
C TYR B 67 17.67 -26.69 19.58
N PHE B 68 17.88 -27.87 20.16
CA PHE B 68 19.22 -28.43 20.31
C PHE B 68 19.38 -29.47 19.21
N GLU B 69 18.35 -30.29 19.02
CA GLU B 69 18.37 -31.35 18.02
C GLU B 69 18.37 -30.81 16.59
N ASN B 70 17.67 -29.71 16.36
CA ASN B 70 17.56 -29.16 15.02
C ASN B 70 18.26 -27.84 14.73
N LEU B 71 19.07 -27.38 15.69
CA LEU B 71 19.82 -26.13 15.50
C LEU B 71 21.31 -26.46 15.54
N TRP B 72 21.63 -27.71 15.88
CA TRP B 72 23.03 -28.14 15.95
C TRP B 72 23.66 -28.05 14.56
N SER B 73 22.84 -27.74 13.56
CA SER B 73 23.32 -27.62 12.18
C SER B 73 24.25 -26.40 12.09
N ARG B 74 24.65 -25.89 13.26
CA ARG B 74 25.53 -24.73 13.36
C ARG B 74 26.87 -24.89 12.65
N ASN B 75 27.10 -26.06 12.07
CA ASN B 75 28.33 -26.30 11.33
C ASN B 75 28.09 -25.70 9.95
N SER B 76 27.51 -24.49 9.95
CA SER B 76 27.18 -23.74 8.75
C SER B 76 26.97 -22.26 9.12
N LYS B 77 27.48 -21.86 10.28
CA LYS B 77 27.33 -20.49 10.74
C LYS B 77 28.08 -20.20 12.05
N PRO B 78 29.20 -19.47 11.98
CA PRO B 78 29.93 -19.16 13.21
C PRO B 78 29.07 -18.20 14.03
N VAL B 79 29.01 -18.42 15.34
CA VAL B 79 28.17 -17.57 16.19
C VAL B 79 28.90 -16.95 17.37
N HIS B 80 28.71 -15.65 17.54
CA HIS B 80 29.33 -14.94 18.64
C HIS B 80 28.27 -14.27 19.50
N THR B 81 28.38 -14.43 20.81
CA THR B 81 27.43 -13.85 21.74
C THR B 81 28.08 -12.84 22.65
N THR B 82 27.35 -11.78 22.95
CA THR B 82 27.82 -10.72 23.82
C THR B 82 26.77 -10.49 24.88
N ILE B 83 27.20 -10.37 26.13
CA ILE B 83 26.29 -10.11 27.22
C ILE B 83 26.53 -8.67 27.58
N LEU B 84 25.52 -7.82 27.40
CA LEU B 84 25.69 -6.40 27.70
C LEU B 84 24.94 -5.91 28.92
N ASN B 85 25.53 -4.93 29.57
CA ASN B 85 24.96 -4.27 30.72
C ASN B 85 24.36 -5.23 31.76
N PRO B 86 25.12 -6.27 32.15
CA PRO B 86 24.66 -7.25 33.14
C PRO B 86 24.33 -6.61 34.48
N HIS B 87 23.35 -7.18 35.17
CA HIS B 87 22.97 -6.71 36.48
C HIS B 87 22.57 -7.92 37.32
N ILE B 88 23.31 -8.16 38.40
CA ILE B 88 23.02 -9.27 39.26
C ILE B 88 22.40 -8.79 40.57
N HIS B 89 21.47 -9.59 41.09
CA HIS B 89 20.82 -9.31 42.35
C HIS B 89 21.07 -10.57 43.16
N LEU B 90 21.75 -10.43 44.30
CA LEU B 90 22.03 -11.57 45.15
C LEU B 90 20.93 -11.61 46.20
N MET B 91 20.43 -12.81 46.46
CA MET B 91 19.35 -13.01 47.43
C MET B 91 19.66 -14.26 48.24
N GLY B 92 20.40 -14.10 49.33
CA GLY B 92 20.78 -15.26 50.11
C GLY B 92 21.97 -15.89 49.43
N ASP B 93 22.51 -16.96 50.01
CA ASP B 93 23.68 -17.61 49.43
C ASP B 93 23.32 -18.66 48.38
N GLU B 94 22.04 -18.98 48.28
CA GLU B 94 21.60 -20.00 47.33
C GLU B 94 20.69 -19.46 46.23
N SER B 95 20.51 -18.15 46.20
CA SER B 95 19.63 -17.54 45.22
C SER B 95 20.15 -16.26 44.55
N ALA B 96 20.18 -16.26 43.22
CA ALA B 96 20.63 -15.10 42.46
C ALA B 96 19.74 -14.82 41.26
N CYS B 97 19.82 -13.60 40.76
CA CYS B 97 19.02 -13.15 39.62
C CYS B 97 19.87 -12.28 38.71
N ILE B 98 19.96 -12.64 37.44
CA ILE B 98 20.73 -11.85 36.50
C ILE B 98 19.91 -11.43 35.30
N ALA B 99 20.05 -10.16 34.92
CA ALA B 99 19.34 -9.59 33.79
C ALA B 99 20.36 -8.93 32.85
N TYR B 100 20.28 -9.22 31.57
CA TYR B 100 21.21 -8.67 30.61
C TYR B 100 20.66 -8.63 29.19
N ILE B 101 21.31 -7.85 28.33
CA ILE B 101 20.92 -7.76 26.93
C ILE B 101 21.79 -8.81 26.26
N ARG B 102 21.18 -9.65 25.46
CA ARG B 102 21.93 -10.68 24.77
C ARG B 102 22.01 -10.34 23.29
N ILE B 103 23.23 -10.09 22.81
CA ILE B 103 23.42 -9.75 21.42
C ILE B 103 24.08 -10.91 20.71
N THR B 104 23.49 -11.30 19.59
CA THR B 104 24.01 -12.42 18.83
C THR B 104 24.41 -12.01 17.42
N GLN B 105 25.64 -12.35 17.06
CA GLN B 105 26.15 -12.06 15.74
C GLN B 105 26.23 -13.38 15.02
N TYR B 106 25.48 -13.49 13.94
CA TYR B 106 25.44 -14.70 13.15
C TYR B 106 25.46 -14.36 11.66
N LEU B 107 25.71 -15.37 10.84
CA LEU B 107 25.77 -15.18 9.39
C LEU B 107 24.45 -15.58 8.72
N ASP B 108 24.58 -16.37 7.66
CA ASP B 108 23.42 -16.89 6.94
C ASP B 108 22.43 -15.76 6.68
N ALA B 109 21.15 -16.10 6.60
CA ALA B 109 20.12 -15.10 6.32
C ALA B 109 20.59 -14.42 5.03
N GLY B 110 21.13 -15.24 4.15
CA GLY B 110 21.64 -14.77 2.88
C GLY B 110 23.13 -15.03 2.78
N GLY B 111 23.80 -15.01 3.93
CA GLY B 111 25.24 -15.23 3.98
C GLY B 111 25.95 -14.03 4.56
N ILE B 112 25.19 -12.97 4.81
CA ILE B 112 25.73 -11.73 5.37
C ILE B 112 25.61 -11.62 6.90
N PRO B 113 26.63 -11.03 7.55
CA PRO B 113 26.69 -10.84 9.00
C PRO B 113 25.47 -10.07 9.51
N ARG B 114 24.78 -10.63 10.49
CA ARG B 114 23.61 -9.96 11.06
C ARG B 114 23.64 -10.02 12.57
N THR B 115 22.89 -9.12 13.21
CA THR B 115 22.86 -9.03 14.66
C THR B 115 21.46 -9.11 15.24
N ALA B 116 21.31 -9.93 16.27
CA ALA B 116 20.02 -10.10 16.93
C ALA B 116 20.14 -9.70 18.38
N GLN B 117 19.08 -9.11 18.92
CA GLN B 117 19.06 -8.68 20.32
C GLN B 117 17.90 -9.30 21.07
N SER B 118 18.11 -9.60 22.35
CA SER B 118 17.06 -10.13 23.19
C SER B 118 17.35 -9.80 24.64
N GLU B 119 16.30 -9.50 25.39
CA GLU B 119 16.46 -9.19 26.80
C GLU B 119 16.25 -10.51 27.56
N GLU B 120 17.17 -10.84 28.45
CA GLU B 120 17.03 -12.08 29.19
C GLU B 120 17.12 -11.93 30.71
N THR B 121 16.31 -12.71 31.40
CA THR B 121 16.32 -12.74 32.84
C THR B 121 16.54 -14.21 33.18
N ARG B 122 17.48 -14.49 34.06
CA ARG B 122 17.75 -15.87 34.47
C ARG B 122 17.64 -15.91 36.00
N VAL B 123 16.86 -16.83 36.54
CA VAL B 123 16.75 -16.92 37.98
C VAL B 123 17.52 -18.16 38.43
N TRP B 124 18.55 -17.93 39.25
CA TRP B 124 19.42 -19.01 39.74
C TRP B 124 19.20 -19.48 41.17
N HIS B 125 19.27 -20.79 41.36
CA HIS B 125 19.11 -21.37 42.68
C HIS B 125 20.22 -22.39 42.92
N ARG B 126 20.92 -22.24 44.03
CA ARG B 126 22.01 -23.12 44.43
C ARG B 126 21.48 -24.42 45.04
N ARG B 127 21.74 -25.54 44.40
CA ARG B 127 21.30 -26.83 44.91
C ARG B 127 22.46 -27.79 45.00
N ASP B 128 22.71 -28.30 46.21
CA ASP B 128 23.80 -29.24 46.44
C ASP B 128 25.12 -28.83 45.79
N GLY B 129 25.50 -27.57 45.95
CA GLY B 129 26.77 -27.13 45.39
C GLY B 129 26.74 -26.38 44.07
N LYS B 130 25.99 -26.86 43.08
CA LYS B 130 25.95 -26.16 41.80
C LYS B 130 24.71 -25.32 41.56
N TRP B 131 24.90 -24.23 40.84
CA TRP B 131 23.81 -23.33 40.49
C TRP B 131 22.95 -23.94 39.39
N GLN B 132 21.63 -23.77 39.54
CA GLN B 132 20.69 -24.27 38.55
C GLN B 132 19.65 -23.22 38.20
N ILE B 133 19.24 -23.19 36.94
CA ILE B 133 18.22 -22.23 36.53
C ILE B 133 16.86 -22.75 36.93
N VAL B 134 16.11 -21.90 37.62
CA VAL B 134 14.79 -22.28 38.09
C VAL B 134 13.71 -21.63 37.21
N HIS B 135 14.07 -20.54 36.56
CA HIS B 135 13.16 -19.82 35.67
C HIS B 135 13.91 -18.85 34.79
N PHE B 136 13.42 -18.64 33.56
CA PHE B 136 14.05 -17.68 32.70
C PHE B 136 13.01 -17.04 31.78
N HIS B 137 13.26 -15.80 31.42
CA HIS B 137 12.34 -15.06 30.60
C HIS B 137 13.13 -14.35 29.49
N ARG B 138 12.80 -14.66 28.25
CA ARG B 138 13.48 -14.07 27.10
C ARG B 138 12.51 -13.28 26.26
N SER B 139 12.86 -12.08 25.86
CA SER B 139 11.99 -11.31 24.98
C SER B 139 12.90 -10.74 23.91
N GLY B 140 12.52 -10.95 22.65
CA GLY B 140 13.33 -10.48 21.54
C GLY B 140 13.44 -11.48 20.41
N ALA B 141 14.65 -11.75 19.93
CA ALA B 141 14.84 -12.67 18.82
C ALA B 141 15.60 -13.98 19.10
N PRO B 142 16.88 -13.88 19.52
CA PRO B 142 17.72 -15.07 19.81
C PRO B 142 16.95 -16.35 20.14
N SER B 143 17.40 -17.46 19.57
CA SER B 143 16.77 -18.76 19.77
C SER B 143 17.69 -19.75 20.49
N VAL B 144 17.96 -19.52 21.69
N THR C 6 46.95 -1.96 42.73
CA THR C 6 46.97 -0.47 42.86
C THR C 6 45.56 0.08 42.65
N ILE C 7 44.72 -0.09 43.67
CA ILE C 7 43.33 0.36 43.62
C ILE C 7 43.18 1.84 43.97
N GLU C 8 44.16 2.64 43.56
CA GLU C 8 44.12 4.08 43.79
C GLU C 8 43.15 4.62 42.74
N ASP C 9 42.48 3.69 42.07
CA ASP C 9 41.50 4.01 41.04
C ASP C 9 40.18 4.34 41.73
N GLU C 10 40.28 5.00 42.87
CA GLU C 10 39.10 5.41 43.60
C GLU C 10 38.79 6.86 43.23
N ASP C 11 39.80 7.58 42.75
CA ASP C 11 39.56 8.96 42.38
C ASP C 11 38.96 8.96 40.98
N THR C 12 39.25 7.89 40.22
CA THR C 12 38.71 7.75 38.87
C THR C 12 37.21 7.56 39.07
N LYS C 13 36.87 7.00 40.22
CA LYS C 13 35.48 6.75 40.58
C LYS C 13 34.79 8.10 40.79
N VAL C 14 35.44 9.01 41.51
CA VAL C 14 34.85 10.32 41.75
C VAL C 14 34.94 11.22 40.52
N ARG C 15 35.96 11.01 39.71
CA ARG C 15 36.12 11.81 38.49
C ARG C 15 34.99 11.50 37.53
N LYS C 16 34.63 10.22 37.44
CA LYS C 16 33.55 9.80 36.58
C LYS C 16 32.22 10.33 37.10
N GLN C 17 32.05 10.34 38.41
CA GLN C 17 30.81 10.84 38.98
C GLN C 17 30.73 12.33 38.67
N GLU C 18 31.90 12.95 38.60
CA GLU C 18 32.02 14.37 38.30
C GLU C 18 31.41 14.58 36.91
N ILE C 19 31.85 13.78 35.95
CA ILE C 19 31.35 13.86 34.59
C ILE C 19 29.86 13.55 34.51
N ILE C 20 29.41 12.56 35.28
CA ILE C 20 27.99 12.21 35.26
C ILE C 20 27.16 13.38 35.79
N LYS C 21 27.69 14.12 36.76
CA LYS C 21 26.96 15.24 37.32
C LYS C 21 26.80 16.39 36.33
N VAL C 22 27.87 16.75 35.62
CA VAL C 22 27.77 17.85 34.65
C VAL C 22 26.86 17.45 33.49
N THR C 23 26.87 16.17 33.15
CA THR C 23 26.01 15.69 32.07
C THR C 23 24.55 15.82 32.50
N GLU C 24 24.29 15.47 33.77
CA GLU C 24 22.94 15.59 34.32
C GLU C 24 22.55 17.05 34.34
N GLN C 25 23.50 17.90 34.72
CA GLN C 25 23.25 19.32 34.78
C GLN C 25 22.91 19.86 33.40
N LEU C 26 23.70 19.44 32.43
CA LEU C 26 23.51 19.86 31.04
C LEU C 26 22.11 19.46 30.58
N ILE C 27 21.74 18.20 30.81
CA ILE C 27 20.43 17.72 30.41
C ILE C 27 19.31 18.50 31.09
N GLU C 28 19.49 18.86 32.36
CA GLU C 28 18.47 19.62 33.08
C GLU C 28 18.30 20.99 32.45
N ALA C 29 19.41 21.62 32.10
CA ALA C 29 19.36 22.94 31.47
C ALA C 29 18.59 22.82 30.16
N ILE C 30 18.93 21.80 29.37
CA ILE C 30 18.24 21.57 28.11
C ILE C 30 16.76 21.36 28.37
N SER C 31 16.48 20.45 29.29
CA SER C 31 15.11 20.11 29.64
C SER C 31 14.28 21.29 30.14
N ASN C 32 14.93 22.28 30.76
CA ASN C 32 14.20 23.44 31.27
C ASN C 32 14.26 24.63 30.33
N GLY C 33 14.80 24.43 29.13
CA GLY C 33 14.89 25.51 28.18
C GLY C 33 15.74 26.66 28.67
N ASP C 34 16.67 26.38 29.56
CA ASP C 34 17.56 27.40 30.12
C ASP C 34 18.81 27.56 29.25
N PHE C 35 18.68 28.34 28.18
CA PHE C 35 19.79 28.56 27.25
C PHE C 35 21.04 29.21 27.86
N GLU C 36 20.85 30.06 28.86
CA GLU C 36 21.99 30.72 29.49
C GLU C 36 22.93 29.70 30.13
N SER C 37 22.35 28.84 30.97
CA SER C 37 23.14 27.82 31.64
C SER C 37 23.78 26.91 30.60
N TYR C 38 23.01 26.62 29.55
CA TYR C 38 23.49 25.77 28.48
C TYR C 38 24.78 26.33 27.87
N THR C 39 24.72 27.56 27.37
CA THR C 39 25.88 28.19 26.75
C THR C 39 27.07 28.22 27.71
N LYS C 40 26.76 28.41 28.98
CA LYS C 40 27.78 28.45 30.01
C LYS C 40 28.53 27.12 30.03
N MET C 41 27.83 26.04 29.68
CA MET C 41 28.41 24.70 29.69
C MET C 41 29.00 24.25 28.35
N CYS C 42 28.84 25.06 27.32
CA CYS C 42 29.36 24.69 26.01
C CYS C 42 30.52 25.55 25.55
N ASP C 43 31.49 24.93 24.90
CA ASP C 43 32.62 25.65 24.37
C ASP C 43 32.08 26.42 23.15
N PRO C 44 32.53 27.66 22.95
CA PRO C 44 32.05 28.46 21.81
C PRO C 44 32.20 27.74 20.47
N GLY C 45 33.27 26.98 20.31
CA GLY C 45 33.49 26.27 19.06
C GLY C 45 32.96 24.86 19.09
N MET C 46 31.88 24.67 19.86
CA MET C 46 31.22 23.39 20.02
C MET C 46 30.74 22.85 18.69
N THR C 47 30.93 21.55 18.49
CA THR C 47 30.53 20.87 17.27
C THR C 47 29.41 19.85 17.59
N ALA C 48 28.51 19.59 16.65
CA ALA C 48 27.41 18.64 16.92
C ALA C 48 26.78 17.91 15.75
N PHE C 49 26.35 16.68 16.04
CA PHE C 49 25.68 15.81 15.09
C PHE C 49 24.38 15.48 15.80
N GLU C 50 23.25 15.73 15.16
CA GLU C 50 21.97 15.43 15.76
C GLU C 50 20.87 15.39 14.69
N PRO C 51 19.81 14.62 14.94
CA PRO C 51 18.69 14.50 13.99
C PRO C 51 18.21 15.84 13.43
N GLU C 52 18.10 16.85 14.30
CA GLU C 52 17.62 18.15 13.86
C GLU C 52 18.53 18.83 12.84
N ALA C 53 19.77 18.36 12.74
CA ALA C 53 20.73 18.96 11.81
C ALA C 53 20.78 18.25 10.46
N LEU C 54 19.86 17.32 10.25
CA LEU C 54 19.73 16.59 8.98
C LEU C 54 20.99 16.05 8.35
N GLY C 55 21.82 15.37 9.13
CA GLY C 55 23.04 14.81 8.59
C GLY C 55 24.20 15.77 8.46
N ASN C 56 24.04 17.02 8.89
CA ASN C 56 25.11 17.99 8.81
C ASN C 56 25.79 18.21 10.15
N LEU C 57 27.09 18.49 10.12
CA LEU C 57 27.84 18.77 11.33
C LEU C 57 27.66 20.26 11.58
N VAL C 58 27.05 20.59 12.71
CA VAL C 58 26.78 21.99 13.07
C VAL C 58 27.81 22.57 14.05
N GLU C 59 28.09 23.86 13.92
CA GLU C 59 29.04 24.54 14.79
C GLU C 59 28.40 25.65 15.63
N GLY C 60 28.98 25.91 16.79
CA GLY C 60 28.48 26.95 17.66
C GLY C 60 27.15 26.62 18.32
N LEU C 61 26.69 27.51 19.18
CA LEU C 61 25.44 27.32 19.90
C LEU C 61 24.30 27.99 19.19
N ASP C 62 24.61 28.80 18.19
CA ASP C 62 23.61 29.53 17.43
C ASP C 62 22.47 28.65 16.91
N PHE C 63 22.83 27.48 16.39
CA PHE C 63 21.87 26.54 15.83
C PHE C 63 20.93 25.95 16.88
N HIS C 64 21.42 25.82 18.10
CA HIS C 64 20.63 25.26 19.18
C HIS C 64 19.70 26.25 19.85
N ARG C 65 20.08 27.53 19.87
CA ARG C 65 19.25 28.53 20.54
C ARG C 65 17.85 28.68 19.95
N PHE C 66 17.57 27.95 18.88
CA PHE C 66 16.26 28.04 18.26
C PHE C 66 15.29 27.16 19.06
N TYR C 67 15.62 25.88 19.16
CA TYR C 67 14.79 24.93 19.89
C TYR C 67 14.75 25.29 21.37
N PHE C 68 15.68 26.13 21.77
CA PHE C 68 15.80 26.59 23.15
C PHE C 68 14.96 27.82 23.36
N GLU C 69 14.55 28.44 22.25
CA GLU C 69 13.77 29.67 22.31
C GLU C 69 12.40 29.51 21.63
N ASN C 70 12.12 28.33 21.10
CA ASN C 70 10.85 28.08 20.43
C ASN C 70 10.27 26.72 20.79
N LEU C 71 10.68 26.18 21.92
CA LEU C 71 10.20 24.87 22.34
C LEU C 71 9.98 24.85 23.86
N TRP C 72 9.11 25.73 24.34
CA TRP C 72 8.80 25.82 25.76
C TRP C 72 7.42 25.25 26.06
N SER C 73 6.65 24.99 25.01
CA SER C 73 5.30 24.45 25.14
C SER C 73 5.35 23.00 25.61
N ARG C 74 6.17 22.74 26.62
CA ARG C 74 6.35 21.41 27.18
C ARG C 74 5.83 21.27 28.60
N ASN C 75 5.15 22.31 29.10
CA ASN C 75 4.61 22.25 30.46
C ASN C 75 3.37 21.37 30.43
N SER C 76 2.54 21.57 29.41
CA SER C 76 1.32 20.78 29.24
C SER C 76 1.76 19.43 28.69
N LYS C 77 3.08 19.28 28.56
CA LYS C 77 3.70 18.05 28.06
C LYS C 77 4.80 17.62 29.05
N PRO C 78 4.40 17.07 30.21
CA PRO C 78 5.32 16.60 31.26
C PRO C 78 6.47 15.75 30.73
N VAL C 79 7.69 16.06 31.15
CA VAL C 79 8.88 15.32 30.70
C VAL C 79 9.81 14.83 31.82
N HIS C 80 10.30 13.60 31.64
CA HIS C 80 11.22 12.94 32.55
C HIS C 80 12.31 12.28 31.71
N THR C 81 13.57 12.47 32.12
CA THR C 81 14.69 11.91 31.39
C THR C 81 15.46 10.90 32.23
N THR C 82 15.93 9.85 31.58
CA THR C 82 16.69 8.83 32.24
C THR C 82 17.95 8.61 31.45
N ILE C 83 19.07 8.48 32.15
CA ILE C 83 20.35 8.24 31.53
C ILE C 83 20.67 6.79 31.85
N LEU C 84 20.74 5.94 30.83
CA LEU C 84 21.00 4.53 31.07
C LEU C 84 22.35 4.07 30.62
N ASN C 85 22.87 3.07 31.34
CA ASN C 85 24.14 2.44 31.05
C ASN C 85 25.26 3.42 30.70
N PRO C 86 25.46 4.46 31.52
CA PRO C 86 26.51 5.46 31.28
C PRO C 86 27.91 4.84 31.26
N HIS C 87 28.79 5.42 30.47
CA HIS C 87 30.17 4.96 30.39
C HIS C 87 31.04 6.18 30.19
N ILE C 88 31.94 6.43 31.14
CA ILE C 88 32.82 7.58 31.06
C ILE C 88 34.23 7.12 30.73
N HIS C 89 34.93 7.95 29.96
CA HIS C 89 36.31 7.68 29.59
C HIS C 89 37.04 8.94 30.02
N LEU C 90 37.99 8.80 30.94
CA LEU C 90 38.75 9.96 31.40
C LEU C 90 40.02 10.04 30.55
N MET C 91 40.37 11.25 30.12
CA MET C 91 41.54 11.45 29.29
C MET C 91 42.24 12.72 29.79
N GLY C 92 43.16 12.57 30.74
CA GLY C 92 43.81 13.74 31.29
C GLY C 92 42.87 14.35 32.30
N ASP C 93 43.28 15.45 32.94
CA ASP C 93 42.44 16.08 33.94
C ASP C 93 41.48 17.11 33.37
N GLU C 94 41.67 17.44 32.10
CA GLU C 94 40.82 18.45 31.45
C GLU C 94 39.97 17.88 30.32
N SER C 95 39.99 16.57 30.15
CA SER C 95 39.25 15.95 29.06
C SER C 95 38.50 14.64 29.40
N ALA C 96 37.19 14.65 29.15
CA ALA C 96 36.37 13.47 29.43
C ALA C 96 35.39 13.17 28.29
N CYS C 97 34.93 11.94 28.25
CA CYS C 97 34.00 11.48 27.22
C CYS C 97 32.94 10.58 27.83
N ILE C 98 31.68 10.92 27.63
CA ILE C 98 30.61 10.12 28.20
C ILE C 98 29.62 9.67 27.12
N ALA C 99 29.24 8.40 27.18
CA ALA C 99 28.31 7.80 26.25
C ALA C 99 27.18 7.13 27.03
N TYR C 100 25.94 7.40 26.67
CA TYR C 100 24.81 6.82 27.36
C TYR C 100 23.56 6.75 26.49
N ILE C 101 22.56 6.01 26.97
CA ILE C 101 21.31 5.89 26.26
C ILE C 101 20.45 6.93 26.95
N ARG C 102 19.76 7.74 26.18
CA ARG C 102 18.92 8.77 26.75
C ARG C 102 17.48 8.40 26.50
N ILE C 103 16.75 8.13 27.57
CA ILE C 103 15.35 7.78 27.45
C ILE C 103 14.49 8.93 27.92
N THR C 104 13.53 9.32 27.09
CA THR C 104 12.65 10.43 27.42
C THR C 104 11.19 9.99 27.50
N GLN C 105 10.56 10.31 28.61
CA GLN C 105 9.16 10.00 28.83
C GLN C 105 8.42 11.30 28.74
N TYR C 106 7.52 11.39 27.76
CA TYR C 106 6.74 12.60 27.54
C TYR C 106 5.29 12.24 27.24
N LEU C 107 4.43 13.25 27.28
CA LEU C 107 3.01 13.03 27.01
C LEU C 107 2.63 13.41 25.59
N ASP C 108 1.56 14.20 25.49
CA ASP C 108 1.00 14.68 24.24
C ASP C 108 0.77 13.49 23.31
N ALA C 109 0.60 13.77 22.02
CA ALA C 109 0.35 12.71 21.05
C ALA C 109 -0.88 11.98 21.60
N GLY C 110 -1.84 12.78 22.07
CA GLY C 110 -3.07 12.24 22.61
C GLY C 110 -3.07 12.04 24.12
N GLY C 111 -2.40 12.95 24.84
CA GLY C 111 -2.33 12.85 26.29
C GLY C 111 -1.88 11.49 26.81
N ILE C 112 -1.30 10.69 25.91
CA ILE C 112 -0.82 9.36 26.26
C ILE C 112 0.68 9.38 26.55
N PRO C 113 1.14 8.46 27.41
CA PRO C 113 2.54 8.30 27.80
C PRO C 113 3.32 7.56 26.72
N ARG C 114 4.43 8.15 26.26
CA ARG C 114 5.26 7.51 25.25
C ARG C 114 6.73 7.61 25.62
N THR C 115 7.54 6.74 25.03
CA THR C 115 8.96 6.70 25.32
C THR C 115 9.84 6.84 24.08
N ALA C 116 10.86 7.68 24.19
CA ALA C 116 11.78 7.89 23.08
C ALA C 116 13.20 7.51 23.51
N GLN C 117 13.97 6.94 22.60
CA GLN C 117 15.33 6.54 22.89
C GLN C 117 16.32 7.18 21.94
N SER C 118 17.50 7.50 22.44
CA SER C 118 18.55 8.07 21.60
C SER C 118 19.90 7.76 22.23
N GLU C 119 20.89 7.51 21.37
CA GLU C 119 22.23 7.24 21.82
C GLU C 119 22.98 8.56 21.80
N GLU C 120 23.65 8.89 22.91
CA GLU C 120 24.37 10.15 22.96
C GLU C 120 25.82 10.02 23.40
N THR C 121 26.65 10.84 22.79
CA THR C 121 28.06 10.92 23.12
C THR C 121 28.32 12.38 23.44
N ARG C 122 28.93 12.65 24.59
CA ARG C 122 29.25 14.03 24.96
C ARG C 122 30.75 14.11 25.21
N VAL C 123 31.43 15.06 24.58
CA VAL C 123 32.87 15.17 24.82
C VAL C 123 33.09 16.42 25.66
N TRP C 124 33.63 16.20 26.86
CA TRP C 124 33.89 17.27 27.83
C TRP C 124 35.34 17.74 27.94
N HIS C 125 35.47 19.06 28.08
CA HIS C 125 36.77 19.67 28.25
C HIS C 125 36.72 20.67 29.40
N ARG C 126 37.66 20.52 30.32
CA ARG C 126 37.77 21.38 31.51
C ARG C 126 38.47 22.70 31.15
N ARG C 127 37.75 23.80 31.29
CA ARG C 127 38.32 25.12 30.99
C ARG C 127 38.13 26.06 32.17
N ASP C 128 39.24 26.57 32.70
CA ASP C 128 39.21 27.50 33.82
C ASP C 128 38.27 27.06 34.95
N GLY C 129 38.37 25.79 35.34
CA GLY C 129 37.53 25.31 36.43
C GLY C 129 36.28 24.53 36.10
N LYS C 130 35.47 25.01 35.14
CA LYS C 130 34.25 24.29 34.80
C LYS C 130 34.33 23.47 33.51
N TRP C 131 33.58 22.38 33.50
CA TRP C 131 33.52 21.48 32.36
C TRP C 131 32.64 22.08 31.28
N GLN C 132 33.09 21.95 30.03
CA GLN C 132 32.32 22.45 28.90
C GLN C 132 32.26 21.42 27.77
N ILE C 133 31.13 21.38 27.08
CA ILE C 133 30.99 20.43 25.99
C ILE C 133 31.67 20.98 24.76
N VAL C 134 32.53 20.16 24.17
CA VAL C 134 33.27 20.57 23.01
C VAL C 134 32.69 19.95 21.74
N HIS C 135 31.96 18.84 21.91
CA HIS C 135 31.34 18.12 20.80
C HIS C 135 30.34 17.10 21.32
N PHE C 136 29.26 16.90 20.58
CA PHE C 136 28.29 15.90 20.97
C PHE C 136 27.66 15.28 19.75
N HIS C 137 27.30 14.01 19.89
CA HIS C 137 26.71 13.25 18.81
C HIS C 137 25.47 12.52 19.33
N ARG C 138 24.32 12.82 18.72
CA ARG C 138 23.05 12.18 19.11
C ARG C 138 22.46 11.37 17.96
N SER C 139 21.91 10.19 18.26
CA SER C 139 21.27 9.31 17.28
C SER C 139 19.88 8.98 17.80
N GLY C 140 18.86 9.20 16.97
CA GLY C 140 17.49 8.96 17.36
C GLY C 140 16.62 10.09 16.81
N ALA C 141 16.07 10.93 17.68
CA ALA C 141 15.25 12.07 17.23
C ALA C 141 14.56 12.89 18.33
N PRO C 142 15.19 12.98 19.53
CA PRO C 142 14.60 13.75 20.65
C PRO C 142 14.12 15.14 20.27
N SER C 143 14.98 16.13 20.48
CA SER C 143 14.70 17.52 20.17
C SER C 143 15.61 18.43 21.00
N VAL C 144 16.80 18.06 21.17
N ILE D 7 57.98 31.40 12.76
CA ILE D 7 56.76 31.78 13.53
C ILE D 7 55.97 30.54 13.96
N GLU D 8 55.32 30.61 15.12
CA GLU D 8 54.55 29.49 15.63
C GLU D 8 53.17 29.92 16.17
N ASP D 9 52.20 29.05 15.92
CA ASP D 9 50.80 29.24 16.31
C ASP D 9 50.08 28.30 15.35
N GLU D 10 50.91 27.60 14.58
CA GLU D 10 50.47 26.65 13.59
C GLU D 10 50.81 25.21 13.97
N ASP D 11 51.06 24.97 15.25
CA ASP D 11 51.34 23.59 15.65
C ASP D 11 49.99 22.91 15.82
N THR D 12 48.95 23.70 16.10
CA THR D 12 47.61 23.16 16.24
C THR D 12 47.24 22.67 14.86
N LYS D 13 47.82 23.32 13.85
CA LYS D 13 47.58 22.97 12.47
C LYS D 13 48.16 21.58 12.21
N VAL D 14 49.38 21.35 12.69
CA VAL D 14 50.02 20.05 12.48
C VAL D 14 49.45 18.98 13.42
N ARG D 15 48.99 19.41 14.59
CA ARG D 15 48.41 18.46 15.54
C ARG D 15 47.12 17.91 14.96
N LYS D 16 46.35 18.76 14.30
CA LYS D 16 45.10 18.35 13.69
C LYS D 16 45.37 17.43 12.52
N GLN D 17 46.42 17.72 11.76
CA GLN D 17 46.74 16.88 10.62
C GLN D 17 47.18 15.52 11.16
N GLU D 18 47.76 15.55 12.34
CA GLU D 18 48.20 14.34 13.01
C GLU D 18 46.97 13.45 13.25
N ILE D 19 45.93 14.06 13.81
CA ILE D 19 44.68 13.35 14.08
C ILE D 19 44.02 12.87 12.78
N ILE D 20 44.02 13.69 11.75
CA ILE D 20 43.42 13.29 10.47
C ILE D 20 44.16 12.09 9.89
N LYS D 21 45.46 12.02 10.11
CA LYS D 21 46.25 10.91 9.58
C LYS D 21 45.93 9.58 10.27
N VAL D 22 45.84 9.59 11.59
CA VAL D 22 45.51 8.36 12.31
C VAL D 22 44.09 7.91 11.98
N THR D 23 43.19 8.88 11.77
CA THR D 23 41.82 8.55 11.43
C THR D 23 41.80 7.88 10.05
N GLU D 24 42.60 8.41 9.12
CA GLU D 24 42.70 7.84 7.78
C GLU D 24 43.28 6.44 7.89
N GLN D 25 44.29 6.30 8.75
CA GLN D 25 44.94 5.00 8.95
C GLN D 25 43.94 4.01 9.52
N LEU D 26 43.18 4.44 10.52
CA LEU D 26 42.16 3.61 11.13
C LEU D 26 41.17 3.14 10.06
N ILE D 27 40.66 4.07 9.27
CA ILE D 27 39.70 3.74 8.22
C ILE D 27 40.28 2.77 7.21
N GLU D 28 41.56 2.91 6.88
CA GLU D 28 42.20 2.01 5.92
C GLU D 28 42.26 0.60 6.49
N ALA D 29 42.63 0.49 7.77
CA ALA D 29 42.70 -0.80 8.41
C ALA D 29 41.33 -1.45 8.35
N ILE D 30 40.29 -0.70 8.73
CA ILE D 30 38.93 -1.20 8.70
C ILE D 30 38.59 -1.64 7.28
N SER D 31 38.84 -0.76 6.32
CA SER D 31 38.55 -1.02 4.93
C SER D 31 39.27 -2.24 4.36
N ASN D 32 40.44 -2.57 4.90
CA ASN D 32 41.19 -3.72 4.41
C ASN D 32 40.99 -4.97 5.27
N GLY D 33 40.05 -4.90 6.22
CA GLY D 33 39.81 -6.04 7.07
C GLY D 33 41.01 -6.44 7.90
N ASP D 34 41.91 -5.50 8.15
CA ASP D 34 43.11 -5.75 8.93
C ASP D 34 42.84 -5.54 10.41
N PHE D 35 42.28 -6.56 11.07
CA PHE D 35 41.95 -6.48 12.49
C PHE D 35 43.15 -6.26 13.42
N GLU D 36 44.32 -6.76 13.05
CA GLU D 36 45.50 -6.58 13.89
C GLU D 36 45.84 -5.10 14.05
N SER D 37 45.97 -4.42 12.92
CA SER D 37 46.28 -2.99 12.94
C SER D 37 45.18 -2.25 13.69
N TYR D 38 43.94 -2.66 13.47
CA TYR D 38 42.79 -2.06 14.12
C TYR D 38 42.94 -2.09 15.64
N THR D 39 43.11 -3.28 16.20
CA THR D 39 43.23 -3.44 17.65
C THR D 39 44.39 -2.62 18.18
N LYS D 40 45.45 -2.56 17.39
CA LYS D 40 46.64 -1.80 17.74
C LYS D 40 46.26 -0.32 17.96
N MET D 41 45.27 0.14 17.19
CA MET D 41 44.82 1.52 17.27
C MET D 41 43.68 1.78 18.26
N CYS D 42 43.15 0.72 18.86
CA CYS D 42 42.04 0.89 19.80
C CYS D 42 42.43 0.60 21.23
N ASP D 43 41.88 1.39 22.16
CA ASP D 43 42.12 1.17 23.58
C ASP D 43 41.31 -0.08 23.95
N PRO D 44 41.86 -0.96 24.80
CA PRO D 44 41.16 -2.18 25.20
C PRO D 44 39.75 -1.93 25.74
N GLY D 45 39.58 -0.82 26.45
CA GLY D 45 38.28 -0.48 27.01
C GLY D 45 37.48 0.42 26.10
N MET D 46 37.73 0.31 24.80
CA MET D 46 37.05 1.10 23.79
C MET D 46 35.53 0.92 23.86
N THR D 47 34.82 2.02 23.70
CA THR D 47 33.37 2.03 23.76
C THR D 47 32.82 2.43 22.39
N ALA D 48 31.63 1.93 22.01
CA ALA D 48 31.08 2.30 20.69
C ALA D 48 29.56 2.26 20.51
N PHE D 49 29.10 3.15 19.65
CA PHE D 49 27.69 3.28 19.27
C PHE D 49 27.72 3.16 17.76
N GLU D 50 26.98 2.20 17.22
CA GLU D 50 26.94 2.02 15.77
C GLU D 50 25.70 1.24 15.37
N PRO D 51 25.22 1.43 14.14
CA PRO D 51 24.03 0.74 13.63
C PRO D 51 24.05 -0.77 13.90
N GLU D 52 25.20 -1.40 13.71
CA GLU D 52 25.32 -2.84 13.92
C GLU D 52 25.08 -3.28 15.37
N ALA D 53 25.16 -2.34 16.31
CA ALA D 53 24.96 -2.65 17.71
C ALA D 53 23.50 -2.44 18.17
N LEU D 54 22.61 -2.17 17.24
CA LEU D 54 21.19 -1.99 17.51
C LEU D 54 20.80 -1.11 18.69
N GLY D 55 21.39 0.07 18.79
CA GLY D 55 21.04 0.95 19.88
C GLY D 55 21.74 0.67 21.20
N ASN D 56 22.62 -0.31 21.23
CA ASN D 56 23.34 -0.64 22.47
C ASN D 56 24.76 -0.09 22.46
N LEU D 57 25.25 0.29 23.64
CA LEU D 57 26.63 0.77 23.76
C LEU D 57 27.49 -0.49 23.92
N VAL D 58 28.39 -0.73 22.98
CA VAL D 58 29.25 -1.90 23.02
C VAL D 58 30.65 -1.61 23.58
N GLU D 59 31.24 -2.57 24.27
CA GLU D 59 32.59 -2.43 24.85
C GLU D 59 33.59 -3.42 24.28
N GLY D 60 34.86 -3.02 24.27
CA GLY D 60 35.89 -3.89 23.74
C GLY D 60 35.90 -4.02 22.24
N LEU D 61 36.89 -4.75 21.73
CA LEU D 61 37.02 -4.95 20.30
C LEU D 61 36.39 -6.26 19.87
N ASP D 62 36.05 -7.07 20.86
CA ASP D 62 35.45 -8.37 20.61
C ASP D 62 34.25 -8.33 19.67
N PHE D 63 33.39 -7.33 19.86
CA PHE D 63 32.19 -7.18 19.04
C PHE D 63 32.50 -6.82 17.59
N HIS D 64 33.61 -6.14 17.36
CA HIS D 64 33.99 -5.72 16.02
C HIS D 64 34.71 -6.79 15.23
N ARG D 65 35.40 -7.66 15.95
CA ARG D 65 36.12 -8.76 15.31
C ARG D 65 35.20 -9.43 14.29
N PHE D 66 33.90 -9.44 14.59
CA PHE D 66 32.93 -10.08 13.71
C PHE D 66 32.86 -9.59 12.27
N TYR D 67 32.97 -8.28 12.06
CA TYR D 67 32.89 -7.74 10.71
C TYR D 67 34.22 -7.83 9.97
N PHE D 68 35.32 -7.89 10.72
CA PHE D 68 36.63 -8.01 10.11
C PHE D 68 36.84 -9.45 9.67
N GLU D 69 36.15 -10.39 10.33
CA GLU D 69 36.27 -11.82 10.03
C GLU D 69 35.22 -12.24 9.00
N ASN D 70 33.97 -12.29 9.44
CA ASN D 70 32.85 -12.70 8.61
C ASN D 70 32.41 -11.67 7.57
N LEU D 71 33.26 -10.69 7.31
CA LEU D 71 32.94 -9.68 6.32
C LEU D 71 34.22 -9.15 5.67
N TRP D 72 35.29 -9.93 5.78
CA TRP D 72 36.55 -9.55 5.15
C TRP D 72 36.50 -10.12 3.75
N SER D 73 35.36 -10.75 3.45
CA SER D 73 35.13 -11.36 2.15
C SER D 73 34.89 -10.31 1.08
N ARG D 74 35.73 -9.27 1.07
CA ARG D 74 35.62 -8.22 0.06
C ARG D 74 36.47 -8.60 -1.16
N ASN D 75 36.74 -9.90 -1.26
CA ASN D 75 37.52 -10.47 -2.36
C ASN D 75 36.65 -10.56 -3.62
N SER D 76 35.68 -9.66 -3.73
CA SER D 76 34.80 -9.65 -4.89
C SER D 76 34.28 -8.25 -5.20
N LYS D 77 34.76 -7.26 -4.46
CA LYS D 77 34.34 -5.87 -4.66
C LYS D 77 35.25 -4.85 -3.99
N PRO D 78 35.63 -3.79 -4.73
CA PRO D 78 36.50 -2.70 -4.25
C PRO D 78 35.71 -1.64 -3.46
N VAL D 79 36.38 -0.99 -2.51
CA VAL D 79 35.74 0.03 -1.69
C VAL D 79 36.51 1.35 -1.64
N HIS D 80 35.78 2.47 -1.71
CA HIS D 80 36.40 3.79 -1.62
C HIS D 80 35.71 4.59 -0.52
N THR D 81 36.51 5.19 0.35
CA THR D 81 35.98 5.98 1.44
C THR D 81 36.40 7.45 1.34
N THR D 82 35.48 8.32 1.72
CA THR D 82 35.74 9.74 1.68
C THR D 82 35.37 10.31 3.03
N ILE D 83 36.22 11.17 3.56
CA ILE D 83 35.98 11.81 4.83
C ILE D 83 35.61 13.23 4.49
N LEU D 84 34.38 13.64 4.78
CA LEU D 84 33.93 14.99 4.45
C LEU D 84 33.74 15.91 5.64
N ASN D 85 34.02 17.19 5.39
CA ASN D 85 33.85 18.23 6.37
C ASN D 85 34.38 17.88 7.76
N PRO D 86 35.62 17.41 7.85
CA PRO D 86 36.24 17.04 9.12
C PRO D 86 36.36 18.22 10.08
N HIS D 87 36.26 17.95 11.37
CA HIS D 87 36.39 18.97 12.40
C HIS D 87 37.09 18.34 13.58
N ILE D 88 38.27 18.86 13.92
CA ILE D 88 39.02 18.34 15.05
C ILE D 88 38.96 19.31 16.20
N HIS D 89 38.95 18.77 17.40
CA HIS D 89 38.93 19.54 18.63
C HIS D 89 40.13 19.01 19.41
N LEU D 90 41.10 19.87 19.69
CA LEU D 90 42.28 19.45 20.44
C LEU D 90 41.99 19.75 21.90
N MET D 91 42.37 18.81 22.77
CA MET D 91 42.15 18.97 24.21
C MET D 91 43.39 18.42 24.93
N GLY D 92 44.36 19.29 25.16
CA GLY D 92 45.58 18.84 25.80
C GLY D 92 46.43 18.21 24.71
N ASP D 93 47.62 17.74 25.06
CA ASP D 93 48.50 17.13 24.08
C ASP D 93 48.25 15.64 23.90
N GLU D 94 47.45 15.05 24.79
CA GLU D 94 47.16 13.62 24.72
C GLU D 94 45.70 13.29 24.40
N SER D 95 44.90 14.32 24.11
CA SER D 95 43.49 14.12 23.84
C SER D 95 42.91 14.90 22.66
N ALA D 96 42.30 14.18 21.73
CA ALA D 96 41.70 14.81 20.54
C ALA D 96 40.32 14.22 20.23
N CYS D 97 39.53 14.98 19.47
CA CYS D 97 38.20 14.58 19.09
C CYS D 97 37.93 14.96 17.64
N ILE D 98 37.55 13.99 16.82
CA ILE D 98 37.28 14.31 15.42
C ILE D 98 35.89 13.86 15.00
N ALA D 99 35.20 14.72 14.27
CA ALA D 99 33.84 14.43 13.78
C ALA D 99 33.82 14.68 12.28
N TYR D 100 33.27 13.73 11.53
CA TYR D 100 33.22 13.87 10.08
C TYR D 100 32.08 13.06 9.47
N ILE D 101 31.81 13.30 8.19
CA ILE D 101 30.79 12.56 7.48
C ILE D 101 31.60 11.51 6.76
N ARG D 102 31.19 10.26 6.85
CA ARG D 102 31.90 9.18 6.19
C ARG D 102 31.07 8.68 5.02
N ILE D 103 31.60 8.85 3.82
CA ILE D 103 30.90 8.41 2.64
C ILE D 103 31.60 7.22 2.05
N THR D 104 30.83 6.18 1.80
CA THR D 104 31.37 4.95 1.27
C THR D 104 30.79 4.60 -0.10
N GLN D 105 31.68 4.38 -1.06
CA GLN D 105 31.27 4.00 -2.40
C GLN D 105 31.63 2.53 -2.56
N TYR D 106 30.61 1.72 -2.78
CA TYR D 106 30.80 0.28 -2.93
C TYR D 106 29.94 -0.24 -4.07
N LEU D 107 30.21 -1.47 -4.49
CA LEU D 107 29.46 -2.08 -5.58
C LEU D 107 28.34 -3.00 -5.12
N ASP D 108 28.22 -4.13 -5.81
CA ASP D 108 27.19 -5.11 -5.54
C ASP D 108 25.84 -4.41 -5.64
N ALA D 109 24.88 -4.88 -4.83
CA ALA D 109 23.53 -4.31 -4.84
C ALA D 109 23.09 -4.28 -6.31
N GLY D 110 23.67 -5.20 -7.09
CA GLY D 110 23.37 -5.28 -8.51
C GLY D 110 24.63 -4.97 -9.30
N GLY D 111 25.78 -5.10 -8.64
CA GLY D 111 27.05 -4.80 -9.29
C GLY D 111 27.10 -3.35 -9.71
N ILE D 112 26.11 -2.58 -9.25
CA ILE D 112 25.99 -1.15 -9.58
C ILE D 112 26.66 -0.24 -8.53
N PRO D 113 27.14 0.93 -8.97
CA PRO D 113 27.79 1.88 -8.08
C PRO D 113 26.77 2.54 -7.15
N ARG D 114 27.00 2.44 -5.85
CA ARG D 114 26.10 3.06 -4.87
C ARG D 114 26.89 3.81 -3.79
N THR D 115 26.23 4.76 -3.15
CA THR D 115 26.87 5.57 -2.13
C THR D 115 26.16 5.53 -0.80
N ALA D 116 26.95 5.38 0.26
CA ALA D 116 26.42 5.33 1.61
C ALA D 116 27.02 6.45 2.45
N GLN D 117 26.21 7.02 3.34
CA GLN D 117 26.65 8.10 4.20
C GLN D 117 26.47 7.78 5.68
N SER D 118 27.38 8.27 6.51
CA SER D 118 27.27 8.05 7.94
C SER D 118 28.04 9.15 8.66
N GLU D 119 27.50 9.59 9.79
CA GLU D 119 28.15 10.59 10.59
C GLU D 119 28.99 9.87 11.62
N GLU D 120 30.26 10.23 11.75
CA GLU D 120 31.11 9.56 12.72
C GLU D 120 31.86 10.50 13.65
N THR D 121 31.98 10.07 14.89
CA THR D 121 32.71 10.78 15.91
C THR D 121 33.74 9.79 16.44
N ARG D 122 35.00 10.19 16.50
CA ARG D 122 36.06 9.34 17.00
C ARG D 122 36.76 10.08 18.12
N VAL D 123 36.88 9.46 19.30
CA VAL D 123 37.56 10.12 20.40
C VAL D 123 38.92 9.47 20.58
N TRP D 124 39.98 10.27 20.38
CA TRP D 124 41.35 9.80 20.47
C TRP D 124 42.09 10.14 21.76
N HIS D 125 42.89 9.18 22.22
CA HIS D 125 43.70 9.36 23.41
C HIS D 125 45.11 8.84 23.14
N ARG D 126 46.10 9.70 23.42
CA ARG D 126 47.51 9.39 23.22
C ARG D 126 48.04 8.55 24.37
N ARG D 127 48.47 7.33 24.08
CA ARG D 127 49.02 6.44 25.10
C ARG D 127 50.38 5.93 24.68
N ASP D 128 51.39 6.20 25.50
CA ASP D 128 52.75 5.76 25.24
C ASP D 128 53.21 6.00 23.80
N GLY D 129 52.96 7.21 23.29
CA GLY D 129 53.38 7.51 21.93
C GLY D 129 52.35 7.43 20.82
N LYS D 130 51.56 6.36 20.76
CA LYS D 130 50.56 6.26 19.69
C LYS D 130 49.14 6.59 20.11
N TRP D 131 48.39 7.13 19.14
CA TRP D 131 47.00 7.50 19.36
C TRP D 131 46.12 6.26 19.33
N GLN D 132 45.16 6.21 20.25
CA GLN D 132 44.23 5.09 20.31
C GLN D 132 42.80 5.58 20.46
N ILE D 133 41.87 4.86 19.85
CA ILE D 133 40.47 5.24 19.96
C ILE D 133 39.92 4.76 21.29
N VAL D 134 39.30 5.68 22.01
CA VAL D 134 38.76 5.35 23.31
C VAL D 134 37.23 5.21 23.22
N HIS D 135 36.64 5.84 22.20
CA HIS D 135 35.20 5.79 21.97
C HIS D 135 34.85 6.27 20.57
N PHE D 136 33.80 5.71 20.00
CA PHE D 136 33.37 6.18 18.70
C PHE D 136 31.88 6.03 18.57
N HIS D 137 31.28 6.92 17.80
CA HIS D 137 29.84 6.94 17.60
C HIS D 137 29.52 7.06 16.10
N ARG D 138 28.87 6.06 15.55
CA ARG D 138 28.52 6.09 14.13
C ARG D 138 27.02 6.18 13.97
N SER D 139 26.58 7.13 13.16
CA SER D 139 25.17 7.39 12.93
C SER D 139 24.87 7.12 11.44
N GLY D 140 23.65 6.70 11.12
CA GLY D 140 23.34 6.41 9.73
C GLY D 140 23.37 4.90 9.53
N ALA D 141 24.49 4.35 9.05
CA ALA D 141 24.58 2.89 8.86
C ALA D 141 25.89 2.33 8.26
N PRO D 142 26.22 2.74 7.01
CA PRO D 142 27.40 2.36 6.20
C PRO D 142 28.57 1.62 6.85
N SER D 143 29.33 0.89 6.02
CA SER D 143 30.51 0.14 6.47
C SER D 143 30.99 -0.88 5.43
N VAL D 144 30.14 -1.59 4.84
N GLY E 1 56.18 40.15 5.20
CA GLY E 1 56.64 40.00 6.62
C GLY E 1 57.59 38.83 6.79
N PRO E 2 57.85 38.40 8.03
CA PRO E 2 58.75 37.27 8.30
C PRO E 2 58.22 35.96 7.73
N HIS E 3 59.10 34.98 7.55
CA HIS E 3 58.72 33.67 7.01
C HIS E 3 58.36 33.79 5.52
N MET E 4 59.33 34.21 4.71
CA MET E 4 59.14 34.39 3.27
C MET E 4 58.99 33.07 2.52
N THR E 5 59.52 32.00 3.10
CA THR E 5 59.46 30.68 2.49
C THR E 5 58.05 30.08 2.60
N THR E 6 57.07 30.77 2.02
CA THR E 6 55.68 30.33 2.04
C THR E 6 54.78 31.49 1.61
N ILE E 7 53.59 31.17 1.11
CA ILE E 7 52.65 32.20 0.68
C ILE E 7 52.07 32.93 1.89
N GLU E 8 52.70 34.05 2.25
CA GLU E 8 52.27 34.85 3.40
C GLU E 8 51.06 35.68 2.96
N ASP E 9 50.49 35.30 1.82
CA ASP E 9 49.34 36.00 1.26
C ASP E 9 48.03 35.39 1.75
N GLU E 10 47.43 36.02 2.75
CA GLU E 10 46.16 35.53 3.28
C GLU E 10 45.01 36.51 3.08
N ASP E 11 45.12 37.26 1.98
CA ASP E 11 44.10 38.21 1.57
C ASP E 11 42.98 37.34 0.97
N THR E 12 43.33 36.11 0.59
CA THR E 12 42.36 35.18 0.04
C THR E 12 41.41 34.87 1.17
N LYS E 13 41.95 34.95 2.38
CA LYS E 13 41.18 34.72 3.59
C LYS E 13 40.13 35.82 3.74
N VAL E 14 40.55 37.07 3.54
CA VAL E 14 39.61 38.19 3.66
C VAL E 14 38.70 38.29 2.44
N ARG E 15 39.18 37.85 1.29
CA ARG E 15 38.38 37.88 0.07
C ARG E 15 37.20 36.92 0.20
N LYS E 16 37.48 35.75 0.79
CA LYS E 16 36.45 34.76 1.00
C LYS E 16 35.45 35.24 2.04
N GLN E 17 35.93 35.93 3.07
CA GLN E 17 35.03 36.44 4.09
C GLN E 17 34.15 37.49 3.43
N GLU E 18 34.71 38.18 2.44
CA GLU E 18 34.01 39.22 1.70
C GLU E 18 32.80 38.55 1.03
N ILE E 19 33.06 37.43 0.36
CA ILE E 19 32.01 36.69 -0.33
C ILE E 19 30.99 36.14 0.67
N ILE E 20 31.45 35.63 1.81
CA ILE E 20 30.52 35.11 2.81
C ILE E 20 29.61 36.21 3.32
N LYS E 21 30.13 37.43 3.43
CA LYS E 21 29.33 38.55 3.92
C LYS E 21 28.21 38.95 2.96
N VAL E 22 28.52 39.05 1.67
CA VAL E 22 27.50 39.42 0.70
C VAL E 22 26.45 38.32 0.59
N THR E 23 26.88 37.08 0.75
CA THR E 23 25.94 35.97 0.69
C THR E 23 24.99 36.07 1.87
N GLU E 24 25.54 36.39 3.04
CA GLU E 24 24.73 36.55 4.25
C GLU E 24 23.76 37.71 4.05
N GLN E 25 24.27 38.77 3.43
CA GLN E 25 23.45 39.94 3.18
C GLN E 25 22.32 39.58 2.24
N LEU E 26 22.66 38.85 1.19
CA LEU E 26 21.67 38.43 0.20
C LEU E 26 20.56 37.63 0.89
N ILE E 27 20.97 36.64 1.69
CA ILE E 27 20.03 35.80 2.40
C ILE E 27 19.14 36.61 3.33
N GLU E 28 19.71 37.63 3.98
CA GLU E 28 18.92 38.46 4.90
C GLU E 28 17.87 39.23 4.12
N ALA E 29 18.25 39.78 2.98
CA ALA E 29 17.32 40.52 2.16
C ALA E 29 16.17 39.58 1.75
N ILE E 30 16.53 38.38 1.32
CA ILE E 30 15.52 37.40 0.92
C ILE E 30 14.62 37.09 2.11
N SER E 31 15.25 36.80 3.24
CA SER E 31 14.55 36.47 4.46
C SER E 31 13.62 37.56 4.97
N ASN E 32 13.94 38.82 4.66
CA ASN E 32 13.10 39.93 5.10
C ASN E 32 12.16 40.42 4.02
N GLY E 33 12.08 39.68 2.91
CA GLY E 33 11.21 40.10 1.82
C GLY E 33 11.56 41.47 1.25
N ASP E 34 12.82 41.88 1.39
CA ASP E 34 13.28 43.16 0.89
C ASP E 34 13.75 43.05 -0.57
N PHE E 35 12.80 43.09 -1.49
CA PHE E 35 13.10 42.97 -2.91
C PHE E 35 14.02 44.05 -3.49
N GLU E 36 13.95 45.26 -2.94
CA GLU E 36 14.81 46.34 -3.44
C GLU E 36 16.28 46.00 -3.24
N SER E 37 16.64 45.62 -2.01
CA SER E 37 18.02 45.27 -1.71
C SER E 37 18.42 44.07 -2.55
N TYR E 38 17.48 43.14 -2.72
CA TYR E 38 17.74 41.95 -3.49
C TYR E 38 18.17 42.31 -4.92
N THR E 39 17.33 43.06 -5.62
CA THR E 39 17.63 43.45 -7.00
C THR E 39 18.96 44.19 -7.09
N LYS E 40 19.24 44.97 -6.07
CA LYS E 40 20.48 45.74 -6.00
C LYS E 40 21.66 44.77 -6.03
N MET E 41 21.46 43.57 -5.47
CA MET E 41 22.51 42.55 -5.41
C MET E 41 22.53 41.57 -6.57
N CYS E 42 21.55 41.67 -7.46
CA CYS E 42 21.49 40.75 -8.59
C CYS E 42 21.77 41.42 -9.92
N ASP E 43 22.47 40.72 -10.81
CA ASP E 43 22.76 41.24 -12.13
C ASP E 43 21.44 41.12 -12.89
N PRO E 44 21.11 42.12 -13.71
CA PRO E 44 19.86 42.08 -14.47
C PRO E 44 19.65 40.80 -15.29
N GLY E 45 20.74 40.25 -15.80
CA GLY E 45 20.66 39.04 -16.60
C GLY E 45 20.90 37.79 -15.79
N MET E 46 20.54 37.87 -14.51
CA MET E 46 20.70 36.78 -13.57
C MET E 46 19.95 35.54 -14.01
N THR E 47 20.60 34.41 -13.85
CA THR E 47 20.04 33.13 -14.24
C THR E 47 19.81 32.27 -12.98
N ALA E 48 18.80 31.40 -12.99
CA ALA E 48 18.54 30.57 -11.79
C ALA E 48 17.84 29.22 -11.99
N PHE E 49 18.23 28.28 -11.13
CA PHE E 49 17.67 26.94 -11.08
C PHE E 49 17.17 26.82 -9.64
N GLU E 50 15.90 26.48 -9.48
CA GLU E 50 15.35 26.34 -8.13
C GLU E 50 14.05 25.55 -8.18
N PRO E 51 13.71 24.86 -7.10
CA PRO E 51 12.48 24.06 -7.02
C PRO E 51 11.25 24.78 -7.53
N GLU E 52 11.11 26.05 -7.17
CA GLU E 52 9.94 26.82 -7.60
C GLU E 52 9.84 27.00 -9.11
N ALA E 53 10.95 26.79 -9.83
CA ALA E 53 10.96 26.95 -11.28
C ALA E 53 10.68 25.63 -12.04
N LEU E 54 10.31 24.59 -11.30
CA LEU E 54 9.96 23.28 -11.85
C LEU E 54 10.89 22.70 -12.92
N GLY E 55 12.19 22.73 -12.67
CA GLY E 55 13.10 22.18 -13.65
C GLY E 55 13.49 23.12 -14.80
N ASN E 56 12.97 24.33 -14.80
CA ASN E 56 13.30 25.28 -15.85
C ASN E 56 14.37 26.29 -15.41
N LEU E 57 15.19 26.73 -16.36
CA LEU E 57 16.20 27.74 -16.06
C LEU E 57 15.49 29.08 -16.25
N VAL E 58 15.39 29.86 -15.19
CA VAL E 58 14.72 31.15 -15.23
C VAL E 58 15.70 32.32 -15.36
N GLU E 59 15.26 33.38 -16.05
CA GLU E 59 16.09 34.59 -16.26
C GLU E 59 15.47 35.82 -15.63
N GLY E 60 16.32 36.77 -15.26
CA GLY E 60 15.85 38.00 -14.66
C GLY E 60 15.35 37.86 -13.24
N LEU E 61 14.95 38.98 -12.64
CA LEU E 61 14.47 38.99 -11.28
C LEU E 61 12.97 38.96 -11.26
N ASP E 62 12.38 39.16 -12.42
CA ASP E 62 10.94 39.18 -12.55
C ASP E 62 10.24 37.99 -11.92
N PHE E 63 10.81 36.81 -12.12
CA PHE E 63 10.24 35.55 -11.60
C PHE E 63 10.29 35.45 -10.09
N HIS E 64 11.29 36.08 -9.48
CA HIS E 64 11.46 36.04 -8.04
C HIS E 64 10.60 37.07 -7.34
N ARG E 65 10.32 38.15 -8.06
CA ARG E 65 9.51 39.24 -7.56
C ARG E 65 8.20 38.68 -7.02
N PHE E 66 7.62 37.71 -7.73
CA PHE E 66 6.37 37.12 -7.29
C PHE E 66 6.39 36.80 -5.79
N TYR E 67 7.34 35.95 -5.39
CA TYR E 67 7.45 35.54 -3.99
C TYR E 67 7.76 36.68 -3.02
N PHE E 68 8.24 37.80 -3.57
CA PHE E 68 8.57 38.97 -2.77
C PHE E 68 7.39 39.95 -2.68
N GLU E 69 6.28 39.62 -3.35
CA GLU E 69 5.10 40.48 -3.34
C GLU E 69 3.94 39.83 -2.65
N ASN E 70 3.83 38.50 -2.77
CA ASN E 70 2.75 37.75 -2.16
C ASN E 70 3.22 37.07 -0.89
N LEU E 71 4.10 36.08 -1.05
CA LEU E 71 4.65 35.36 0.09
C LEU E 71 5.41 36.35 0.97
N TRP E 72 5.47 37.59 0.48
CA TRP E 72 6.12 38.70 1.19
C TRP E 72 5.59 38.71 2.62
N SER E 73 4.40 38.15 2.80
CA SER E 73 3.77 38.05 4.11
C SER E 73 4.64 37.11 4.93
N ARG E 74 5.90 37.01 4.50
CA ARG E 74 6.92 36.17 5.13
C ARG E 74 6.87 36.34 6.66
N ASN E 75 6.68 37.57 7.10
CA ASN E 75 6.60 37.89 8.53
C ASN E 75 5.39 37.29 9.24
N SER E 76 5.44 35.99 9.50
CA SER E 76 4.35 35.28 10.18
C SER E 76 4.93 34.27 11.17
N LYS E 77 6.25 34.20 11.22
CA LYS E 77 6.93 33.27 12.12
C LYS E 77 8.46 33.45 12.04
N PRO E 78 9.19 33.05 13.10
CA PRO E 78 10.65 33.15 13.18
C PRO E 78 11.35 32.26 12.16
N VAL E 79 12.43 32.76 11.56
CA VAL E 79 13.17 32.00 10.56
C VAL E 79 14.68 32.24 10.64
N HIS E 80 15.36 31.32 11.30
CA HIS E 80 16.80 31.39 11.46
C HIS E 80 17.49 30.60 10.36
N THR E 81 18.54 31.19 9.78
CA THR E 81 19.27 30.52 8.71
C THR E 81 20.71 30.25 9.09
N THR E 82 21.22 29.11 8.66
CA THR E 82 22.58 28.74 8.95
C THR E 82 23.23 28.35 7.64
N ILE E 83 24.46 28.81 7.44
CA ILE E 83 25.20 28.49 6.23
C ILE E 83 26.27 27.51 6.68
N LEU E 84 26.18 26.27 6.22
CA LEU E 84 27.15 25.24 6.60
C LEU E 84 28.15 24.84 5.56
N ASN E 85 29.33 24.50 6.03
CA ASN E 85 30.41 24.03 5.18
C ASN E 85 30.62 24.86 3.90
N PRO E 86 30.70 26.20 4.03
CA PRO E 86 30.91 27.09 2.88
C PRO E 86 32.22 26.82 2.16
N HIS E 87 32.22 27.03 0.86
CA HIS E 87 33.42 26.84 0.05
C HIS E 87 33.40 27.91 -1.01
N ILE E 88 34.42 28.77 -1.01
CA ILE E 88 34.50 29.83 -2.00
C ILE E 88 35.61 29.52 -2.98
N HIS E 89 35.37 29.92 -4.23
CA HIS E 89 36.34 29.77 -5.31
C HIS E 89 36.50 31.17 -5.86
N LEU E 90 37.71 31.71 -5.77
CA LEU E 90 37.99 33.03 -6.30
C LEU E 90 38.48 32.89 -7.73
N MET E 91 37.96 33.73 -8.62
CA MET E 91 38.33 33.68 -10.03
C MET E 91 38.50 35.11 -10.51
N GLY E 92 39.72 35.63 -10.39
CA GLY E 92 39.94 37.01 -10.80
C GLY E 92 39.47 37.88 -9.66
N ASP E 93 39.61 39.20 -9.80
CA ASP E 93 39.20 40.11 -8.75
C ASP E 93 37.73 40.49 -8.84
N GLU E 94 37.09 40.16 -9.96
CA GLU E 94 35.69 40.51 -10.16
C GLU E 94 34.76 39.31 -10.23
N SER E 95 35.29 38.12 -9.98
CA SER E 95 34.49 36.91 -10.07
C SER E 95 34.69 35.88 -8.95
N ALA E 96 33.60 35.51 -8.29
CA ALA E 96 33.65 34.54 -7.20
C ALA E 96 32.51 33.53 -7.28
N CYS E 97 32.71 32.39 -6.62
CA CYS E 97 31.74 31.32 -6.60
C CYS E 97 31.65 30.71 -5.20
N ILE E 98 30.46 30.67 -4.64
CA ILE E 98 30.31 30.10 -3.32
C ILE E 98 29.26 28.98 -3.28
N ALA E 99 29.59 27.89 -2.62
CA ALA E 99 28.69 26.75 -2.50
C ALA E 99 28.55 26.39 -1.03
N TYR E 100 27.32 26.21 -0.56
CA TYR E 100 27.10 25.89 0.84
C TYR E 100 25.77 25.18 1.06
N ILE E 101 25.61 24.59 2.25
CA ILE E 101 24.39 23.92 2.62
C ILE E 101 23.62 24.99 3.37
N ARG E 102 22.35 25.18 3.00
CA ARG E 102 21.54 26.19 3.64
C ARG E 102 20.51 25.52 4.52
N ILE E 103 20.62 25.73 5.83
CA ILE E 103 19.69 25.13 6.77
C ILE E 103 18.77 26.20 7.33
N THR E 104 17.48 25.94 7.26
CA THR E 104 16.49 26.88 7.73
C THR E 104 15.65 26.30 8.85
N GLN E 105 15.59 27.03 9.95
CA GLN E 105 14.79 26.63 11.10
C GLN E 105 13.59 27.56 11.11
N TYR E 106 12.40 26.98 10.97
CA TYR E 106 11.17 27.74 10.96
C TYR E 106 10.10 27.04 11.80
N LEU E 107 9.02 27.75 12.09
CA LEU E 107 7.93 27.17 12.89
C LEU E 107 6.79 26.78 11.96
N ASP E 108 5.65 27.43 12.15
CA ASP E 108 4.43 27.22 11.36
C ASP E 108 4.14 25.74 11.04
N ALA E 109 3.19 25.53 10.14
CA ALA E 109 2.77 24.20 9.73
C ALA E 109 2.65 23.37 11.01
N GLY E 110 1.47 23.45 11.64
CA GLY E 110 1.23 22.71 12.87
C GLY E 110 1.86 23.40 14.07
N GLY E 111 2.53 24.52 13.82
CA GLY E 111 3.18 25.26 14.90
C GLY E 111 4.22 24.44 15.64
N ILE E 112 5.21 23.93 14.90
CA ILE E 112 6.27 23.13 15.49
C ILE E 112 7.65 23.44 14.90
N PRO E 113 8.71 23.41 15.73
CA PRO E 113 10.03 23.71 15.16
C PRO E 113 10.40 22.65 14.12
N ARG E 114 10.73 23.09 12.92
CA ARG E 114 11.13 22.16 11.87
C ARG E 114 12.38 22.68 11.15
N THR E 115 13.08 21.76 10.49
CA THR E 115 14.30 22.12 9.79
C THR E 115 14.29 21.71 8.33
N ALA E 116 14.72 22.63 7.47
CA ALA E 116 14.78 22.39 6.04
C ALA E 116 16.21 22.53 5.54
N GLN E 117 16.59 21.70 4.58
CA GLN E 117 17.94 21.75 4.02
C GLN E 117 17.91 21.94 2.52
N SER E 118 18.90 22.67 2.01
CA SER E 118 19.00 22.87 0.58
C SER E 118 20.46 23.17 0.23
N GLU E 119 20.89 22.66 -0.92
CA GLU E 119 22.25 22.88 -1.38
C GLU E 119 22.18 24.11 -2.29
N GLU E 120 23.07 25.07 -2.06
CA GLU E 120 23.04 26.27 -2.90
C GLU E 120 24.39 26.65 -3.50
N THR E 121 24.32 27.12 -4.74
CA THR E 121 25.50 27.59 -5.44
C THR E 121 25.18 29.02 -5.84
N ARG E 122 26.07 29.95 -5.54
CA ARG E 122 25.87 31.35 -5.91
C ARG E 122 27.08 31.81 -6.73
N VAL E 123 26.85 32.36 -7.91
CA VAL E 123 27.97 32.83 -8.69
C VAL E 123 28.00 34.35 -8.64
N TRP E 124 29.11 34.88 -8.11
CA TRP E 124 29.27 36.31 -7.93
C TRP E 124 30.17 37.01 -8.93
N HIS E 125 29.74 38.19 -9.34
CA HIS E 125 30.52 39.01 -10.26
C HIS E 125 30.60 40.44 -9.75
N ARG E 126 31.82 40.97 -9.66
CA ARG E 126 32.07 42.32 -9.18
C ARG E 126 31.83 43.35 -10.28
N ARG E 127 30.85 44.22 -10.07
CA ARG E 127 30.53 45.26 -11.04
C ARG E 127 30.54 46.63 -10.39
N ASP E 128 31.39 47.51 -10.90
CA ASP E 128 31.49 48.87 -10.39
C ASP E 128 31.56 48.94 -8.87
N GLY E 129 32.40 48.10 -8.28
CA GLY E 129 32.53 48.13 -6.83
C GLY E 129 31.80 47.10 -6.01
N LYS E 130 30.51 46.88 -6.27
CA LYS E 130 29.75 45.90 -5.50
C LYS E 130 29.55 44.56 -6.20
N TRP E 131 29.50 43.51 -5.38
CA TRP E 131 29.29 42.16 -5.86
C TRP E 131 27.84 41.94 -6.21
N GLN E 132 27.61 41.26 -7.33
CA GLN E 132 26.26 40.94 -7.78
C GLN E 132 26.13 39.49 -8.18
N ILE E 133 24.97 38.90 -7.91
CA ILE E 133 24.77 37.51 -8.30
C ILE E 133 24.43 37.44 -9.77
N VAL E 134 25.15 36.58 -10.48
CA VAL E 134 24.94 36.43 -11.90
C VAL E 134 24.16 35.14 -12.20
N HIS E 135 24.23 34.20 -11.28
CA HIS E 135 23.55 32.91 -11.41
C HIS E 135 23.52 32.17 -10.07
N PHE E 136 22.44 31.44 -9.83
CA PHE E 136 22.38 30.65 -8.63
C PHE E 136 21.60 29.37 -8.88
N HIS E 137 21.96 28.34 -8.14
CA HIS E 137 21.35 27.04 -8.28
C HIS E 137 20.99 26.50 -6.89
N ARG E 138 19.70 26.27 -6.67
CA ARG E 138 19.24 25.75 -5.38
C ARG E 138 18.68 24.35 -5.54
N SER E 139 19.11 23.47 -4.65
CA SER E 139 18.68 22.08 -4.65
C SER E 139 18.02 21.65 -3.35
N GLY E 140 16.89 20.96 -3.47
CA GLY E 140 16.15 20.48 -2.32
C GLY E 140 14.65 20.59 -2.52
N ALA E 141 14.05 21.59 -1.88
CA ALA E 141 12.62 21.83 -1.98
C ALA E 141 12.26 23.16 -1.32
N PRO E 142 13.03 23.56 -0.31
CA PRO E 142 12.72 24.83 0.36
C PRO E 142 13.09 26.04 -0.53
N SER E 143 12.63 27.23 -0.14
CA SER E 143 12.90 28.46 -0.88
C SER E 143 14.13 29.21 -0.33
N VAL E 144 14.49 30.27 -0.89
N THR F 6 27.03 49.89 -35.94
CA THR F 6 28.05 49.71 -34.87
C THR F 6 27.95 48.34 -34.22
N ILE F 7 28.11 47.29 -35.02
CA ILE F 7 28.02 45.90 -34.55
C ILE F 7 29.23 45.54 -33.69
N GLU F 8 29.34 46.15 -32.51
CA GLU F 8 30.48 45.89 -31.63
C GLU F 8 30.20 44.89 -30.52
N ASP F 9 31.22 44.08 -30.24
CA ASP F 9 31.20 43.05 -29.20
C ASP F 9 30.41 41.82 -29.62
N GLU F 10 31.05 41.01 -30.46
CA GLU F 10 30.47 39.77 -30.93
C GLU F 10 31.45 38.66 -30.58
N ASP F 11 32.58 39.04 -29.97
CA ASP F 11 33.58 38.08 -29.52
C ASP F 11 32.98 37.37 -28.29
N THR F 12 32.00 38.04 -27.67
CA THR F 12 31.32 37.45 -26.52
C THR F 12 30.58 36.26 -27.07
N LYS F 13 30.21 36.37 -28.35
CA LYS F 13 29.49 35.31 -29.05
C LYS F 13 30.40 34.10 -29.19
N VAL F 14 31.66 34.34 -29.57
CA VAL F 14 32.60 33.24 -29.73
C VAL F 14 33.13 32.74 -28.40
N ARG F 15 33.19 33.63 -27.41
CA ARG F 15 33.65 33.24 -26.09
C ARG F 15 32.65 32.27 -25.47
N LYS F 16 31.36 32.55 -25.68
CA LYS F 16 30.31 31.69 -25.15
C LYS F 16 30.32 30.34 -25.85
N GLN F 17 30.58 30.35 -27.16
CA GLN F 17 30.62 29.11 -27.91
C GLN F 17 31.81 28.31 -27.40
N GLU F 18 32.84 29.03 -26.97
CA GLU F 18 34.05 28.43 -26.42
C GLU F 18 33.64 27.64 -25.18
N ILE F 19 32.86 28.26 -24.31
CA ILE F 19 32.40 27.62 -23.09
C ILE F 19 31.48 26.45 -23.40
N ILE F 20 30.60 26.62 -24.39
CA ILE F 20 29.70 25.54 -24.75
C ILE F 20 30.47 24.32 -25.26
N LYS F 21 31.57 24.56 -25.94
CA LYS F 21 32.38 23.48 -26.47
C LYS F 21 33.07 22.67 -25.38
N VAL F 22 33.66 23.35 -24.40
CA VAL F 22 34.33 22.64 -23.32
C VAL F 22 33.31 21.87 -22.48
N THR F 23 32.12 22.43 -22.33
CA THR F 23 31.07 21.76 -21.57
C THR F 23 30.67 20.49 -22.29
N GLU F 24 30.56 20.57 -23.61
CA GLU F 24 30.22 19.42 -24.44
C GLU F 24 31.32 18.39 -24.31
N GLN F 25 32.56 18.87 -24.34
CA GLN F 25 33.70 17.98 -24.22
C GLN F 25 33.69 17.28 -22.87
N LEU F 26 33.41 18.04 -21.81
CA LEU F 26 33.35 17.51 -20.46
C LEU F 26 32.29 16.41 -20.37
N ILE F 27 31.10 16.70 -20.88
CA ILE F 27 30.02 15.73 -20.87
C ILE F 27 30.38 14.48 -21.66
N GLU F 28 31.07 14.63 -22.79
CA GLU F 28 31.46 13.47 -23.58
C GLU F 28 32.42 12.60 -22.78
N ALA F 29 33.37 13.22 -22.10
CA ALA F 29 34.34 12.49 -21.31
C ALA F 29 33.60 11.71 -20.25
N ILE F 30 32.67 12.37 -19.58
CA ILE F 30 31.88 11.72 -18.54
C ILE F 30 31.11 10.56 -19.15
N SER F 31 30.42 10.84 -20.25
CA SER F 31 29.61 9.85 -20.93
C SER F 31 30.40 8.64 -21.42
N ASN F 32 31.69 8.82 -21.72
CA ASN F 32 32.51 7.70 -22.20
C ASN F 32 33.35 7.08 -21.09
N GLY F 33 33.10 7.49 -19.85
CA GLY F 33 33.84 6.97 -18.73
C GLY F 33 35.33 7.24 -18.82
N ASP F 34 35.71 8.28 -19.54
CA ASP F 34 37.12 8.64 -19.71
C ASP F 34 37.59 9.55 -18.57
N PHE F 35 37.95 8.94 -17.45
CA PHE F 35 38.39 9.70 -16.28
C PHE F 35 39.64 10.54 -16.48
N GLU F 36 40.55 10.11 -17.35
CA GLU F 36 41.77 10.88 -17.60
C GLU F 36 41.44 12.23 -18.18
N SER F 37 40.65 12.26 -19.23
CA SER F 37 40.27 13.51 -19.86
C SER F 37 39.51 14.37 -18.87
N TYR F 38 38.67 13.71 -18.08
CA TYR F 38 37.88 14.40 -17.07
C TYR F 38 38.77 15.17 -16.11
N THR F 39 39.70 14.48 -15.46
CA THR F 39 40.58 15.12 -14.49
C THR F 39 41.36 16.26 -15.14
N LYS F 40 41.70 16.08 -16.40
CA LYS F 40 42.43 17.08 -17.17
C LYS F 40 41.61 18.36 -17.22
N MET F 41 40.29 18.20 -17.23
CA MET F 41 39.37 19.34 -17.31
C MET F 41 38.90 19.89 -15.97
N CYS F 42 39.30 19.24 -14.88
CA CYS F 42 38.88 19.69 -13.56
C CYS F 42 40.01 20.26 -12.72
N ASP F 43 39.72 21.31 -11.98
CA ASP F 43 40.71 21.89 -11.09
C ASP F 43 40.84 20.90 -9.92
N PRO F 44 42.07 20.69 -9.43
CA PRO F 44 42.28 19.75 -8.32
C PRO F 44 41.40 20.05 -7.08
N GLY F 45 41.14 21.33 -6.83
CA GLY F 45 40.32 21.71 -5.70
C GLY F 45 38.87 21.89 -6.09
N MET F 46 38.44 21.16 -7.10
CA MET F 46 37.08 21.22 -7.59
C MET F 46 36.09 20.86 -6.50
N THR F 47 34.98 21.58 -6.48
CA THR F 47 33.93 21.40 -5.51
C THR F 47 32.65 20.96 -6.22
N ALA F 48 31.80 20.17 -5.56
CA ALA F 48 30.56 19.70 -6.21
C ALA F 48 29.36 19.34 -5.33
N PHE F 49 28.19 19.57 -5.90
CA PHE F 49 26.92 19.26 -5.28
C PHE F 49 26.22 18.38 -6.31
N GLU F 50 25.84 17.18 -5.91
CA GLU F 50 25.15 16.28 -6.84
C GLU F 50 24.39 15.21 -6.06
N PRO F 51 23.31 14.67 -6.65
CA PRO F 51 22.51 13.63 -6.00
C PRO F 51 23.32 12.50 -5.36
N GLU F 52 24.35 12.06 -6.05
CA GLU F 52 25.18 10.98 -5.54
C GLU F 52 25.91 11.31 -4.27
N ALA F 53 26.04 12.60 -3.95
CA ALA F 53 26.74 13.02 -2.76
C ALA F 53 25.82 13.22 -1.55
N LEU F 54 24.56 12.82 -1.70
CA LEU F 54 23.56 12.90 -0.63
C LEU F 54 23.47 14.20 0.18
N GLY F 55 23.44 15.34 -0.49
CA GLY F 55 23.33 16.60 0.21
C GLY F 55 24.63 17.15 0.73
N ASN F 56 25.74 16.47 0.50
CA ASN F 56 27.04 16.95 0.97
C ASN F 56 27.86 17.63 -0.13
N LEU F 57 28.65 18.63 0.25
CA LEU F 57 29.50 19.30 -0.72
C LEU F 57 30.77 18.47 -0.76
N VAL F 58 31.08 17.92 -1.93
CA VAL F 58 32.27 17.09 -2.10
C VAL F 58 33.45 17.83 -2.72
N GLU F 59 34.67 17.47 -2.33
CA GLU F 59 35.88 18.09 -2.86
C GLU F 59 36.77 17.10 -3.61
N GLY F 60 37.52 17.63 -4.58
CA GLY F 60 38.42 16.81 -5.36
C GLY F 60 37.73 15.89 -6.35
N LEU F 61 38.54 15.17 -7.12
CA LEU F 61 38.01 14.27 -8.13
C LEU F 61 37.91 12.85 -7.62
N ASP F 62 38.52 12.62 -6.48
CA ASP F 62 38.52 11.32 -5.85
C ASP F 62 37.13 10.68 -5.74
N PHE F 63 36.15 11.48 -5.33
CA PHE F 63 34.78 11.00 -5.15
C PHE F 63 34.13 10.60 -6.47
N HIS F 64 34.54 11.23 -7.56
CA HIS F 64 33.95 10.94 -8.85
C HIS F 64 34.57 9.74 -9.56
N ARG F 65 35.85 9.49 -9.30
CA ARG F 65 36.61 8.40 -9.91
C ARG F 65 35.83 7.09 -9.90
N PHE F 66 35.28 6.77 -8.74
CA PHE F 66 34.50 5.57 -8.55
C PHE F 66 33.41 5.35 -9.61
N TYR F 67 32.63 6.38 -9.93
CA TYR F 67 31.56 6.24 -10.90
C TYR F 67 32.11 6.09 -12.30
N PHE F 68 33.28 6.64 -12.53
CA PHE F 68 33.91 6.52 -13.83
C PHE F 68 34.39 5.08 -13.96
N GLU F 69 35.07 4.58 -12.94
CA GLU F 69 35.58 3.22 -12.95
C GLU F 69 34.50 2.14 -12.84
N ASN F 70 33.35 2.48 -12.26
CA ASN F 70 32.29 1.49 -12.12
C ASN F 70 31.10 1.79 -13.01
N LEU F 71 31.33 1.59 -14.29
CA LEU F 71 30.35 1.81 -15.33
C LEU F 71 31.20 1.45 -16.55
N TRP F 72 32.50 1.35 -16.29
CA TRP F 72 33.54 1.02 -17.28
C TRP F 72 33.01 0.68 -18.66
N SER F 73 32.29 -0.44 -18.75
CA SER F 73 31.72 -0.89 -20.00
C SER F 73 30.36 -0.25 -20.31
N ARG F 74 30.36 1.08 -20.42
CA ARG F 74 29.14 1.84 -20.74
C ARG F 74 28.54 1.31 -22.03
N ASN F 75 29.37 0.66 -22.84
CA ASN F 75 28.94 0.11 -24.13
C ASN F 75 27.70 -0.76 -24.01
N SER F 76 27.45 -1.29 -22.82
CA SER F 76 26.29 -2.15 -22.59
C SER F 76 24.97 -1.40 -22.85
N LYS F 77 25.07 -0.32 -23.63
CA LYS F 77 23.91 0.50 -23.98
C LYS F 77 24.37 1.81 -24.59
N PRO F 78 23.76 2.22 -25.72
CA PRO F 78 24.16 3.48 -26.34
C PRO F 78 23.76 4.58 -25.36
N VAL F 79 24.50 5.68 -25.31
CA VAL F 79 24.18 6.76 -24.40
C VAL F 79 24.26 8.06 -25.15
N HIS F 80 23.12 8.74 -25.31
CA HIS F 80 23.10 10.02 -26.02
C HIS F 80 22.76 11.15 -25.06
N THR F 81 23.52 12.24 -25.14
CA THR F 81 23.29 13.39 -24.29
C THR F 81 22.93 14.64 -25.08
N THR F 82 22.02 15.42 -24.53
CA THR F 82 21.57 16.64 -25.17
C THR F 82 21.67 17.75 -24.13
N ILE F 83 22.20 18.89 -24.56
CA ILE F 83 22.34 20.04 -23.69
C ILE F 83 21.28 21.00 -24.19
N LEU F 84 20.29 21.28 -23.34
CA LEU F 84 19.20 22.17 -23.73
C LEU F 84 19.21 23.52 -23.08
N ASN F 85 18.74 24.51 -23.82
CA ASN F 85 18.60 25.88 -23.34
C ASN F 85 19.82 26.39 -22.55
N PRO F 86 21.02 26.24 -23.12
CA PRO F 86 22.25 26.69 -22.48
C PRO F 86 22.25 28.20 -22.24
N HIS F 87 22.92 28.62 -21.18
CA HIS F 87 23.05 30.03 -20.85
C HIS F 87 24.41 30.24 -20.24
N ILE F 88 25.24 31.04 -20.92
CA ILE F 88 26.57 31.33 -20.42
C ILE F 88 26.65 32.73 -19.87
N HIS F 89 27.44 32.89 -18.82
CA HIS F 89 27.68 34.16 -18.18
C HIS F 89 29.19 34.32 -18.20
N LEU F 90 29.68 35.36 -18.89
CA LEU F 90 31.11 35.58 -18.95
C LEU F 90 31.48 36.54 -17.83
N MET F 91 32.58 36.26 -17.14
CA MET F 91 33.01 37.09 -16.02
C MET F 91 34.54 37.22 -16.11
N GLY F 92 35.01 38.22 -16.84
CA GLY F 92 36.44 38.36 -16.99
C GLY F 92 36.86 37.40 -18.09
N ASP F 93 38.14 37.39 -18.42
CA ASP F 93 38.63 36.52 -19.47
C ASP F 93 39.01 35.14 -18.97
N GLU F 94 39.05 34.98 -17.65
CA GLU F 94 39.43 33.69 -17.07
C GLU F 94 38.31 33.01 -16.29
N SER F 95 37.11 33.58 -16.34
CA SER F 95 36.00 33.05 -15.58
C SER F 95 34.66 33.00 -16.32
N ALA F 96 34.06 31.81 -16.37
CA ALA F 96 32.78 31.63 -17.04
C ALA F 96 31.82 30.74 -16.23
N CYS F 97 30.54 30.89 -16.51
CA CYS F 97 29.52 30.12 -15.82
C CYS F 97 28.46 29.67 -16.82
N ILE F 98 28.20 28.37 -16.86
CA ILE F 98 27.20 27.85 -17.77
C ILE F 98 26.14 27.03 -17.06
N ALA F 99 24.88 27.25 -17.43
CA ALA F 99 23.74 26.55 -16.84
C ALA F 99 22.89 25.97 -17.97
N TYR F 100 22.57 24.68 -17.87
CA TYR F 100 21.78 24.02 -18.90
C TYR F 100 21.00 22.84 -18.38
N ILE F 101 20.05 22.37 -19.18
CA ILE F 101 19.28 21.20 -18.82
C ILE F 101 20.03 20.07 -19.50
N ARG F 102 20.28 18.99 -18.77
CA ARG F 102 21.00 17.87 -19.35
C ARG F 102 20.04 16.71 -19.53
N ILE F 103 19.79 16.34 -20.78
CA ILE F 103 18.90 15.23 -21.06
C ILE F 103 19.68 14.03 -21.53
N THR F 104 19.44 12.89 -20.89
CA THR F 104 20.14 11.67 -21.22
C THR F 104 19.20 10.59 -21.71
N GLN F 105 19.52 10.02 -22.88
CA GLN F 105 18.74 8.95 -23.46
C GLN F 105 19.57 7.70 -23.33
N TYR F 106 19.05 6.74 -22.59
CA TYR F 106 19.76 5.49 -22.35
C TYR F 106 18.79 4.32 -22.48
N LEU F 107 19.33 3.11 -22.55
CA LEU F 107 18.50 1.90 -22.65
C LEU F 107 18.39 1.24 -21.29
N ASP F 108 18.79 -0.02 -21.20
CA ASP F 108 18.75 -0.73 -19.93
C ASP F 108 17.31 -0.68 -19.42
N ALA F 109 17.10 -1.15 -18.19
CA ALA F 109 15.75 -1.16 -17.63
C ALA F 109 14.83 -1.76 -18.68
N GLY F 110 14.97 -3.06 -18.90
CA GLY F 110 14.17 -3.75 -19.90
C GLY F 110 14.53 -3.31 -21.30
N GLY F 111 15.80 -3.04 -21.55
CA GLY F 111 16.24 -2.61 -22.87
C GLY F 111 15.38 -1.52 -23.49
N ILE F 112 14.44 -0.99 -22.71
CA ILE F 112 13.54 0.07 -23.16
C ILE F 112 14.19 1.46 -23.15
N PRO F 113 13.82 2.29 -24.14
CA PRO F 113 14.35 3.65 -24.23
C PRO F 113 13.73 4.52 -23.14
N ARG F 114 14.57 5.18 -22.35
CA ARG F 114 14.09 6.06 -21.28
C ARG F 114 14.86 7.37 -21.29
N THR F 115 14.27 8.41 -20.70
CA THR F 115 14.87 9.73 -20.66
C THR F 115 15.01 10.28 -19.25
N ALA F 116 16.19 10.82 -18.97
CA ALA F 116 16.46 11.41 -17.66
C ALA F 116 16.81 12.88 -17.81
N GLN F 117 16.39 13.69 -16.86
CA GLN F 117 16.66 15.12 -16.90
C GLN F 117 17.37 15.58 -15.64
N SER F 118 18.26 16.55 -15.80
CA SER F 118 18.95 17.12 -14.65
C SER F 118 19.39 18.54 -14.97
N GLU F 119 19.32 19.41 -13.96
CA GLU F 119 19.73 20.79 -14.13
C GLU F 119 21.19 20.86 -13.71
N GLU F 120 22.04 21.45 -14.56
CA GLU F 120 23.44 21.55 -14.21
C GLU F 120 24.03 22.95 -14.33
N THR F 121 24.92 23.24 -13.39
CA THR F 121 25.64 24.50 -13.37
C THR F 121 27.11 24.12 -13.37
N ARG F 122 27.89 24.70 -14.27
CA ARG F 122 29.31 24.41 -14.32
C ARG F 122 30.06 25.74 -14.21
N VAL F 123 31.00 25.85 -13.28
CA VAL F 123 31.75 27.08 -13.14
C VAL F 123 33.16 26.84 -13.68
N TRP F 124 33.50 27.60 -14.73
CA TRP F 124 34.78 27.47 -15.41
C TRP F 124 35.80 28.55 -15.10
N HIS F 125 37.05 28.12 -14.97
CA HIS F 125 38.15 29.03 -14.74
C HIS F 125 39.30 28.69 -15.67
N ARG F 126 39.80 29.71 -16.36
CA ARG F 126 40.91 29.58 -17.31
C ARG F 126 42.25 29.57 -16.58
N ARG F 127 42.97 28.46 -16.67
CA ARG F 127 44.27 28.34 -16.03
C ARG F 127 45.33 27.91 -17.05
N ASP F 128 46.36 28.74 -17.20
CA ASP F 128 47.45 28.45 -18.12
C ASP F 128 46.98 27.97 -19.49
N GLY F 129 46.01 28.66 -20.07
CA GLY F 129 45.54 28.27 -21.39
C GLY F 129 44.27 27.46 -21.49
N LYS F 130 44.12 26.41 -20.69
CA LYS F 130 42.91 25.60 -20.76
C LYS F 130 41.88 25.86 -19.66
N TRP F 131 40.62 25.69 -20.01
CA TRP F 131 39.51 25.88 -19.10
C TRP F 131 39.39 24.69 -18.16
N GLN F 132 39.12 24.97 -16.90
CA GLN F 132 38.96 23.92 -15.91
C GLN F 132 37.73 24.16 -15.05
N ILE F 133 37.08 23.09 -14.64
CA ILE F 133 35.92 23.24 -13.79
C ILE F 133 36.35 23.46 -12.36
N VAL F 134 35.82 24.49 -11.74
CA VAL F 134 36.19 24.81 -10.37
C VAL F 134 35.07 24.40 -9.40
N HIS F 135 33.86 24.27 -9.95
CA HIS F 135 32.69 23.89 -9.16
C HIS F 135 31.54 23.53 -10.06
N PHE F 136 30.73 22.56 -9.63
CA PHE F 136 29.55 22.22 -10.41
C PHE F 136 28.45 21.78 -9.48
N HIS F 137 27.22 22.00 -9.93
CA HIS F 137 26.04 21.69 -9.16
C HIS F 137 25.02 20.99 -10.06
N ARG F 138 24.70 19.74 -9.71
CA ARG F 138 23.73 18.96 -10.48
C ARG F 138 22.51 18.73 -9.63
N SER F 139 21.37 19.08 -10.17
CA SER F 139 20.12 18.96 -9.46
C SER F 139 19.26 17.93 -10.18
N GLY F 140 18.49 17.20 -9.38
CA GLY F 140 17.60 16.17 -9.89
C GLY F 140 17.75 14.90 -9.07
N ALA F 141 18.29 13.86 -9.72
CA ALA F 141 18.50 12.54 -9.13
C ALA F 141 19.07 11.64 -10.23
N PRO F 142 18.63 11.83 -11.49
CA PRO F 142 19.12 11.02 -12.61
C PRO F 142 20.64 10.97 -12.72
N SER F 143 21.11 10.14 -13.67
CA SER F 143 22.53 9.97 -13.91
C SER F 143 22.94 10.77 -15.14
N VAL F 144 24.13 10.69 -15.53
N ASP G 9 18.24 41.17 -44.18
CA ASP G 9 17.62 40.47 -43.01
C ASP G 9 17.33 41.44 -41.87
N GLU G 10 17.66 41.02 -40.64
CA GLU G 10 17.44 41.83 -39.45
C GLU G 10 15.95 42.03 -39.25
N ASP G 11 15.17 41.64 -40.26
CA ASP G 11 13.73 41.80 -40.19
C ASP G 11 13.11 40.53 -39.64
N THR G 12 13.82 39.41 -39.79
CA THR G 12 13.33 38.14 -39.27
C THR G 12 13.34 38.30 -37.76
N LYS G 13 14.26 39.14 -37.29
CA LYS G 13 14.41 39.42 -35.88
C LYS G 13 13.16 40.16 -35.40
N VAL G 14 12.71 41.14 -36.17
CA VAL G 14 11.53 41.90 -35.78
C VAL G 14 10.24 41.13 -36.04
N ARG G 15 10.27 40.26 -37.05
CA ARG G 15 9.10 39.46 -37.38
C ARG G 15 8.82 38.48 -36.23
N LYS G 16 9.90 37.93 -35.68
CA LYS G 16 9.78 37.00 -34.57
C LYS G 16 9.30 37.71 -33.34
N GLN G 17 9.77 38.93 -33.12
CA GLN G 17 9.34 39.69 -31.95
C GLN G 17 7.85 39.99 -32.13
N GLU G 18 7.46 40.16 -33.38
CA GLU G 18 6.07 40.41 -33.72
C GLU G 18 5.22 39.24 -33.22
N ILE G 19 5.66 38.02 -33.54
CA ILE G 19 4.98 36.82 -33.11
C ILE G 19 4.99 36.68 -31.59
N ILE G 20 6.12 36.98 -30.96
CA ILE G 20 6.20 36.90 -29.50
C ILE G 20 5.22 37.87 -28.85
N LYS G 21 5.02 39.02 -29.46
CA LYS G 21 4.10 40.01 -28.90
C LYS G 21 2.65 39.56 -28.95
N VAL G 22 2.22 39.01 -30.08
CA VAL G 22 0.83 38.54 -30.19
C VAL G 22 0.59 37.35 -29.27
N THR G 23 1.62 36.53 -29.08
CA THR G 23 1.49 35.37 -28.20
C THR G 23 1.32 35.88 -26.77
N GLU G 24 2.10 36.89 -26.39
CA GLU G 24 1.99 37.49 -25.07
C GLU G 24 0.62 38.10 -24.91
N GLN G 25 0.14 38.77 -25.96
CA GLN G 25 -1.16 39.39 -25.93
C GLN G 25 -2.26 38.33 -25.75
N LEU G 26 -2.12 37.24 -26.49
CA LEU G 26 -3.08 36.14 -26.40
C LEU G 26 -3.13 35.60 -24.97
N ILE G 27 -1.95 35.32 -24.41
CA ILE G 27 -1.87 34.82 -23.05
C ILE G 27 -2.47 35.79 -22.05
N GLU G 28 -2.28 37.09 -22.25
CA GLU G 28 -2.84 38.08 -21.34
C GLU G 28 -4.36 38.04 -21.40
N ALA G 29 -4.91 37.97 -22.60
CA ALA G 29 -6.35 37.90 -22.77
C ALA G 29 -6.87 36.67 -22.04
N ILE G 30 -6.21 35.53 -22.24
CA ILE G 30 -6.61 34.29 -21.58
C ILE G 30 -6.54 34.47 -20.07
N SER G 31 -5.40 34.98 -19.62
CA SER G 31 -5.17 35.21 -18.20
C SER G 31 -6.15 36.17 -17.54
N ASN G 32 -6.72 37.10 -18.31
CA ASN G 32 -7.68 38.04 -17.76
C ASN G 32 -9.11 37.66 -18.03
N GLY G 33 -9.32 36.45 -18.57
CA GLY G 33 -10.66 35.99 -18.87
C GLY G 33 -11.39 36.86 -19.87
N ASP G 34 -10.64 37.57 -20.71
CA ASP G 34 -11.22 38.44 -21.71
C ASP G 34 -11.49 37.66 -23.01
N PHE G 35 -12.64 36.98 -23.04
CA PHE G 35 -13.03 36.18 -24.20
C PHE G 35 -13.19 36.96 -25.52
N GLU G 36 -13.62 38.22 -25.44
CA GLU G 36 -13.79 39.03 -26.65
C GLU G 36 -12.47 39.21 -27.38
N SER G 37 -11.44 39.65 -26.65
CA SER G 37 -10.12 39.84 -27.25
C SER G 37 -9.60 38.50 -27.77
N TYR G 38 -9.88 37.44 -27.02
CA TYR G 38 -9.45 36.11 -27.39
C TYR G 38 -10.00 35.72 -28.77
N THR G 39 -11.32 35.77 -28.92
CA THR G 39 -11.95 35.40 -30.18
C THR G 39 -11.43 36.25 -31.32
N LYS G 40 -11.13 37.51 -31.01
CA LYS G 40 -10.61 38.45 -31.99
C LYS G 40 -9.28 37.92 -32.52
N MET G 41 -8.54 37.22 -31.67
CA MET G 41 -7.24 36.67 -32.04
C MET G 41 -7.25 35.24 -32.59
N CYS G 42 -8.43 34.62 -32.61
CA CYS G 42 -8.52 33.25 -33.10
C CYS G 42 -9.31 33.14 -34.40
N ASP G 43 -8.86 32.25 -35.27
CA ASP G 43 -9.55 32.01 -36.53
C ASP G 43 -10.81 31.21 -36.17
N PRO G 44 -11.94 31.50 -36.82
CA PRO G 44 -13.17 30.79 -36.51
C PRO G 44 -13.04 29.27 -36.58
N GLY G 45 -12.23 28.80 -37.51
CA GLY G 45 -12.03 27.36 -37.68
C GLY G 45 -10.82 26.87 -36.92
N MET G 46 -10.53 27.52 -35.80
CA MET G 46 -9.40 27.18 -34.95
C MET G 46 -9.51 25.75 -34.42
N THR G 47 -8.39 25.07 -34.40
CA THR G 47 -8.32 23.70 -33.96
C THR G 47 -7.43 23.63 -32.69
N ALA G 48 -7.73 22.70 -31.77
CA ALA G 48 -6.94 22.58 -30.55
C ALA G 48 -6.83 21.22 -29.86
N PHE G 49 -5.68 21.01 -29.24
CA PHE G 49 -5.36 19.83 -28.47
C PHE G 49 -4.97 20.40 -27.11
N GLU G 50 -5.64 19.94 -26.06
CA GLU G 50 -5.32 20.41 -24.70
C GLU G 50 -5.87 19.45 -23.66
N PRO G 51 -5.24 19.39 -22.48
CA PRO G 51 -5.68 18.50 -21.40
C PRO G 51 -7.18 18.54 -21.13
N GLU G 52 -7.77 19.73 -21.18
CA GLU G 52 -9.20 19.87 -20.90
C GLU G 52 -10.09 19.17 -21.95
N ALA G 53 -9.52 18.86 -23.11
CA ALA G 53 -10.27 18.21 -24.18
C ALA G 53 -10.14 16.67 -24.15
N LEU G 54 -9.53 16.15 -23.10
CA LEU G 54 -9.36 14.69 -22.90
C LEU G 54 -8.91 13.87 -24.11
N GLY G 55 -7.86 14.30 -24.78
CA GLY G 55 -7.40 13.53 -25.93
C GLY G 55 -8.15 13.76 -27.24
N ASN G 56 -9.14 14.65 -27.24
CA ASN G 56 -9.90 14.93 -28.45
C ASN G 56 -9.45 16.22 -29.11
N LEU G 57 -9.55 16.27 -30.44
CA LEU G 57 -9.19 17.47 -31.18
C LEU G 57 -10.46 18.30 -31.21
N VAL G 58 -10.42 19.48 -30.61
CA VAL G 58 -11.58 20.35 -30.57
C VAL G 58 -11.56 21.46 -31.65
N GLU G 59 -12.74 21.85 -32.13
CA GLU G 59 -12.86 22.89 -33.15
C GLU G 59 -13.64 24.10 -32.67
N GLY G 60 -13.31 25.26 -33.24
CA GLY G 60 -14.01 26.48 -32.87
C GLY G 60 -13.64 27.02 -31.50
N LEU G 61 -14.24 28.15 -31.14
CA LEU G 61 -13.96 28.78 -29.85
C LEU G 61 -15.00 28.43 -28.83
N ASP G 62 -16.07 27.82 -29.30
CA ASP G 62 -17.18 27.43 -28.45
C ASP G 62 -16.75 26.65 -27.22
N PHE G 63 -15.86 25.70 -27.41
CA PHE G 63 -15.37 24.85 -26.32
C PHE G 63 -14.56 25.60 -25.27
N HIS G 64 -13.88 26.67 -25.68
CA HIS G 64 -13.07 27.44 -24.78
C HIS G 64 -13.86 28.45 -23.95
N ARG G 65 -15.01 28.87 -24.47
CA ARG G 65 -15.85 29.82 -23.75
C ARG G 65 -16.14 29.40 -22.30
N PHE G 66 -16.14 28.10 -22.03
CA PHE G 66 -16.43 27.60 -20.70
C PHE G 66 -15.38 27.95 -19.66
N TYR G 67 -14.11 27.89 -20.04
CA TYR G 67 -13.04 28.15 -19.08
C TYR G 67 -12.90 29.62 -18.74
N PHE G 68 -13.38 30.46 -19.64
CA PHE G 68 -13.36 31.88 -19.40
C PHE G 68 -14.55 32.08 -18.50
N GLU G 69 -15.72 32.05 -19.12
CA GLU G 69 -17.00 32.20 -18.45
C GLU G 69 -17.10 31.58 -17.06
N ASN G 70 -16.39 30.48 -16.81
CA ASN G 70 -16.53 29.83 -15.50
C ASN G 70 -15.29 29.70 -14.63
N LEU G 71 -14.58 30.80 -14.46
CA LEU G 71 -13.40 30.82 -13.61
C LEU G 71 -13.03 32.29 -13.40
N TRP G 72 -14.06 33.13 -13.37
CA TRP G 72 -13.94 34.56 -13.17
C TRP G 72 -13.24 34.89 -11.86
N SER G 73 -13.14 33.90 -10.98
CA SER G 73 -12.50 34.07 -9.68
C SER G 73 -11.05 34.54 -9.77
N ARG G 74 -10.51 34.57 -10.98
CA ARG G 74 -9.13 35.01 -11.20
C ARG G 74 -8.95 36.41 -10.63
N ASN G 75 -10.01 37.19 -10.65
CA ASN G 75 -9.99 38.55 -10.14
C ASN G 75 -9.84 38.51 -8.61
N SER G 76 -8.85 37.74 -8.15
CA SER G 76 -8.58 37.60 -6.72
C SER G 76 -7.08 37.42 -6.45
N LYS G 77 -6.52 36.36 -7.03
CA LYS G 77 -5.11 36.06 -6.86
C LYS G 77 -4.24 36.63 -8.00
N PRO G 78 -3.10 37.25 -7.65
CA PRO G 78 -2.23 37.80 -8.68
C PRO G 78 -1.76 36.65 -9.55
N VAL G 79 -1.90 36.79 -10.86
CA VAL G 79 -1.46 35.73 -11.76
C VAL G 79 -0.36 36.24 -12.66
N HIS G 80 0.82 35.63 -12.52
CA HIS G 80 1.96 36.02 -13.33
C HIS G 80 2.36 34.90 -14.28
N THR G 81 2.58 35.26 -15.53
CA THR G 81 2.96 34.29 -16.54
C THR G 81 4.34 34.58 -17.11
N THR G 82 5.08 33.51 -17.38
CA THR G 82 6.40 33.63 -17.92
C THR G 82 6.49 32.72 -19.13
N ILE G 83 7.05 33.22 -20.22
CA ILE G 83 7.22 32.45 -21.44
C ILE G 83 8.69 32.11 -21.50
N LEU G 84 9.01 30.82 -21.40
CA LEU G 84 10.40 30.42 -21.40
C LEU G 84 10.87 29.72 -22.65
N ASN G 85 12.14 29.94 -22.98
CA ASN G 85 12.79 29.30 -24.10
C ASN G 85 11.96 29.30 -25.40
N PRO G 86 11.41 30.46 -25.78
CA PRO G 86 10.60 30.60 -26.98
C PRO G 86 11.38 30.23 -28.24
N HIS G 87 10.68 29.67 -29.22
CA HIS G 87 11.29 29.33 -30.50
C HIS G 87 10.28 29.60 -31.59
N ILE G 88 10.62 30.52 -32.49
CA ILE G 88 9.70 30.84 -33.57
C ILE G 88 10.21 30.27 -34.89
N HIS G 89 9.28 29.84 -35.72
CA HIS G 89 9.57 29.31 -37.04
C HIS G 89 8.75 30.15 -37.98
N LEU G 90 9.42 30.87 -38.86
CA LEU G 90 8.72 31.70 -39.83
C LEU G 90 8.50 30.88 -41.09
N MET G 91 7.31 30.99 -41.66
CA MET G 91 6.96 30.24 -42.87
C MET G 91 6.16 31.16 -43.77
N GLY G 92 6.86 31.89 -44.63
CA GLY G 92 6.16 32.82 -45.50
C GLY G 92 5.89 34.07 -44.68
N ASP G 93 5.27 35.07 -45.29
CA ASP G 93 4.99 36.31 -44.58
C ASP G 93 3.68 36.29 -43.83
N GLU G 94 2.87 35.26 -44.07
CA GLU G 94 1.56 35.16 -43.43
C GLU G 94 1.43 33.96 -42.50
N SER G 95 2.52 33.26 -42.27
CA SER G 95 2.48 32.07 -41.44
C SER G 95 3.66 31.91 -40.47
N ALA G 96 3.35 31.74 -39.20
CA ALA G 96 4.37 31.57 -38.17
C ALA G 96 3.99 30.47 -37.15
N CYS G 97 5.00 29.96 -36.47
CA CYS G 97 4.82 28.92 -35.48
C CYS G 97 5.68 29.18 -34.26
N ILE G 98 5.07 29.23 -33.09
CA ILE G 98 5.84 29.46 -31.87
C ILE G 98 5.61 28.37 -30.84
N ALA G 99 6.71 27.93 -30.22
CA ALA G 99 6.67 26.90 -29.20
C ALA G 99 7.41 27.41 -27.98
N TYR G 100 6.80 27.28 -26.80
CA TYR G 100 7.43 27.75 -25.59
C TYR G 100 6.90 27.03 -24.35
N ILE G 101 7.62 27.18 -23.24
CA ILE G 101 7.22 26.61 -21.97
C ILE G 101 6.46 27.74 -21.31
N ARG G 102 5.27 27.43 -20.80
CA ARG G 102 4.45 28.45 -20.15
C ARG G 102 4.43 28.18 -18.65
N ILE G 103 5.01 29.10 -17.88
CA ILE G 103 5.04 28.94 -16.45
C ILE G 103 4.08 29.92 -15.81
N THR G 104 3.22 29.41 -14.95
CA THR G 104 2.23 30.24 -14.29
C THR G 104 2.42 30.22 -12.78
N GLN G 105 2.50 31.42 -12.20
CA GLN G 105 2.64 31.56 -10.76
C GLN G 105 1.29 32.09 -10.28
N TYR G 106 0.64 31.31 -9.43
CA TYR G 106 -0.65 31.69 -8.89
C TYR G 106 -0.71 31.38 -7.41
N LEU G 107 -1.74 31.89 -6.74
CA LEU G 107 -1.90 31.66 -5.31
C LEU G 107 -2.95 30.58 -5.06
N ASP G 108 -3.98 30.93 -4.30
CA ASP G 108 -5.04 30.00 -3.95
C ASP G 108 -4.46 28.70 -3.42
N ALA G 109 -5.29 27.66 -3.36
CA ALA G 109 -4.82 26.38 -2.81
C ALA G 109 -4.34 26.77 -1.41
N GLY G 110 -5.12 27.65 -0.77
CA GLY G 110 -4.80 28.13 0.56
C GLY G 110 -4.04 29.44 0.52
N GLY G 111 -4.22 30.20 -0.57
CA GLY G 111 -3.53 31.46 -0.70
C GLY G 111 -2.03 31.22 -0.71
N ILE G 112 -1.64 29.99 -1.04
CA ILE G 112 -0.23 29.59 -1.11
C ILE G 112 0.32 29.72 -2.52
N PRO G 113 1.58 30.18 -2.64
CA PRO G 113 2.17 30.33 -3.97
C PRO G 113 2.54 28.99 -4.59
N ARG G 114 2.03 28.74 -5.80
CA ARG G 114 2.34 27.51 -6.50
C ARG G 114 2.67 27.79 -7.96
N THR G 115 3.36 26.84 -8.59
CA THR G 115 3.76 27.00 -9.97
C THR G 115 3.32 25.87 -10.87
N ALA G 116 2.77 26.23 -12.03
CA ALA G 116 2.31 25.24 -12.99
C ALA G 116 3.08 25.38 -14.30
N GLN G 117 3.36 24.25 -14.95
CA GLN G 117 4.08 24.26 -16.22
C GLN G 117 3.28 23.59 -17.32
N SER G 118 3.42 24.09 -18.54
CA SER G 118 2.76 23.47 -19.68
C SER G 118 3.52 23.82 -20.95
N GLU G 119 3.58 22.87 -21.87
CA GLU G 119 4.26 23.08 -23.13
C GLU G 119 3.21 23.53 -24.13
N GLU G 120 3.46 24.62 -24.83
CA GLU G 120 2.48 25.09 -25.78
C GLU G 120 3.04 25.34 -27.18
N THR G 121 2.20 25.06 -28.16
CA THR G 121 2.51 25.28 -29.54
C THR G 121 1.36 26.12 -30.05
N ARG G 122 1.68 27.24 -30.70
CA ARG G 122 0.64 28.09 -31.27
C ARG G 122 0.95 28.26 -32.77
N VAL G 123 -0.02 28.01 -33.63
CA VAL G 123 0.20 28.17 -35.06
C VAL G 123 -0.52 29.41 -35.52
N TRP G 124 0.25 30.38 -36.00
CA TRP G 124 -0.27 31.68 -36.45
C TRP G 124 -0.41 31.89 -37.96
N HIS G 125 -1.52 32.51 -38.34
CA HIS G 125 -1.76 32.80 -39.74
C HIS G 125 -2.23 34.25 -39.90
N ARG G 126 -1.55 34.98 -40.78
CA ARG G 126 -1.85 36.38 -41.03
C ARG G 126 -3.05 36.53 -41.96
N ARG G 127 -4.12 37.13 -41.47
CA ARG G 127 -5.32 37.34 -42.27
C ARG G 127 -5.72 38.79 -42.26
N ASP G 128 -5.78 39.40 -43.44
CA ASP G 128 -6.18 40.79 -43.56
C ASP G 128 -5.49 41.71 -42.55
N GLY G 129 -4.18 41.57 -42.42
CA GLY G 129 -3.46 42.44 -41.51
C GLY G 129 -3.12 41.91 -40.13
N LYS G 130 -4.07 41.30 -39.43
CA LYS G 130 -3.78 40.79 -38.10
C LYS G 130 -3.54 39.28 -38.03
N TRP G 131 -2.68 38.90 -37.09
CA TRP G 131 -2.34 37.51 -36.86
C TRP G 131 -3.45 36.80 -36.12
N GLN G 132 -3.76 35.58 -36.54
CA GLN G 132 -4.80 34.79 -35.90
C GLN G 132 -4.33 33.38 -35.65
N ILE G 133 -4.77 32.80 -34.53
CA ILE G 133 -4.38 31.43 -34.23
C ILE G 133 -5.25 30.47 -35.01
N VAL G 134 -4.59 29.55 -35.69
CA VAL G 134 -5.30 28.59 -36.51
C VAL G 134 -5.32 27.22 -35.82
N HIS G 135 -4.39 26.99 -34.92
CA HIS G 135 -4.31 25.75 -34.17
C HIS G 135 -3.37 25.89 -32.97
N PHE G 136 -3.69 25.21 -31.89
CA PHE G 136 -2.79 25.25 -30.75
C PHE G 136 -2.82 23.91 -30.03
N HIS G 137 -1.70 23.57 -29.42
CA HIS G 137 -1.55 22.33 -28.71
C HIS G 137 -0.90 22.59 -27.34
N ARG G 138 -1.62 22.25 -26.28
CA ARG G 138 -1.12 22.45 -24.93
C ARG G 138 -0.92 21.11 -24.21
N SER G 139 0.22 20.97 -23.54
CA SER G 139 0.56 19.80 -22.74
C SER G 139 0.83 20.38 -21.35
N GLY G 140 0.42 19.70 -20.30
CA GLY G 140 0.67 20.24 -18.97
C GLY G 140 -0.53 20.56 -18.11
N ALA G 141 -0.53 21.74 -17.48
CA ALA G 141 -1.62 22.13 -16.58
C ALA G 141 -2.46 23.39 -16.88
N PRO G 142 -1.80 24.56 -17.02
CA PRO G 142 -2.39 25.88 -17.29
C PRO G 142 -3.82 26.00 -17.83
N SER G 143 -4.46 27.09 -17.45
CA SER G 143 -5.82 27.40 -17.88
C SER G 143 -5.70 28.14 -19.21
N VAL G 144 -4.96 29.14 -19.26
N PRO H 2 -22.20 29.32 -63.26
CA PRO H 2 -21.78 28.37 -62.21
C PRO H 2 -21.53 29.16 -60.92
N HIS H 3 -21.04 28.46 -59.89
CA HIS H 3 -20.74 29.13 -58.62
C HIS H 3 -19.23 29.25 -58.38
N MET H 4 -18.74 30.46 -58.64
CA MET H 4 -17.34 30.87 -58.51
C MET H 4 -16.55 30.30 -57.33
N THR H 5 -16.17 29.02 -57.41
CA THR H 5 -15.41 28.39 -56.35
C THR H 5 -14.86 27.01 -56.70
N THR H 6 -15.62 26.24 -57.48
CA THR H 6 -15.17 24.91 -57.88
C THR H 6 -14.03 25.04 -58.88
N ILE H 7 -12.87 25.42 -58.37
CA ILE H 7 -11.65 25.62 -59.15
C ILE H 7 -10.57 25.76 -58.10
N GLU H 8 -10.81 26.70 -57.21
CA GLU H 8 -9.92 27.03 -56.11
C GLU H 8 -10.21 26.06 -54.98
N ASP H 9 -11.48 25.96 -54.60
CA ASP H 9 -11.87 25.04 -53.56
C ASP H 9 -11.35 23.67 -53.94
N GLU H 10 -11.27 23.44 -55.24
CA GLU H 10 -10.81 22.17 -55.76
C GLU H 10 -9.32 21.98 -55.62
N ASP H 11 -8.56 23.05 -55.43
CA ASP H 11 -7.12 22.83 -55.33
C ASP H 11 -6.72 22.78 -53.86
N THR H 12 -7.52 23.42 -53.02
CA THR H 12 -7.24 23.40 -51.58
C THR H 12 -7.49 21.97 -51.15
N LYS H 13 -8.39 21.32 -51.88
CA LYS H 13 -8.74 19.92 -51.64
C LYS H 13 -7.51 19.06 -51.93
N VAL H 14 -6.86 19.31 -53.06
CA VAL H 14 -5.69 18.52 -53.41
C VAL H 14 -4.45 18.93 -52.62
N ARG H 15 -4.40 20.19 -52.19
CA ARG H 15 -3.27 20.68 -51.41
C ARG H 15 -3.30 20.00 -50.06
N LYS H 16 -4.50 19.85 -49.49
CA LYS H 16 -4.64 19.18 -48.21
C LYS H 16 -4.31 17.72 -48.31
N GLN H 17 -4.68 17.09 -49.42
CA GLN H 17 -4.38 15.68 -49.60
C GLN H 17 -2.88 15.55 -49.71
N GLU H 18 -2.25 16.57 -50.27
CA GLU H 18 -0.80 16.61 -50.44
C GLU H 18 -0.18 16.54 -49.04
N ILE H 19 -0.70 17.35 -48.12
CA ILE H 19 -0.19 17.37 -46.76
C ILE H 19 -0.46 16.05 -46.04
N ILE H 20 -1.63 15.47 -46.26
CA ILE H 20 -1.96 14.19 -45.64
C ILE H 20 -1.02 13.10 -46.13
N LYS H 21 -0.61 13.18 -47.38
CA LYS H 21 0.28 12.16 -47.93
C LYS H 21 1.68 12.23 -47.32
N VAL H 22 2.24 13.42 -47.18
CA VAL H 22 3.58 13.55 -46.60
C VAL H 22 3.55 13.15 -45.12
N THR H 23 2.43 13.43 -44.46
CA THR H 23 2.29 13.08 -43.05
C THR H 23 2.28 11.55 -42.93
N GLU H 24 1.57 10.90 -43.84
CA GLU H 24 1.50 9.44 -43.86
C GLU H 24 2.88 8.89 -44.15
N GLN H 25 3.59 9.55 -45.08
CA GLN H 25 4.93 9.11 -45.43
C GLN H 25 5.84 9.25 -44.24
N LEU H 26 5.74 10.38 -43.54
CA LEU H 26 6.56 10.63 -42.36
C LEU H 26 6.31 9.54 -41.33
N ILE H 27 5.03 9.27 -41.04
CA ILE H 27 4.69 8.25 -40.07
C ILE H 27 5.22 6.87 -40.47
N GLU H 28 5.20 6.56 -41.77
CA GLU H 28 5.69 5.28 -42.23
C GLU H 28 7.19 5.17 -41.99
N ALA H 29 7.91 6.25 -42.28
CA ALA H 29 9.34 6.26 -42.07
C ALA H 29 9.62 6.01 -40.59
N ILE H 30 8.90 6.72 -39.74
CA ILE H 30 9.07 6.58 -38.29
C ILE H 30 8.77 5.13 -37.92
N SER H 31 7.62 4.65 -38.40
CA SER H 31 7.17 3.30 -38.09
C SER H 31 8.14 2.21 -38.56
N ASN H 32 8.90 2.47 -39.61
CA ASN H 32 9.85 1.49 -40.11
C ASN H 32 11.27 1.73 -39.63
N GLY H 33 11.44 2.68 -38.70
CA GLY H 33 12.76 2.97 -38.19
C GLY H 33 13.72 3.46 -39.27
N ASP H 34 13.17 4.02 -40.34
CA ASP H 34 13.99 4.54 -41.44
C ASP H 34 14.41 5.99 -41.17
N PHE H 35 15.48 6.17 -40.40
CA PHE H 35 15.97 7.49 -40.04
C PHE H 35 16.42 8.35 -41.22
N GLU H 36 16.94 7.73 -42.28
CA GLU H 36 17.38 8.49 -43.45
C GLU H 36 16.22 9.24 -44.09
N SER H 37 15.14 8.52 -44.37
CA SER H 37 13.96 9.13 -44.98
C SER H 37 13.42 10.20 -44.04
N TYR H 38 13.46 9.90 -42.73
CA TYR H 38 12.98 10.83 -41.73
C TYR H 38 13.70 12.16 -41.81
N THR H 39 15.02 12.14 -41.70
CA THR H 39 15.82 13.37 -41.75
C THR H 39 15.56 14.13 -43.05
N LYS H 40 15.36 13.38 -44.12
CA LYS H 40 15.10 13.95 -45.43
C LYS H 40 13.82 14.80 -45.35
N MET H 41 12.90 14.39 -44.50
CA MET H 41 11.63 15.09 -44.34
C MET H 41 11.60 16.14 -43.24
N CYS H 42 12.70 16.28 -42.50
CA CYS H 42 12.74 17.25 -41.42
C CYS H 42 13.71 18.40 -41.69
N ASP H 43 13.32 19.60 -41.28
CA ASP H 43 14.18 20.77 -41.44
C ASP H 43 15.26 20.61 -40.38
N PRO H 44 16.51 20.95 -40.73
CA PRO H 44 17.61 20.82 -39.76
C PRO H 44 17.35 21.51 -38.42
N GLY H 45 16.66 22.65 -38.46
CA GLY H 45 16.35 23.38 -37.24
C GLY H 45 14.99 23.02 -36.68
N MET H 46 14.59 21.78 -36.92
CA MET H 46 13.31 21.27 -36.46
C MET H 46 13.22 21.35 -34.95
N THR H 47 12.03 21.73 -34.48
CA THR H 47 11.75 21.87 -33.06
C THR H 47 10.67 20.85 -32.65
N ALA H 48 10.69 20.38 -31.40
CA ALA H 48 9.69 19.39 -30.97
C ALA H 48 9.35 19.30 -29.48
N PHE H 49 8.09 18.98 -29.23
CA PHE H 49 7.54 18.77 -27.91
C PHE H 49 6.99 17.35 -27.93
N GLU H 50 7.44 16.49 -27.04
CA GLU H 50 6.94 15.12 -27.02
C GLU H 50 7.23 14.50 -25.65
N PRO H 51 6.42 13.51 -25.24
CA PRO H 51 6.59 12.84 -23.96
C PRO H 51 8.03 12.40 -23.67
N GLU H 52 8.72 11.90 -24.67
CA GLU H 52 10.08 11.44 -24.49
C GLU H 52 11.05 12.54 -24.11
N ALA H 53 10.65 13.79 -24.36
CA ALA H 53 11.50 14.95 -24.05
C ALA H 53 11.23 15.55 -22.68
N LEU H 54 10.41 14.89 -21.89
CA LEU H 54 10.10 15.30 -20.51
C LEU H 54 9.77 16.78 -20.28
N GLY H 55 8.90 17.34 -21.10
CA GLY H 55 8.53 18.73 -20.89
C GLY H 55 9.49 19.74 -21.47
N ASN H 56 10.56 19.30 -22.14
CA ASN H 56 11.52 20.20 -22.74
C ASN H 56 11.32 20.34 -24.25
N LEU H 57 11.62 21.51 -24.77
CA LEU H 57 11.52 21.74 -26.22
C LEU H 57 12.85 21.29 -26.79
N VAL H 58 12.82 20.30 -27.67
CA VAL H 58 14.05 19.77 -28.25
C VAL H 58 14.32 20.32 -29.67
N GLU H 59 15.59 20.46 -30.02
CA GLU H 59 15.98 20.96 -31.35
C GLU H 59 16.78 19.95 -32.14
N GLY H 60 16.69 20.03 -33.46
CA GLY H 60 17.42 19.13 -34.32
C GLY H 60 16.89 17.71 -34.35
N LEU H 61 17.50 16.87 -35.17
CA LEU H 61 17.08 15.48 -35.30
C LEU H 61 17.91 14.58 -34.43
N ASP H 62 18.99 15.13 -33.89
CA ASP H 62 19.90 14.39 -33.05
C ASP H 62 19.19 13.63 -31.92
N PHE H 63 18.24 14.29 -31.27
CA PHE H 63 17.52 13.68 -30.16
C PHE H 63 16.63 12.50 -30.58
N HIS H 64 16.15 12.54 -31.81
CA HIS H 64 15.27 11.50 -32.31
C HIS H 64 16.01 10.27 -32.83
N ARG H 65 17.23 10.49 -33.33
CA ARG H 65 18.08 9.42 -33.85
C ARG H 65 18.09 8.23 -32.91
N PHE H 66 18.09 8.50 -31.62
CA PHE H 66 18.12 7.47 -30.59
C PHE H 66 16.97 6.46 -30.72
N TYR H 67 15.75 6.97 -30.96
CA TYR H 67 14.59 6.10 -31.09
C TYR H 67 14.51 5.38 -32.43
N PHE H 68 15.43 5.70 -33.33
CA PHE H 68 15.46 5.06 -34.64
C PHE H 68 16.55 3.99 -34.62
N GLU H 69 17.72 4.36 -34.12
CA GLU H 69 18.85 3.45 -34.05
C GLU H 69 18.69 2.39 -32.95
N ASN H 70 17.80 2.66 -31.99
CA ASN H 70 17.56 1.73 -30.89
C ASN H 70 16.11 1.26 -30.91
N LEU H 71 15.59 1.08 -32.12
CA LEU H 71 14.24 0.59 -32.31
C LEU H 71 14.15 -0.14 -33.66
N TRP H 72 15.01 -1.15 -33.77
CA TRP H 72 15.11 -2.00 -34.95
C TRP H 72 14.08 -3.12 -34.83
N SER H 73 13.48 -3.22 -33.63
CA SER H 73 12.46 -4.22 -33.35
C SER H 73 11.17 -3.80 -34.04
N ARG H 74 11.13 -2.54 -34.46
CA ARG H 74 9.97 -1.99 -35.17
C ARG H 74 9.86 -2.71 -36.51
N ASN H 75 10.82 -3.59 -36.76
CA ASN H 75 10.86 -4.36 -38.01
C ASN H 75 10.63 -5.86 -37.77
N SER H 76 10.36 -6.23 -36.53
CA SER H 76 10.13 -7.62 -36.18
C SER H 76 8.66 -7.98 -36.02
N LYS H 77 7.86 -7.03 -35.53
CA LYS H 77 6.44 -7.28 -35.33
C LYS H 77 5.58 -6.30 -36.14
N PRO H 78 4.41 -6.78 -36.60
CA PRO H 78 3.49 -5.95 -37.39
C PRO H 78 3.02 -4.72 -36.62
N VAL H 79 3.04 -3.57 -37.29
CA VAL H 79 2.61 -2.31 -36.68
C VAL H 79 1.63 -1.61 -37.59
N HIS H 80 0.42 -1.40 -37.10
CA HIS H 80 -0.57 -0.71 -37.93
C HIS H 80 -0.90 0.65 -37.33
N THR H 81 -0.88 1.67 -38.18
CA THR H 81 -1.17 3.03 -37.74
C THR H 81 -2.41 3.59 -38.40
N THR H 82 -3.17 4.34 -37.63
CA THR H 82 -4.38 4.94 -38.12
C THR H 82 -4.34 6.43 -37.77
N ILE H 83 -4.69 7.26 -38.73
CA ILE H 83 -4.71 8.69 -38.52
C ILE H 83 -6.19 9.06 -38.44
N LEU H 84 -6.64 9.49 -37.28
CA LEU H 84 -8.05 9.83 -37.11
C LEU H 84 -8.36 11.29 -37.03
N ASN H 85 -9.54 11.64 -37.53
CA ASN H 85 -10.06 12.99 -37.49
C ASN H 85 -9.04 14.07 -37.86
N PRO H 86 -8.35 13.90 -39.00
CA PRO H 86 -7.34 14.85 -39.48
C PRO H 86 -7.92 16.24 -39.73
N HIS H 87 -7.11 17.25 -39.51
CA HIS H 87 -7.53 18.62 -39.75
C HIS H 87 -6.33 19.39 -40.29
N ILE H 88 -6.43 19.88 -41.52
CA ILE H 88 -5.34 20.63 -42.10
C ILE H 88 -5.67 22.11 -42.17
N HIS H 89 -4.65 22.93 -41.95
CA HIS H 89 -4.78 24.38 -42.02
C HIS H 89 -3.76 24.80 -43.05
N LEU H 90 -4.22 25.42 -44.12
CA LEU H 90 -3.31 25.88 -45.16
C LEU H 90 -2.94 27.33 -44.87
N MET H 91 -1.67 27.66 -45.00
CA MET H 91 -1.19 29.01 -44.74
C MET H 91 -0.18 29.37 -45.82
N GLY H 92 -0.65 29.93 -46.91
CA GLY H 92 0.27 30.24 -47.99
C GLY H 92 0.49 28.96 -48.76
N ASP H 93 1.24 29.04 -49.85
CA ASP H 93 1.49 27.85 -50.68
C ASP H 93 2.67 27.03 -50.17
N GLU H 94 3.43 27.58 -49.23
CA GLU H 94 4.61 26.87 -48.72
C GLU H 94 4.48 26.49 -47.25
N SER H 95 3.31 26.74 -46.66
CA SER H 95 3.12 26.46 -45.24
C SER H 95 1.79 25.77 -44.87
N ALA H 96 1.90 24.63 -44.19
CA ALA H 96 0.71 23.90 -43.77
C ALA H 96 0.82 23.38 -42.34
N CYS H 97 -0.33 23.10 -41.76
CA CYS H 97 -0.41 22.59 -40.40
C CYS H 97 -1.44 21.47 -40.27
N ILE H 98 -1.02 20.31 -39.78
CA ILE H 98 -1.94 19.20 -39.63
C ILE H 98 -2.00 18.65 -38.21
N ALA H 99 -3.22 18.44 -37.74
CA ALA H 99 -3.44 17.92 -36.41
C ALA H 99 -4.32 16.68 -36.49
N TYR H 100 -3.92 15.60 -35.84
CA TYR H 100 -4.68 14.37 -35.88
C TYR H 100 -4.44 13.49 -34.65
N ILE H 101 -5.31 12.48 -34.48
CA ILE H 101 -5.16 11.52 -33.40
C ILE H 101 -4.40 10.37 -34.06
N ARG H 102 -3.33 9.92 -33.42
CA ARG H 102 -2.56 8.83 -33.98
C ARG H 102 -2.80 7.59 -33.16
N ILE H 103 -3.41 6.58 -33.78
CA ILE H 103 -3.68 5.33 -33.09
C ILE H 103 -2.76 4.24 -33.62
N THR H 104 -2.08 3.57 -32.69
CA THR H 104 -1.16 2.52 -33.05
C THR H 104 -1.58 1.17 -32.48
N GLN H 105 -1.65 0.18 -33.36
CA GLN H 105 -2.00 -1.17 -32.98
C GLN H 105 -0.73 -1.97 -33.08
N TYR H 106 -0.29 -2.50 -31.94
CA TYR H 106 0.93 -3.30 -31.88
C TYR H 106 0.72 -4.53 -31.01
N LEU H 107 1.66 -5.46 -31.08
CA LEU H 107 1.58 -6.68 -30.31
C LEU H 107 2.44 -6.66 -29.05
N ASP H 108 3.14 -7.77 -28.93
CA ASP H 108 4.06 -8.15 -27.86
C ASP H 108 3.55 -8.04 -26.44
N ALA H 109 4.51 -8.14 -25.51
CA ALA H 109 4.25 -8.16 -24.06
C ALA H 109 3.87 -9.64 -23.94
N GLY H 110 4.18 -10.35 -25.03
CA GLY H 110 3.88 -11.77 -25.14
C GLY H 110 2.99 -11.94 -26.36
N GLY H 111 3.28 -11.19 -27.42
CA GLY H 111 2.49 -11.28 -28.63
C GLY H 111 1.05 -10.84 -28.43
N ILE H 112 0.80 -10.09 -27.36
CA ILE H 112 -0.53 -9.59 -27.04
C ILE H 112 -0.86 -8.30 -27.80
N PRO H 113 -2.10 -8.16 -28.28
CA PRO H 113 -2.49 -6.95 -29.02
C PRO H 113 -2.91 -5.81 -28.11
N ARG H 114 -2.25 -4.67 -28.27
CA ARG H 114 -2.58 -3.49 -27.48
C ARG H 114 -2.65 -2.25 -28.36
N THR H 115 -3.34 -1.22 -27.88
CA THR H 115 -3.51 0.00 -28.63
C THR H 115 -3.05 1.23 -27.87
N ALA H 116 -2.32 2.11 -28.56
CA ALA H 116 -1.83 3.34 -27.97
C ALA H 116 -2.37 4.54 -28.74
N GLN H 117 -2.65 5.62 -28.03
CA GLN H 117 -3.18 6.83 -28.65
C GLN H 117 -2.31 8.03 -28.34
N SER H 118 -2.21 8.94 -29.29
CA SER H 118 -1.47 10.17 -29.06
C SER H 118 -1.99 11.24 -29.99
N GLU H 119 -2.02 12.47 -29.51
CA GLU H 119 -2.48 13.61 -30.31
C GLU H 119 -1.22 14.21 -30.92
N GLU H 120 -1.23 14.40 -32.23
CA GLU H 120 -0.05 14.97 -32.87
C GLU H 120 -0.35 16.18 -33.74
N THR H 121 0.59 17.12 -33.73
CA THR H 121 0.53 18.32 -34.53
C THR H 121 1.83 18.35 -35.31
N ARG H 122 1.74 18.51 -36.63
CA ARG H 122 2.94 18.58 -37.46
C ARG H 122 2.89 19.89 -38.23
N VAL H 123 3.95 20.68 -38.18
CA VAL H 123 3.98 21.93 -38.93
C VAL H 123 4.92 21.76 -40.12
N TRP H 124 4.35 21.89 -41.31
CA TRP H 124 5.07 21.70 -42.57
C TRP H 124 5.46 22.97 -43.31
N HIS H 125 6.67 22.96 -43.85
CA HIS H 125 7.16 24.07 -44.63
C HIS H 125 7.80 23.55 -45.92
N ARG H 126 7.38 24.11 -47.05
CA ARG H 126 7.87 23.73 -48.36
C ARG H 126 9.20 24.42 -48.65
N ARG H 127 10.25 23.63 -48.82
CA ARG H 127 11.58 24.17 -49.12
C ARG H 127 12.15 23.51 -50.38
N ASP H 128 12.44 24.34 -51.38
CA ASP H 128 13.02 23.86 -52.62
C ASP H 128 12.31 22.63 -53.18
N GLY H 129 10.98 22.66 -53.22
CA GLY H 129 10.25 21.54 -53.75
C GLY H 129 9.64 20.52 -52.79
N LYS H 130 10.39 20.07 -51.79
CA LYS H 130 9.84 19.11 -50.86
C LYS H 130 9.43 19.67 -49.51
N TRP H 131 8.40 19.06 -48.94
CA TRP H 131 7.86 19.45 -47.65
C TRP H 131 8.76 18.97 -46.52
N GLN H 132 8.96 19.82 -45.53
CA GLN H 132 9.79 19.46 -44.39
C GLN H 132 9.12 19.84 -43.09
N ILE H 133 9.32 19.04 -42.06
CA ILE H 133 8.73 19.36 -40.78
C ILE H 133 9.57 20.41 -40.09
N VAL H 134 8.91 21.46 -39.63
CA VAL H 134 9.62 22.54 -38.96
C VAL H 134 9.40 22.46 -37.44
N HIS H 135 8.31 21.83 -37.04
CA HIS H 135 7.97 21.68 -35.64
C HIS H 135 6.88 20.65 -35.46
N PHE H 136 6.94 19.91 -34.37
CA PHE H 136 5.89 18.94 -34.09
C PHE H 136 5.65 18.84 -32.59
N HIS H 137 4.42 18.52 -32.23
CA HIS H 137 4.03 18.42 -30.85
C HIS H 137 3.21 17.14 -30.65
N ARG H 138 3.71 16.25 -29.80
CA ARG H 138 3.03 14.98 -29.55
C ARG H 138 2.61 14.96 -28.08
N SER H 139 1.34 14.73 -27.81
CA SER H 139 0.95 14.63 -26.41
C SER H 139 0.24 13.28 -26.27
N GLY H 140 0.58 12.57 -25.21
CA GLY H 140 -0.01 11.26 -25.01
C GLY H 140 1.10 10.23 -24.85
N ALA H 141 1.15 9.24 -25.74
CA ALA H 141 2.16 8.20 -25.61
C ALA H 141 3.02 7.88 -26.82
N PRO H 142 2.49 7.10 -27.79
CA PRO H 142 3.19 6.68 -29.03
C PRO H 142 4.69 7.00 -29.19
N SER H 143 5.07 7.32 -30.44
CA SER H 143 6.46 7.65 -30.78
C SER H 143 6.75 7.54 -32.29
N VAL H 144 6.81 8.61 -32.97
N GLU I 10 -28.51 16.39 -50.45
CA GLU I 10 -29.77 17.04 -50.90
C GLU I 10 -30.83 16.91 -49.82
N ASP I 11 -31.08 15.68 -49.36
CA ASP I 11 -32.08 15.47 -48.33
C ASP I 11 -31.51 14.58 -47.23
N THR I 12 -30.52 13.76 -47.59
CA THR I 12 -29.89 12.90 -46.61
C THR I 12 -29.17 13.84 -45.66
N LYS I 13 -28.78 14.98 -46.21
CA LYS I 13 -28.09 16.01 -45.45
C LYS I 13 -29.04 16.57 -44.40
N VAL I 14 -30.28 16.85 -44.80
CA VAL I 14 -31.25 17.40 -43.88
C VAL I 14 -31.82 16.33 -42.96
N ARG I 15 -31.87 15.09 -43.45
CA ARG I 15 -32.37 13.99 -42.62
C ARG I 15 -31.41 13.77 -41.46
N LYS I 16 -30.11 13.85 -41.74
CA LYS I 16 -29.11 13.66 -40.71
C LYS I 16 -29.16 14.81 -39.71
N GLN I 17 -29.40 16.02 -40.18
CA GLN I 17 -29.47 17.16 -39.28
C GLN I 17 -30.70 16.96 -38.40
N GLU I 18 -31.70 16.32 -38.97
CA GLU I 18 -32.94 16.02 -38.26
C GLU I 18 -32.58 15.15 -37.06
N ILE I 19 -31.82 14.08 -37.32
CA ILE I 19 -31.39 13.17 -36.26
C ILE I 19 -30.50 13.89 -35.22
N ILE I 20 -29.59 14.74 -35.69
CA ILE I 20 -28.72 15.47 -34.78
C ILE I 20 -29.52 16.37 -33.86
N LYS I 21 -30.62 16.92 -34.38
CA LYS I 21 -31.45 17.81 -33.59
C LYS I 21 -32.20 17.08 -32.46
N VAL I 22 -32.77 15.93 -32.78
CA VAL I 22 -33.49 15.18 -31.74
C VAL I 22 -32.52 14.66 -30.69
N THR I 23 -31.30 14.32 -31.12
CA THR I 23 -30.29 13.85 -30.19
C THR I 23 -29.91 14.98 -29.24
N GLU I 24 -29.77 16.18 -29.79
CA GLU I 24 -29.46 17.36 -28.98
C GLU I 24 -30.60 17.61 -28.01
N GLN I 25 -31.83 17.49 -28.52
CA GLN I 25 -33.00 17.70 -27.70
C GLN I 25 -33.02 16.68 -26.56
N LEU I 26 -32.74 15.42 -26.89
CA LEU I 26 -32.72 14.35 -25.91
C LEU I 26 -31.70 14.67 -24.82
N ILE I 27 -30.50 15.03 -25.25
CA ILE I 27 -29.46 15.37 -24.28
C ILE I 27 -29.85 16.55 -23.40
N GLU I 28 -30.54 17.53 -23.97
CA GLU I 28 -30.96 18.69 -23.19
C GLU I 28 -31.96 18.28 -22.12
N ALA I 29 -32.91 17.44 -22.50
CA ALA I 29 -33.91 16.95 -21.55
C ALA I 29 -33.19 16.22 -20.42
N ILE I 30 -32.26 15.34 -20.78
CA ILE I 30 -31.50 14.61 -19.77
C ILE I 30 -30.75 15.60 -18.88
N SER I 31 -30.05 16.52 -19.52
CA SER I 31 -29.27 17.52 -18.82
C SER I 31 -30.08 18.41 -17.89
N ASN I 32 -31.36 18.61 -18.20
CA ASN I 32 -32.21 19.45 -17.37
C ASN I 32 -33.08 18.64 -16.41
N GLY I 33 -32.85 17.34 -16.35
CA GLY I 33 -33.63 16.49 -15.46
C GLY I 33 -35.11 16.48 -15.80
N ASP I 34 -35.43 16.77 -17.06
CA ASP I 34 -36.82 16.81 -17.51
C ASP I 34 -37.25 15.41 -17.98
N PHE I 35 -37.66 14.58 -17.03
CA PHE I 35 -38.09 13.22 -17.32
C PHE I 35 -39.31 13.10 -18.24
N GLU I 36 -40.24 14.07 -18.17
CA GLU I 36 -41.42 14.01 -19.02
C GLU I 36 -41.03 14.07 -20.49
N SER I 37 -40.22 15.07 -20.84
CA SER I 37 -39.79 15.21 -22.23
C SER I 37 -39.00 13.97 -22.65
N TYR I 38 -38.22 13.47 -21.71
CA TYR I 38 -37.41 12.29 -21.97
C TYR I 38 -38.28 11.11 -22.38
N THR I 39 -39.24 10.74 -21.55
CA THR I 39 -40.13 9.62 -21.84
C THR I 39 -40.85 9.83 -23.17
N LYS I 40 -41.18 11.08 -23.45
CA LYS I 40 -41.86 11.43 -24.68
C LYS I 40 -40.99 11.03 -25.87
N MET I 41 -39.68 11.08 -25.68
CA MET I 41 -38.73 10.75 -26.74
C MET I 41 -38.27 9.31 -26.76
N CYS I 42 -38.69 8.52 -25.79
CA CYS I 42 -38.27 7.12 -25.74
C CYS I 42 -39.40 6.15 -25.99
N ASP I 43 -39.10 5.07 -26.70
CA ASP I 43 -40.08 4.04 -26.96
C ASP I 43 -40.27 3.30 -25.64
N PRO I 44 -41.52 2.93 -25.31
CA PRO I 44 -41.78 2.22 -24.05
C PRO I 44 -40.91 0.97 -23.84
N GLY I 45 -40.62 0.26 -24.93
CA GLY I 45 -39.80 -0.93 -24.84
C GLY I 45 -38.33 -0.65 -25.11
N MET I 46 -37.91 0.56 -24.77
CA MET I 46 -36.54 1.02 -24.94
C MET I 46 -35.56 0.12 -24.19
N THR I 47 -34.44 -0.15 -24.83
CA THR I 47 -33.42 -1.02 -24.26
C THR I 47 -32.14 -0.19 -24.04
N ALA I 48 -31.35 -0.53 -23.03
CA ALA I 48 -30.13 0.23 -22.77
C ALA I 48 -28.95 -0.47 -22.08
N PHE I 49 -27.76 -0.04 -22.46
CA PHE I 49 -26.49 -0.50 -21.91
C PHE I 49 -25.83 0.77 -21.42
N GLU I 50 -25.47 0.82 -20.14
CA GLU I 50 -24.81 2.01 -19.61
C GLU I 50 -24.10 1.67 -18.31
N PRO I 51 -23.03 2.41 -17.97
CA PRO I 51 -22.27 2.16 -16.74
C PRO I 51 -23.12 1.99 -15.49
N GLU I 52 -24.18 2.77 -15.36
CA GLU I 52 -25.04 2.69 -14.20
C GLU I 52 -25.80 1.37 -14.09
N ALA I 53 -25.88 0.62 -15.18
CA ALA I 53 -26.58 -0.66 -15.20
C ALA I 53 -25.66 -1.87 -14.92
N LEU I 54 -24.42 -1.59 -14.55
CA LEU I 54 -23.45 -2.63 -14.19
C LEU I 54 -23.33 -3.83 -15.12
N GLY I 55 -23.24 -3.60 -16.42
CA GLY I 55 -23.10 -4.72 -17.33
C GLY I 55 -24.40 -5.40 -17.71
N ASN I 56 -25.52 -4.94 -17.18
CA ASN I 56 -26.81 -5.53 -17.52
C ASN I 56 -27.57 -4.73 -18.57
N LEU I 57 -28.33 -5.44 -19.41
CA LEU I 57 -29.14 -4.78 -20.42
C LEU I 57 -30.46 -4.43 -19.71
N VAL I 58 -30.76 -3.14 -19.64
CA VAL I 58 -31.95 -2.66 -18.98
C VAL I 58 -33.11 -2.36 -19.94
N GLU I 59 -34.35 -2.58 -19.49
CA GLU I 59 -35.54 -2.31 -20.30
C GLU I 59 -36.43 -1.27 -19.69
N GLY I 60 -37.16 -0.55 -20.54
CA GLY I 60 -38.08 0.47 -20.06
C GLY I 60 -37.41 1.72 -19.55
N LEU I 61 -38.22 2.72 -19.18
CA LEU I 61 -37.70 3.98 -18.68
C LEU I 61 -37.66 3.99 -17.17
N ASP I 62 -38.29 2.99 -16.58
CA ASP I 62 -38.36 2.89 -15.14
C ASP I 62 -36.99 3.01 -14.46
N PHE I 63 -35.99 2.35 -15.02
CA PHE I 63 -34.63 2.36 -14.45
C PHE I 63 -33.97 3.72 -14.51
N HIS I 64 -34.33 4.51 -15.51
CA HIS I 64 -33.73 5.82 -15.67
C HIS I 64 -34.36 6.90 -14.81
N ARG I 65 -35.61 6.72 -14.41
CA ARG I 65 -36.28 7.73 -13.62
C ARG I 65 -35.63 7.95 -12.25
N PHE I 66 -34.50 7.30 -12.01
CA PHE I 66 -33.82 7.45 -10.73
C PHE I 66 -32.74 8.51 -10.79
N TYR I 67 -32.09 8.62 -11.94
CA TYR I 67 -31.01 9.58 -12.08
C TYR I 67 -31.52 10.98 -12.41
N PHE I 68 -32.61 11.08 -13.15
CA PHE I 68 -33.19 12.38 -13.46
C PHE I 68 -33.73 12.90 -12.13
N GLU I 69 -34.54 12.05 -11.49
CA GLU I 69 -35.17 12.34 -10.23
C GLU I 69 -34.21 12.69 -9.09
N ASN I 70 -33.50 11.69 -8.58
CA ASN I 70 -32.57 11.91 -7.48
C ASN I 70 -31.30 12.64 -7.89
N LEU I 71 -31.47 13.80 -8.52
CA LEU I 71 -30.36 14.64 -8.96
C LEU I 71 -30.95 15.98 -9.37
N TRP I 72 -31.50 16.70 -8.40
CA TRP I 72 -32.12 17.99 -8.65
C TRP I 72 -31.18 19.18 -8.53
N SER I 73 -29.91 18.94 -8.83
CA SER I 73 -28.91 20.00 -8.78
C SER I 73 -28.70 20.49 -10.21
N ARG I 74 -29.77 20.42 -11.01
CA ARG I 74 -29.72 20.84 -12.41
C ARG I 74 -29.66 22.34 -12.59
N ASN I 75 -28.75 22.96 -11.84
CA ASN I 75 -28.50 24.40 -11.85
C ASN I 75 -27.16 24.61 -11.14
N SER I 76 -27.07 24.08 -9.92
CA SER I 76 -25.86 24.19 -9.12
C SER I 76 -24.70 23.50 -9.85
N LYS I 77 -24.99 23.05 -11.07
CA LYS I 77 -23.99 22.37 -11.88
C LYS I 77 -23.88 23.00 -13.28
N PRO I 78 -23.05 24.05 -13.44
CA PRO I 78 -22.89 24.71 -14.74
C PRO I 78 -22.53 23.65 -15.77
N VAL I 79 -23.47 23.33 -16.65
CA VAL I 79 -23.25 22.28 -17.65
C VAL I 79 -23.25 22.64 -19.12
N HIS I 80 -22.13 22.34 -19.78
CA HIS I 80 -22.03 22.56 -21.22
C HIS I 80 -21.69 21.23 -21.86
N THR I 81 -22.44 20.89 -22.91
CA THR I 81 -22.22 19.63 -23.61
C THR I 81 -21.78 19.83 -25.04
N THR I 82 -20.87 18.98 -25.50
CA THR I 82 -20.37 19.05 -26.84
C THR I 82 -20.49 17.67 -27.48
N ILE I 83 -20.99 17.63 -28.70
CA ILE I 83 -21.14 16.39 -29.43
C ILE I 83 -20.03 16.39 -30.46
N LEU I 84 -19.07 15.48 -30.33
CA LEU I 84 -17.96 15.42 -31.27
C LEU I 84 -17.99 14.29 -32.26
N ASN I 85 -17.43 14.56 -33.42
CA ASN I 85 -17.29 13.58 -34.48
C ASN I 85 -18.55 12.71 -34.70
N PRO I 86 -19.73 13.34 -34.83
CA PRO I 86 -20.98 12.63 -35.04
C PRO I 86 -20.97 11.82 -36.34
N HIS I 87 -21.68 10.69 -36.32
CA HIS I 87 -21.80 9.86 -37.50
C HIS I 87 -23.21 9.28 -37.52
N ILE I 88 -23.96 9.62 -38.57
CA ILE I 88 -25.31 9.11 -38.69
C ILE I 88 -25.40 8.06 -39.76
N HIS I 89 -26.25 7.07 -39.53
CA HIS I 89 -26.48 5.99 -40.47
C HIS I 89 -27.98 6.01 -40.67
N LEU I 90 -28.40 6.25 -41.91
CA LEU I 90 -29.83 6.27 -42.21
C LEU I 90 -30.23 4.89 -42.67
N MET I 91 -31.36 4.42 -42.17
CA MET I 91 -31.86 3.09 -42.52
C MET I 91 -33.37 3.20 -42.75
N GLY I 92 -33.77 3.46 -43.99
CA GLY I 92 -35.19 3.62 -44.25
C GLY I 92 -35.58 5.02 -43.81
N ASP I 93 -36.83 5.39 -44.00
CA ASP I 93 -37.27 6.73 -43.63
C ASP I 93 -37.71 6.83 -42.19
N GLU I 94 -37.84 5.69 -41.52
CA GLU I 94 -38.29 5.68 -40.14
C GLU I 94 -37.23 5.17 -39.15
N SER I 95 -36.03 4.93 -39.65
CA SER I 95 -34.97 4.40 -38.80
C SER I 95 -33.58 5.03 -38.97
N ALA I 96 -33.02 5.54 -37.88
CA ALA I 96 -31.71 6.14 -37.91
C ALA I 96 -30.82 5.71 -36.74
N CYS I 97 -29.51 5.85 -36.92
CA CYS I 97 -28.54 5.49 -35.90
C CYS I 97 -27.44 6.52 -35.82
N ILE I 98 -27.22 7.06 -34.62
CA ILE I 98 -26.18 8.08 -34.47
C ILE I 98 -25.17 7.70 -33.38
N ALA I 99 -23.90 7.90 -33.69
CA ALA I 99 -22.82 7.58 -32.75
C ALA I 99 -21.93 8.81 -32.62
N TYR I 100 -21.62 9.20 -31.38
CA TYR I 100 -20.80 10.37 -31.17
C TYR I 100 -20.08 10.35 -29.83
N ILE I 101 -19.08 11.23 -29.69
CA ILE I 101 -18.35 11.35 -28.44
C ILE I 101 -19.08 12.45 -27.69
N ARG I 102 -19.42 12.22 -26.43
CA ARG I 102 -20.13 13.22 -25.67
C ARG I 102 -19.19 13.80 -24.61
N ILE I 103 -18.89 15.08 -24.75
CA ILE I 103 -18.00 15.72 -23.81
C ILE I 103 -18.79 16.66 -22.93
N THR I 104 -18.59 16.53 -21.64
CA THR I 104 -19.31 17.35 -20.68
C THR I 104 -18.37 18.19 -19.83
N GLN I 105 -18.63 19.49 -19.81
CA GLN I 105 -17.84 20.42 -19.01
C GLN I 105 -18.72 20.83 -17.84
N TYR I 106 -18.28 20.49 -16.64
CA TYR I 106 -19.03 20.81 -15.43
C TYR I 106 -18.09 21.34 -14.36
N LEU I 107 -18.67 21.91 -13.30
CA LEU I 107 -17.87 22.44 -12.20
C LEU I 107 -17.71 21.45 -11.05
N ASP I 108 -17.86 21.81 -9.79
CA ASP I 108 -17.53 20.75 -8.85
C ASP I 108 -17.96 20.89 -7.40
N ALA I 109 -17.23 20.18 -6.56
CA ALA I 109 -17.43 20.21 -5.12
C ALA I 109 -16.58 21.42 -4.77
N GLY I 110 -17.10 22.60 -5.12
CA GLY I 110 -16.38 23.84 -4.89
C GLY I 110 -15.95 24.45 -6.21
N GLY I 111 -16.87 24.45 -7.17
CA GLY I 111 -16.66 25.04 -8.50
C GLY I 111 -15.42 24.78 -9.35
N ILE I 112 -14.83 23.58 -9.24
CA ILE I 112 -13.66 23.22 -10.03
C ILE I 112 -14.11 22.71 -11.42
N PRO I 113 -13.56 23.27 -12.52
CA PRO I 113 -13.97 22.81 -13.85
C PRO I 113 -13.36 21.47 -14.24
N ARG I 114 -14.21 20.51 -14.59
CA ARG I 114 -13.73 19.20 -15.01
C ARG I 114 -14.45 18.73 -16.27
N THR I 115 -13.83 17.79 -16.97
CA THR I 115 -14.40 17.28 -18.22
C THR I 115 -14.56 15.77 -18.22
N ALA I 116 -15.73 15.32 -18.66
CA ALA I 116 -16.01 13.89 -18.74
C ALA I 116 -16.31 13.49 -20.17
N GLN I 117 -15.86 12.30 -20.56
CA GLN I 117 -16.09 11.80 -21.91
C GLN I 117 -16.85 10.46 -21.91
N SER I 118 -17.68 10.26 -22.91
CA SER I 118 -18.39 9.01 -23.04
C SER I 118 -18.78 8.80 -24.49
N GLU I 119 -18.69 7.55 -24.93
CA GLU I 119 -19.07 7.21 -26.30
C GLU I 119 -20.52 6.81 -26.26
N GLU I 120 -21.34 7.38 -27.14
CA GLU I 120 -22.75 7.02 -27.14
C GLU I 120 -23.29 6.62 -28.50
N THR I 121 -24.19 5.66 -28.47
CA THR I 121 -24.87 5.17 -29.65
C THR I 121 -26.36 5.30 -29.36
N ARG I 122 -27.09 5.93 -30.25
CA ARG I 122 -28.53 6.09 -30.07
C ARG I 122 -29.24 5.51 -31.29
N VAL I 123 -30.19 4.63 -31.10
CA VAL I 123 -30.90 4.06 -32.23
C VAL I 123 -32.29 4.65 -32.25
N TRP I 124 -32.59 5.35 -33.34
CA TRP I 124 -33.87 6.03 -33.52
C TRP I 124 -34.89 5.37 -34.46
N HIS I 125 -36.14 5.40 -34.03
CA HIS I 125 -37.22 4.85 -34.83
C HIS I 125 -38.36 5.84 -34.88
N ARG I 126 -38.80 6.14 -36.10
CA ARG I 126 -39.90 7.07 -36.36
C ARG I 126 -41.26 6.40 -36.13
N ARG I 127 -42.01 6.89 -35.15
CA ARG I 127 -43.33 6.34 -34.86
C ARG I 127 -44.38 7.44 -34.86
N ASP I 128 -45.38 7.30 -35.73
CA ASP I 128 -46.46 8.26 -35.83
C ASP I 128 -45.98 9.71 -35.87
N GLY I 129 -44.98 9.99 -36.70
CA GLY I 129 -44.50 11.35 -36.80
C GLY I 129 -43.23 11.74 -36.03
N LYS I 130 -43.14 11.37 -34.75
CA LYS I 130 -41.96 11.73 -33.99
C LYS I 130 -40.94 10.61 -33.78
N TRP I 131 -39.67 10.99 -33.72
CA TRP I 131 -38.57 10.06 -33.52
C TRP I 131 -38.51 9.63 -32.08
N GLN I 132 -38.27 8.34 -31.87
CA GLN I 132 -38.16 7.81 -30.52
C GLN I 132 -36.94 6.91 -30.39
N ILE I 133 -36.31 6.92 -29.22
CA ILE I 133 -35.17 6.07 -29.01
C ILE I 133 -35.64 4.66 -28.70
N VAL I 134 -35.07 3.70 -29.44
CA VAL I 134 -35.44 2.31 -29.25
C VAL I 134 -34.34 1.55 -28.49
N HIS I 135 -33.13 2.09 -28.53
CA HIS I 135 -32.00 1.50 -27.85
C HIS I 135 -30.82 2.45 -27.78
N PHE I 136 -30.06 2.40 -26.70
CA PHE I 136 -28.90 3.24 -26.61
C PHE I 136 -27.81 2.54 -25.83
N HIS I 137 -26.58 2.86 -26.18
CA HIS I 137 -25.41 2.25 -25.55
C HIS I 137 -24.41 3.34 -25.18
N ARG I 138 -24.11 3.47 -23.88
CA ARG I 138 -23.16 4.46 -23.40
C ARG I 138 -21.92 3.81 -22.78
N SER I 139 -20.75 4.34 -23.11
CA SER I 139 -19.48 3.86 -22.57
C SER I 139 -18.72 5.02 -21.91
N GLY I 140 -18.26 4.81 -20.69
CA GLY I 140 -17.55 5.85 -19.95
C GLY I 140 -18.09 5.84 -18.51
N ALA I 141 -18.95 6.80 -18.17
CA ALA I 141 -19.56 6.86 -16.83
C ALA I 141 -20.51 8.03 -16.55
N PRO I 142 -20.66 8.98 -17.49
CA PRO I 142 -21.58 10.12 -17.26
C PRO I 142 -23.05 9.73 -17.02
N SER I 143 -23.95 10.24 -17.85
CA SER I 143 -25.39 9.93 -17.76
C SER I 143 -26.14 10.59 -18.91
N VAL I 144 -27.33 10.25 -19.14
N THR J 6 -52.12 -17.32 -35.44
CA THR J 6 -52.62 -16.00 -34.96
C THR J 6 -52.68 -14.98 -36.09
N ILE J 7 -52.18 -13.78 -35.84
CA ILE J 7 -52.17 -12.70 -36.84
C ILE J 7 -50.96 -12.87 -37.75
N GLU J 8 -51.02 -12.27 -38.94
CA GLU J 8 -49.91 -12.35 -39.88
C GLU J 8 -48.61 -12.04 -39.18
N ASP J 9 -48.69 -11.23 -38.12
CA ASP J 9 -47.52 -10.86 -37.33
C ASP J 9 -47.04 -12.06 -36.53
N GLU J 10 -46.37 -11.80 -35.42
CA GLU J 10 -45.85 -12.87 -34.57
C GLU J 10 -44.74 -13.63 -35.28
N ASP J 11 -44.73 -13.58 -36.61
CA ASP J 11 -43.69 -14.25 -37.39
C ASP J 11 -42.47 -13.36 -37.19
N THR J 12 -42.70 -12.22 -36.53
CA THR J 12 -41.65 -11.28 -36.23
C THR J 12 -40.52 -12.05 -35.59
N LYS J 13 -40.90 -13.10 -34.86
CA LYS J 13 -39.91 -13.95 -34.20
C LYS J 13 -39.01 -14.58 -35.24
N VAL J 14 -39.53 -14.76 -36.45
CA VAL J 14 -38.75 -15.34 -37.51
C VAL J 14 -37.75 -14.31 -37.99
N ARG J 15 -38.17 -13.05 -38.03
CA ARG J 15 -37.30 -11.97 -38.46
C ARG J 15 -36.25 -11.76 -37.37
N LYS J 16 -36.71 -11.72 -36.13
CA LYS J 16 -35.81 -11.55 -35.00
C LYS J 16 -34.80 -12.69 -35.03
N GLN J 17 -35.30 -13.90 -35.18
CA GLN J 17 -34.43 -15.09 -35.21
C GLN J 17 -33.46 -15.03 -36.38
N GLU J 18 -33.82 -14.32 -37.45
CA GLU J 18 -32.93 -14.20 -38.61
C GLU J 18 -31.74 -13.36 -38.22
N ILE J 19 -32.01 -12.36 -37.38
CA ILE J 19 -30.98 -11.46 -36.90
C ILE J 19 -30.10 -12.20 -35.92
N ILE J 20 -30.72 -13.02 -35.06
CA ILE J 20 -29.96 -13.82 -34.12
C ILE J 20 -29.08 -14.77 -34.91
N LYS J 21 -29.53 -15.15 -36.10
CA LYS J 21 -28.75 -16.06 -36.94
C LYS J 21 -27.51 -15.36 -37.49
N VAL J 22 -27.71 -14.20 -38.10
CA VAL J 22 -26.60 -13.42 -38.69
C VAL J 22 -25.62 -12.96 -37.60
N THR J 23 -26.15 -12.51 -36.47
CA THR J 23 -25.32 -12.06 -35.36
C THR J 23 -24.42 -13.22 -34.96
N GLU J 24 -25.00 -14.41 -34.88
CA GLU J 24 -24.23 -15.60 -34.54
C GLU J 24 -23.22 -15.91 -35.65
N GLN J 25 -23.60 -15.67 -36.90
CA GLN J 25 -22.70 -15.94 -38.00
C GLN J 25 -21.53 -14.96 -37.92
N LEU J 26 -21.84 -13.71 -37.59
CA LEU J 26 -20.83 -12.68 -37.45
C LEU J 26 -19.88 -13.04 -36.33
N ILE J 27 -20.41 -13.34 -35.14
CA ILE J 27 -19.55 -13.71 -34.02
C ILE J 27 -18.64 -14.86 -34.41
N GLU J 28 -19.22 -15.85 -35.08
CA GLU J 28 -18.50 -17.05 -35.50
C GLU J 28 -17.38 -16.69 -36.48
N ALA J 29 -17.65 -15.75 -37.38
CA ALA J 29 -16.65 -15.32 -38.36
C ALA J 29 -15.50 -14.63 -37.64
N ILE J 30 -15.82 -13.85 -36.61
CA ILE J 30 -14.77 -13.18 -35.85
C ILE J 30 -13.89 -14.27 -35.23
N SER J 31 -14.48 -15.14 -34.42
CA SER J 31 -13.73 -16.23 -33.77
C SER J 31 -12.87 -17.06 -34.75
N ASN J 32 -13.43 -17.41 -35.91
CA ASN J 32 -12.64 -18.17 -36.89
C ASN J 32 -11.45 -17.33 -37.29
N GLY J 33 -11.72 -16.05 -37.54
CA GLY J 33 -10.67 -15.15 -37.99
C GLY J 33 -10.88 -15.06 -39.49
N ASP J 34 -12.15 -15.05 -39.87
CA ASP J 34 -12.56 -14.99 -41.25
C ASP J 34 -12.84 -13.55 -41.62
N PHE J 35 -11.80 -12.80 -41.93
CA PHE J 35 -11.99 -11.41 -42.29
C PHE J 35 -12.85 -11.22 -43.54
N GLU J 36 -12.68 -12.13 -44.51
CA GLU J 36 -13.44 -12.08 -45.77
C GLU J 36 -14.94 -12.02 -45.53
N SER J 37 -15.45 -12.97 -44.76
CA SER J 37 -16.88 -13.02 -44.44
C SER J 37 -17.23 -11.77 -43.67
N TYR J 38 -16.35 -11.42 -42.71
CA TYR J 38 -16.55 -10.23 -41.91
C TYR J 38 -16.80 -9.03 -42.81
N THR J 39 -16.05 -8.96 -43.91
CA THR J 39 -16.21 -7.85 -44.84
C THR J 39 -17.58 -7.88 -45.50
N LYS J 40 -18.02 -9.06 -45.91
CA LYS J 40 -19.31 -9.19 -46.56
C LYS J 40 -20.45 -8.83 -45.62
N MET J 41 -20.22 -9.00 -44.32
CA MET J 41 -21.24 -8.69 -43.33
C MET J 41 -21.21 -7.24 -42.85
N CYS J 42 -20.12 -6.54 -43.17
CA CYS J 42 -19.99 -5.15 -42.77
C CYS J 42 -20.12 -4.15 -43.91
N ASP J 43 -20.93 -3.12 -43.67
CA ASP J 43 -21.11 -2.04 -44.64
C ASP J 43 -19.71 -1.39 -44.69
N PRO J 44 -19.22 -1.01 -45.87
CA PRO J 44 -17.90 -0.39 -45.95
C PRO J 44 -17.71 0.86 -45.11
N GLY J 45 -18.80 1.58 -44.90
CA GLY J 45 -18.74 2.79 -44.10
C GLY J 45 -19.25 2.56 -42.69
N MET J 46 -19.09 1.32 -42.22
CA MET J 46 -19.53 0.95 -40.89
C MET J 46 -18.67 1.60 -39.81
N THR J 47 -19.36 2.07 -38.78
CA THR J 47 -18.79 2.80 -37.66
C THR J 47 -18.73 1.96 -36.35
N ALA J 48 -17.65 2.13 -35.57
CA ALA J 48 -17.48 1.37 -34.30
C ALA J 48 -16.91 2.05 -33.02
N PHE J 49 -17.43 1.62 -31.88
CA PHE J 49 -17.00 2.05 -30.55
C PHE J 49 -16.60 0.74 -29.84
N GLU J 50 -15.34 0.58 -29.49
CA GLU J 50 -14.90 -0.65 -28.84
C GLU J 50 -13.68 -0.35 -27.98
N PRO J 51 -13.46 -1.12 -26.91
CA PRO J 51 -12.31 -0.88 -26.04
C PRO J 51 -10.98 -0.81 -26.76
N GLU J 52 -10.82 -1.56 -27.83
CA GLU J 52 -9.56 -1.57 -28.59
C GLU J 52 -9.37 -0.27 -29.38
N ALA J 53 -10.32 0.65 -29.25
CA ALA J 53 -10.24 1.91 -29.96
C ALA J 53 -9.97 3.08 -28.98
N LEU J 54 -9.94 2.78 -27.69
CA LEU J 54 -9.65 3.78 -26.66
C LEU J 54 -10.51 5.05 -26.71
N GLY J 55 -11.82 4.92 -26.71
CA GLY J 55 -12.63 6.12 -26.72
C GLY J 55 -12.94 6.74 -28.08
N ASN J 56 -12.24 6.35 -29.13
CA ASN J 56 -12.47 6.90 -30.47
C ASN J 56 -13.48 6.14 -31.34
N LEU J 57 -14.26 6.86 -32.14
CA LEU J 57 -15.23 6.23 -33.04
C LEU J 57 -14.47 5.84 -34.28
N VAL J 58 -14.39 4.56 -34.59
CA VAL J 58 -13.65 4.13 -35.76
C VAL J 58 -14.56 3.89 -36.96
N GLU J 59 -14.00 4.03 -38.16
CA GLU J 59 -14.81 3.89 -39.38
C GLU J 59 -14.15 3.00 -40.43
N GLY J 60 -14.96 2.30 -41.21
CA GLY J 60 -14.43 1.39 -42.20
C GLY J 60 -14.06 0.08 -41.53
N LEU J 61 -13.53 -0.87 -42.30
CA LEU J 61 -13.15 -2.16 -41.75
C LEU J 61 -11.66 -2.27 -41.60
N ASP J 62 -10.95 -1.19 -41.89
CA ASP J 62 -9.49 -1.19 -41.83
C ASP J 62 -8.91 -1.40 -40.43
N PHE J 63 -9.51 -0.74 -39.45
CA PHE J 63 -9.04 -0.83 -38.07
C PHE J 63 -9.15 -2.22 -37.43
N HIS J 64 -10.12 -3.00 -37.88
CA HIS J 64 -10.32 -4.33 -37.32
C HIS J 64 -9.43 -5.40 -37.94
N ARG J 65 -8.87 -5.11 -39.10
CA ARG J 65 -8.00 -6.06 -39.77
C ARG J 65 -6.95 -6.59 -38.82
N PHE J 66 -6.22 -5.68 -38.20
CA PHE J 66 -5.17 -6.04 -37.29
C PHE J 66 -5.52 -7.22 -36.37
N TYR J 67 -6.76 -7.29 -35.92
CA TYR J 67 -7.14 -8.35 -35.00
C TYR J 67 -7.41 -9.68 -35.67
N PHE J 68 -7.67 -9.66 -36.96
CA PHE J 68 -7.92 -10.89 -37.70
C PHE J 68 -6.59 -11.41 -38.23
N GLU J 69 -5.51 -10.75 -37.85
CA GLU J 69 -4.19 -11.15 -38.31
C GLU J 69 -3.34 -11.66 -37.15
N ASN J 70 -2.84 -10.72 -36.36
CA ASN J 70 -1.95 -11.04 -35.24
C ASN J 70 -2.59 -11.75 -34.06
N LEU J 71 -3.90 -11.62 -33.90
CA LEU J 71 -4.57 -12.27 -32.78
C LEU J 71 -4.92 -13.70 -33.19
N TRP J 72 -4.02 -14.64 -32.90
CA TRP J 72 -4.21 -16.05 -33.24
C TRP J 72 -4.07 -16.98 -32.03
N SER J 73 -4.82 -16.70 -30.97
CA SER J 73 -4.81 -17.54 -29.77
C SER J 73 -6.03 -18.46 -29.87
N ARG J 74 -6.83 -18.20 -30.90
CA ARG J 74 -8.04 -18.98 -31.20
C ARG J 74 -7.59 -19.89 -32.34
N ASN J 75 -6.55 -19.42 -33.04
CA ASN J 75 -5.96 -20.15 -34.16
C ASN J 75 -5.03 -21.23 -33.63
N SER J 76 -5.15 -21.53 -32.34
CA SER J 76 -4.32 -22.56 -31.70
C SER J 76 -4.78 -22.85 -30.25
N LYS J 77 -6.01 -22.47 -29.94
CA LYS J 77 -6.58 -22.66 -28.60
C LYS J 77 -8.09 -22.32 -28.66
N PRO J 78 -8.95 -23.34 -28.68
CA PRO J 78 -10.41 -23.19 -28.74
C PRO J 78 -11.08 -22.25 -27.73
N VAL J 79 -12.13 -21.58 -28.20
CA VAL J 79 -12.90 -20.65 -27.37
C VAL J 79 -14.39 -20.80 -27.68
N HIS J 80 -15.20 -20.77 -26.64
CA HIS J 80 -16.65 -20.89 -26.79
C HIS J 80 -17.31 -19.55 -26.46
N THR J 81 -18.30 -19.17 -27.26
CA THR J 81 -19.00 -17.92 -27.04
C THR J 81 -20.46 -18.15 -26.75
N THR J 82 -21.01 -17.38 -25.83
CA THR J 82 -22.41 -17.49 -25.46
C THR J 82 -23.01 -16.11 -25.61
N ILE J 83 -24.24 -16.04 -26.10
CA ILE J 83 -24.93 -14.78 -26.24
C ILE J 83 -26.03 -14.86 -25.21
N LEU J 84 -26.19 -13.83 -24.39
CA LEU J 84 -27.22 -13.87 -23.36
C LEU J 84 -28.22 -12.74 -23.47
N ASN J 85 -29.42 -13.04 -23.04
CA ASN J 85 -30.48 -12.06 -23.01
C ASN J 85 -30.54 -11.19 -24.25
N PRO J 86 -30.55 -11.80 -25.44
CA PRO J 86 -30.61 -10.98 -26.66
C PRO J 86 -31.91 -10.20 -26.67
N HIS J 87 -31.87 -8.98 -27.19
CA HIS J 87 -33.06 -8.16 -27.32
C HIS J 87 -33.00 -7.59 -28.70
N ILE J 88 -34.07 -7.68 -29.45
CA ILE J 88 -33.99 -7.15 -30.79
C ILE J 88 -35.04 -6.10 -30.99
N HIS J 89 -34.71 -5.13 -31.82
CA HIS J 89 -35.62 -4.06 -32.12
C HIS J 89 -35.70 -4.02 -33.62
N LEU J 90 -36.90 -4.25 -34.15
CA LEU J 90 -37.13 -4.21 -35.58
C LEU J 90 -37.59 -2.80 -35.85
N MET J 91 -36.83 -2.05 -36.66
CA MET J 91 -37.20 -0.68 -36.99
C MET J 91 -37.86 -0.61 -38.36
N GLY J 92 -37.82 -1.72 -39.07
CA GLY J 92 -38.42 -1.78 -40.39
C GLY J 92 -38.23 -3.18 -40.94
N ASP J 93 -38.15 -3.27 -42.26
CA ASP J 93 -37.94 -4.54 -42.92
C ASP J 93 -36.52 -4.53 -43.43
N GLU J 94 -35.86 -3.39 -43.29
CA GLU J 94 -34.49 -3.20 -43.74
C GLU J 94 -33.52 -2.85 -42.60
N SER J 95 -34.07 -2.56 -41.42
CA SER J 95 -33.23 -2.16 -40.29
C SER J 95 -33.55 -2.87 -38.98
N ALA J 96 -32.48 -3.37 -38.36
CA ALA J 96 -32.59 -4.08 -37.10
C ALA J 96 -31.48 -3.70 -36.13
N CYS J 97 -31.80 -3.81 -34.85
CA CYS J 97 -30.86 -3.48 -33.80
C CYS J 97 -30.85 -4.64 -32.79
N ILE J 98 -29.67 -5.16 -32.49
CA ILE J 98 -29.58 -6.23 -31.51
C ILE J 98 -28.59 -5.91 -30.39
N ALA J 99 -29.04 -6.11 -29.15
CA ALA J 99 -28.24 -5.87 -27.95
C ALA J 99 -28.13 -7.15 -27.11
N TYR J 100 -26.91 -7.50 -26.71
CA TYR J 100 -26.70 -8.71 -25.93
C TYR J 100 -25.41 -8.72 -25.11
N ILE J 101 -25.38 -9.59 -24.10
CA ILE J 101 -24.22 -9.77 -23.25
C ILE J 101 -23.44 -10.82 -24.00
N ARG J 102 -22.14 -10.66 -24.09
CA ARG J 102 -21.34 -11.63 -24.80
C ARG J 102 -20.32 -12.21 -23.85
N ILE J 103 -20.56 -13.46 -23.46
CA ILE J 103 -19.67 -14.20 -22.56
C ILE J 103 -18.70 -14.97 -23.41
N THR J 104 -17.46 -15.01 -23.00
CA THR J 104 -16.47 -15.74 -23.76
C THR J 104 -15.67 -16.61 -22.82
N GLN J 105 -15.57 -17.88 -23.18
CA GLN J 105 -14.84 -18.84 -22.38
C GLN J 105 -13.59 -19.18 -23.14
N TYR J 106 -12.47 -18.66 -22.66
CA TYR J 106 -11.18 -18.91 -23.29
C TYR J 106 -10.36 -19.70 -22.28
N LEU J 107 -9.23 -20.22 -22.74
CA LEU J 107 -8.41 -21.06 -21.88
C LEU J 107 -7.33 -20.43 -21.02
N ASP J 108 -6.22 -20.08 -21.66
CA ASP J 108 -5.05 -19.54 -20.96
C ASP J 108 -5.14 -18.25 -20.17
N ALA J 109 -4.51 -17.20 -20.70
CA ALA J 109 -4.45 -15.89 -20.04
C ALA J 109 -3.67 -16.17 -18.76
N GLY J 110 -3.38 -17.47 -18.59
CA GLY J 110 -2.65 -17.97 -17.44
C GLY J 110 -2.67 -19.49 -17.57
N GLY J 111 -3.67 -20.01 -18.27
CA GLY J 111 -3.79 -21.44 -18.46
C GLY J 111 -5.07 -22.03 -17.91
N ILE J 112 -5.63 -21.38 -16.90
CA ILE J 112 -6.87 -21.82 -16.26
C ILE J 112 -8.11 -21.30 -17.01
N PRO J 113 -9.11 -22.16 -17.22
CA PRO J 113 -10.31 -21.73 -17.94
C PRO J 113 -10.82 -20.43 -17.33
N ARG J 114 -10.98 -19.40 -18.15
CA ARG J 114 -11.47 -18.12 -17.68
C ARG J 114 -12.69 -17.64 -18.45
N THR J 115 -13.41 -16.69 -17.86
CA THR J 115 -14.60 -16.13 -18.50
C THR J 115 -14.52 -14.61 -18.58
N ALA J 116 -14.86 -14.09 -19.76
CA ALA J 116 -14.85 -12.65 -20.02
C ALA J 116 -16.25 -12.19 -20.41
N GLN J 117 -16.63 -10.98 -20.00
CA GLN J 117 -17.96 -10.45 -20.31
C GLN J 117 -17.87 -9.16 -21.12
N SER J 118 -18.99 -8.78 -21.72
CA SER J 118 -19.05 -7.54 -22.48
C SER J 118 -20.41 -7.42 -23.13
N GLU J 119 -20.90 -6.19 -23.23
CA GLU J 119 -22.18 -5.97 -23.86
C GLU J 119 -21.89 -5.45 -25.23
N GLU J 120 -22.66 -5.88 -26.21
CA GLU J 120 -22.46 -5.44 -27.56
C GLU J 120 -23.79 -4.97 -28.11
N THR J 121 -23.72 -3.98 -28.99
CA THR J 121 -24.89 -3.46 -29.68
C THR J 121 -24.47 -3.65 -31.13
N ARG J 122 -25.40 -4.13 -31.95
CA ARG J 122 -25.13 -4.36 -33.36
C ARG J 122 -26.32 -3.76 -34.10
N VAL J 123 -26.05 -2.81 -34.99
CA VAL J 123 -27.13 -2.20 -35.77
C VAL J 123 -27.02 -2.74 -37.19
N TRP J 124 -28.07 -3.45 -37.61
CA TRP J 124 -28.12 -4.10 -38.91
C TRP J 124 -28.97 -3.41 -39.96
N HIS J 125 -28.44 -3.36 -41.18
CA HIS J 125 -29.13 -2.76 -42.30
C HIS J 125 -28.96 -3.69 -43.50
N ARG J 126 -30.04 -3.93 -44.21
CA ARG J 126 -29.98 -4.82 -45.35
C ARG J 126 -30.12 -4.06 -46.66
N ARG J 127 -29.24 -4.39 -47.61
CA ARG J 127 -29.27 -3.77 -48.92
C ARG J 127 -29.98 -4.74 -49.88
N ASP J 128 -29.22 -5.29 -50.82
CA ASP J 128 -29.77 -6.22 -51.79
C ASP J 128 -29.89 -7.63 -51.24
N GLY J 129 -30.80 -7.81 -50.28
CA GLY J 129 -31.04 -9.11 -49.69
C GLY J 129 -30.10 -9.57 -48.59
N LYS J 130 -28.99 -8.88 -48.41
CA LYS J 130 -28.03 -9.26 -47.37
C LYS J 130 -28.06 -8.26 -46.21
N TRP J 131 -27.93 -8.80 -44.99
CA TRP J 131 -27.88 -7.98 -43.78
C TRP J 131 -26.45 -7.57 -43.50
N GLN J 132 -26.24 -6.31 -43.15
CA GLN J 132 -24.89 -5.83 -42.82
C GLN J 132 -24.94 -4.92 -41.58
N ILE J 133 -23.85 -4.90 -40.81
CA ILE J 133 -23.85 -4.01 -39.65
C ILE J 133 -23.34 -2.66 -40.13
N VAL J 134 -24.04 -1.60 -39.74
CA VAL J 134 -23.66 -0.24 -40.11
C VAL J 134 -22.95 0.39 -38.92
N HIS J 135 -23.18 -0.17 -37.74
CA HIS J 135 -22.56 0.34 -36.53
C HIS J 135 -22.61 -0.66 -35.35
N PHE J 136 -21.57 -0.66 -34.53
CA PHE J 136 -21.55 -1.50 -33.34
C PHE J 136 -20.81 -0.85 -32.19
N HIS J 137 -21.27 -1.12 -30.99
CA HIS J 137 -20.69 -0.55 -29.79
C HIS J 137 -20.42 -1.66 -28.76
N ARG J 138 -19.17 -1.81 -28.33
CA ARG J 138 -18.84 -2.83 -27.34
C ARG J 138 -18.36 -2.20 -26.02
N SER J 139 -18.64 -2.87 -24.89
CA SER J 139 -18.24 -2.46 -23.53
C SER J 139 -17.67 -3.71 -22.88
N GLY J 140 -16.48 -3.63 -22.29
CA GLY J 140 -15.85 -4.81 -21.69
C GLY J 140 -14.45 -4.97 -22.28
N ALA J 141 -14.25 -5.91 -23.22
CA ALA J 141 -12.94 -6.08 -23.88
C ALA J 141 -12.58 -7.38 -24.64
N PRO J 142 -13.55 -8.06 -25.29
CA PRO J 142 -13.19 -9.29 -26.01
C PRO J 142 -12.51 -9.05 -27.36
N SER J 143 -13.26 -9.28 -28.44
CA SER J 143 -12.74 -9.07 -29.80
C SER J 143 -13.84 -8.71 -30.81
N VAL J 144 -13.47 -8.27 -31.92
N GLU K 10 -48.81 -20.90 -24.28
CA GLU K 10 -49.44 -19.56 -24.13
C GLU K 10 -50.13 -19.41 -22.76
N ASP K 11 -50.84 -20.44 -22.33
CA ASP K 11 -51.53 -20.40 -21.02
C ASP K 11 -50.42 -20.37 -19.97
N THR K 12 -49.23 -20.73 -20.41
CA THR K 12 -48.05 -20.75 -19.57
C THR K 12 -47.58 -19.33 -19.31
N LYS K 13 -47.84 -18.42 -20.24
CA LYS K 13 -47.42 -17.03 -20.08
C LYS K 13 -48.20 -16.30 -18.99
N VAL K 14 -49.44 -16.73 -18.76
CA VAL K 14 -50.28 -16.11 -17.75
C VAL K 14 -49.95 -16.65 -16.36
N ARG K 15 -49.56 -17.91 -16.30
CA ARG K 15 -49.22 -18.55 -15.04
C ARG K 15 -47.82 -18.10 -14.60
N LYS K 16 -47.00 -17.73 -15.57
CA LYS K 16 -45.66 -17.25 -15.27
C LYS K 16 -45.81 -15.81 -14.82
N GLN K 17 -46.56 -15.04 -15.62
CA GLN K 17 -46.79 -13.65 -15.30
C GLN K 17 -47.33 -13.62 -13.87
N GLU K 18 -48.03 -14.69 -13.53
CA GLU K 18 -48.59 -14.86 -12.21
C GLU K 18 -47.44 -14.74 -11.21
N ILE K 19 -46.50 -15.68 -11.31
CA ILE K 19 -45.33 -15.73 -10.45
C ILE K 19 -44.64 -14.37 -10.38
N ILE K 20 -44.50 -13.70 -11.51
CA ILE K 20 -43.88 -12.39 -11.49
C ILE K 20 -44.64 -11.47 -10.53
N LYS K 21 -45.97 -11.54 -10.57
CA LYS K 21 -46.81 -10.72 -9.71
C LYS K 21 -46.48 -10.90 -8.22
N VAL K 22 -46.47 -12.16 -7.77
CA VAL K 22 -46.19 -12.44 -6.36
C VAL K 22 -44.75 -12.09 -6.01
N THR K 23 -43.83 -12.22 -6.96
CA THR K 23 -42.45 -11.87 -6.67
C THR K 23 -42.39 -10.36 -6.47
N GLU K 24 -42.99 -9.63 -7.40
CA GLU K 24 -43.02 -8.18 -7.29
C GLU K 24 -43.74 -7.84 -5.99
N GLN K 25 -44.87 -8.49 -5.76
CA GLN K 25 -45.62 -8.25 -4.53
C GLN K 25 -44.69 -8.44 -3.34
N LEU K 26 -43.97 -9.56 -3.33
CA LEU K 26 -43.02 -9.89 -2.25
C LEU K 26 -41.99 -8.80 -2.03
N ILE K 27 -41.25 -8.46 -3.09
CA ILE K 27 -40.24 -7.42 -3.00
C ILE K 27 -40.88 -6.14 -2.50
N GLU K 28 -42.11 -5.88 -2.93
CA GLU K 28 -42.86 -4.71 -2.52
C GLU K 28 -42.93 -4.62 -1.00
N ALA K 29 -43.34 -5.71 -0.37
CA ALA K 29 -43.46 -5.78 1.09
C ALA K 29 -42.11 -5.60 1.77
N ILE K 30 -41.06 -6.13 1.17
CA ILE K 30 -39.72 -5.98 1.74
C ILE K 30 -39.50 -4.48 1.96
N SER K 31 -39.53 -3.75 0.85
CA SER K 31 -39.30 -2.31 0.84
C SER K 31 -40.27 -1.48 1.67
N ASN K 32 -41.41 -2.04 2.06
CA ASN K 32 -42.37 -1.28 2.83
C ASN K 32 -42.28 -1.56 4.31
N GLY K 33 -41.32 -2.39 4.70
CA GLY K 33 -41.18 -2.74 6.11
C GLY K 33 -42.38 -3.55 6.56
N ASP K 34 -43.25 -3.90 5.62
CA ASP K 34 -44.45 -4.68 5.90
C ASP K 34 -44.09 -6.16 6.09
N PHE K 35 -43.75 -6.51 7.33
CA PHE K 35 -43.37 -7.88 7.69
C PHE K 35 -44.55 -8.84 7.72
N GLU K 36 -45.72 -8.31 8.05
CA GLU K 36 -46.94 -9.10 8.13
C GLU K 36 -47.34 -9.64 6.76
N SER K 37 -47.22 -8.81 5.73
CA SER K 37 -47.54 -9.25 4.37
C SER K 37 -46.46 -10.25 3.94
N TYR K 38 -45.23 -9.98 4.38
CA TYR K 38 -44.11 -10.85 4.09
C TYR K 38 -44.39 -12.25 4.63
N THR K 39 -44.66 -12.34 5.93
CA THR K 39 -44.94 -13.64 6.54
C THR K 39 -46.05 -14.39 5.83
N LYS K 40 -47.11 -13.68 5.45
CA LYS K 40 -48.22 -14.30 4.75
C LYS K 40 -47.71 -15.01 3.50
N MET K 41 -46.79 -14.35 2.80
CA MET K 41 -46.21 -14.88 1.58
C MET K 41 -45.11 -15.92 1.80
N CYS K 42 -44.75 -16.14 3.06
CA CYS K 42 -43.67 -17.09 3.35
C CYS K 42 -44.09 -18.34 4.07
N ASP K 43 -43.55 -19.48 3.64
CA ASP K 43 -43.83 -20.74 4.28
C ASP K 43 -43.06 -20.78 5.60
N PRO K 44 -43.75 -21.04 6.71
CA PRO K 44 -43.08 -21.09 8.02
C PRO K 44 -41.82 -21.95 8.06
N GLY K 45 -41.67 -22.85 7.09
CA GLY K 45 -40.49 -23.70 7.04
C GLY K 45 -39.49 -23.16 6.04
N MET K 46 -39.70 -21.91 5.67
CA MET K 46 -38.85 -21.21 4.71
C MET K 46 -37.38 -21.36 5.02
N THR K 47 -36.58 -21.37 3.98
CA THR K 47 -35.16 -21.58 4.11
C THR K 47 -34.47 -20.45 3.32
N ALA K 48 -33.24 -20.08 3.67
CA ALA K 48 -32.56 -18.98 2.94
C ALA K 48 -31.05 -18.89 2.97
N PHE K 49 -30.52 -18.48 1.82
CA PHE K 49 -29.11 -18.27 1.62
C PHE K 49 -29.05 -16.79 1.23
N GLU K 50 -28.44 -15.96 2.06
CA GLU K 50 -28.34 -14.54 1.74
C GLU K 50 -27.14 -13.90 2.44
N PRO K 51 -26.54 -12.87 1.83
CA PRO K 51 -25.38 -12.17 2.40
C PRO K 51 -25.44 -11.89 3.91
N GLU K 52 -26.59 -11.47 4.41
CA GLU K 52 -26.69 -11.19 5.85
C GLU K 52 -26.75 -12.45 6.70
N ALA K 53 -26.42 -13.60 6.11
CA ALA K 53 -26.45 -14.86 6.84
C ALA K 53 -25.05 -15.43 6.90
N LEU K 54 -24.12 -14.72 6.28
CA LEU K 54 -22.72 -15.11 6.29
C LEU K 54 -22.45 -16.55 5.91
N GLY K 55 -23.01 -17.01 4.81
CA GLY K 55 -22.73 -18.36 4.39
C GLY K 55 -23.50 -19.47 5.10
N ASN K 56 -24.42 -19.12 5.98
CA ASN K 56 -25.21 -20.15 6.66
C ASN K 56 -26.63 -20.20 6.11
N LEU K 57 -27.22 -21.37 6.14
CA LEU K 57 -28.59 -21.49 5.66
C LEU K 57 -29.52 -21.22 6.86
N VAL K 58 -30.26 -20.14 6.81
CA VAL K 58 -31.16 -19.83 7.91
C VAL K 58 -32.53 -20.44 7.67
N GLU K 59 -33.23 -20.79 8.75
CA GLU K 59 -34.54 -21.40 8.60
C GLU K 59 -35.59 -20.62 9.36
N GLY K 60 -36.71 -20.32 8.68
CA GLY K 60 -37.80 -19.58 9.31
C GLY K 60 -37.83 -18.11 8.92
N LEU K 61 -38.78 -17.37 9.50
CA LEU K 61 -38.91 -15.95 9.22
C LEU K 61 -38.27 -15.18 10.38
N ASP K 62 -38.05 -15.88 11.48
CA ASP K 62 -37.49 -15.27 12.66
C ASP K 62 -36.25 -14.45 12.35
N PHE K 63 -35.34 -15.02 11.56
CA PHE K 63 -34.12 -14.31 11.21
C PHE K 63 -34.36 -13.07 10.35
N HIS K 64 -35.55 -12.92 9.80
CA HIS K 64 -35.81 -11.76 8.95
C HIS K 64 -36.46 -10.54 9.60
N ARG K 65 -37.14 -10.71 10.73
CA ARG K 65 -37.79 -9.58 11.40
C ARG K 65 -36.78 -8.46 11.68
N PHE K 66 -35.64 -8.83 12.24
CA PHE K 66 -34.60 -7.87 12.57
C PHE K 66 -34.38 -6.80 11.50
N TYR K 67 -34.46 -7.17 10.24
CA TYR K 67 -34.25 -6.20 9.17
C TYR K 67 -35.52 -5.45 8.86
N PHE K 68 -36.66 -6.05 9.18
CA PHE K 68 -37.94 -5.41 8.95
C PHE K 68 -38.12 -4.36 10.03
N GLU K 69 -37.99 -4.79 11.28
CA GLU K 69 -38.13 -3.91 12.45
C GLU K 69 -36.98 -2.92 12.60
N ASN K 70 -35.78 -3.45 12.79
CA ASN K 70 -34.62 -2.61 13.00
C ASN K 70 -34.10 -1.89 11.75
N LEU K 71 -35.01 -1.44 10.91
CA LEU K 71 -34.63 -0.69 9.71
C LEU K 71 -35.83 -0.26 8.86
N TRP K 72 -36.58 0.73 9.35
CA TRP K 72 -37.74 1.23 8.62
C TRP K 72 -37.45 2.54 7.90
N SER K 73 -36.21 2.71 7.45
CA SER K 73 -35.83 3.92 6.72
C SER K 73 -36.36 3.77 5.30
N ARG K 74 -37.67 3.51 5.19
CA ARG K 74 -38.35 3.31 3.91
C ARG K 74 -38.69 4.69 3.32
N ASN K 75 -39.42 5.47 4.11
CA ASN K 75 -39.81 6.81 3.69
C ASN K 75 -38.66 7.78 4.02
N SER K 76 -37.49 7.19 4.27
CA SER K 76 -36.27 7.95 4.58
C SER K 76 -35.39 7.92 3.33
N LYS K 77 -35.29 6.74 2.71
CA LYS K 77 -34.48 6.56 1.51
C LYS K 77 -35.31 6.11 0.29
N PRO K 78 -34.78 6.30 -0.92
CA PRO K 78 -35.43 5.91 -2.18
C PRO K 78 -35.23 4.44 -2.50
N VAL K 79 -36.13 3.60 -2.00
CA VAL K 79 -36.05 2.16 -2.24
C VAL K 79 -36.69 1.78 -3.56
N HIS K 80 -35.93 1.77 -4.65
CA HIS K 80 -36.47 1.36 -5.95
C HIS K 80 -35.79 0.12 -6.47
N THR K 81 -36.58 -0.91 -6.73
CA THR K 81 -36.07 -2.18 -7.23
C THR K 81 -36.44 -2.47 -8.67
N THR K 82 -35.50 -3.06 -9.39
CA THR K 82 -35.68 -3.39 -10.80
C THR K 82 -35.44 -4.89 -10.97
N ILE K 83 -36.37 -5.58 -11.60
CA ILE K 83 -36.22 -7.01 -11.83
C ILE K 83 -35.86 -7.20 -13.29
N LEU K 84 -34.68 -7.74 -13.54
CA LEU K 84 -34.20 -7.93 -14.89
C LEU K 84 -34.03 -9.36 -15.31
N ASN K 85 -34.20 -9.58 -16.60
CA ASN K 85 -34.04 -10.88 -17.19
C ASN K 85 -34.59 -12.02 -16.33
N PRO K 86 -35.84 -11.91 -15.88
CA PRO K 86 -36.43 -12.97 -15.05
C PRO K 86 -36.75 -14.24 -15.83
N HIS K 87 -36.44 -15.38 -15.27
CA HIS K 87 -36.77 -16.63 -15.94
C HIS K 87 -37.60 -17.44 -14.96
N ILE K 88 -38.74 -17.94 -15.41
CA ILE K 88 -39.59 -18.74 -14.55
C ILE K 88 -39.65 -20.19 -15.00
N HIS K 89 -39.68 -21.11 -14.05
CA HIS K 89 -39.76 -22.53 -14.34
C HIS K 89 -41.00 -23.01 -13.61
N LEU K 90 -42.05 -23.34 -14.36
CA LEU K 90 -43.29 -23.84 -13.77
C LEU K 90 -43.10 -25.35 -13.62
N MET K 91 -43.37 -25.87 -12.43
CA MET K 91 -43.21 -27.29 -12.17
C MET K 91 -44.49 -27.89 -11.57
N GLY K 92 -45.41 -28.29 -12.44
CA GLY K 92 -46.66 -28.82 -11.95
C GLY K 92 -47.59 -27.66 -11.66
N ASP K 93 -48.79 -27.96 -11.16
CA ASP K 93 -49.75 -26.91 -10.89
C ASP K 93 -49.39 -26.05 -9.70
N GLU K 94 -48.75 -26.64 -8.70
CA GLU K 94 -48.43 -25.90 -7.49
C GLU K 94 -46.97 -25.59 -7.15
N SER K 95 -46.10 -25.54 -8.16
CA SER K 95 -44.68 -25.29 -7.91
C SER K 95 -43.96 -24.41 -8.94
N ALA K 96 -43.33 -23.34 -8.46
CA ALA K 96 -42.64 -22.42 -9.34
C ALA K 96 -41.23 -22.04 -8.89
N CYS K 97 -40.42 -21.68 -9.86
CA CYS K 97 -39.06 -21.26 -9.62
C CYS K 97 -38.79 -20.00 -10.43
N ILE K 98 -38.38 -18.93 -9.78
CA ILE K 98 -38.09 -17.72 -10.52
C ILE K 98 -36.66 -17.27 -10.19
N ALA K 99 -35.92 -16.90 -11.23
CA ALA K 99 -34.55 -16.46 -11.08
C ALA K 99 -34.34 -15.17 -11.83
N TYR K 100 -33.91 -14.12 -11.13
CA TYR K 100 -33.68 -12.84 -11.76
C TYR K 100 -32.52 -12.05 -11.15
N ILE K 101 -32.11 -10.98 -11.83
CA ILE K 101 -31.08 -10.08 -11.34
C ILE K 101 -31.86 -8.97 -10.66
N ARG K 102 -31.46 -8.64 -9.44
CA ARG K 102 -32.15 -7.62 -8.69
C ARG K 102 -31.26 -6.38 -8.63
N ILE K 103 -31.79 -5.28 -9.13
CA ILE K 103 -31.06 -4.02 -9.13
C ILE K 103 -31.72 -3.03 -8.20
N THR K 104 -30.96 -2.55 -7.23
CA THR K 104 -31.48 -1.59 -6.27
C THR K 104 -30.72 -0.27 -6.38
N GLN K 105 -31.47 0.83 -6.28
CA GLN K 105 -30.94 2.20 -6.36
C GLN K 105 -31.39 2.88 -5.07
N TYR K 106 -30.43 3.27 -4.24
CA TYR K 106 -30.73 3.90 -2.95
C TYR K 106 -30.03 5.24 -2.75
N LEU K 107 -30.04 5.73 -1.52
CA LEU K 107 -29.39 6.99 -1.15
C LEU K 107 -28.62 6.92 0.18
N ASP K 108 -28.13 8.07 0.63
CA ASP K 108 -27.34 8.23 1.85
C ASP K 108 -26.24 7.18 1.92
N ALA K 109 -25.58 7.04 3.08
CA ALA K 109 -24.49 6.06 3.22
C ALA K 109 -23.61 6.18 1.97
N GLY K 110 -23.70 7.36 1.37
CA GLY K 110 -22.98 7.70 0.16
C GLY K 110 -23.68 8.97 -0.31
N GLY K 111 -24.91 9.15 0.19
CA GLY K 111 -25.70 10.32 -0.16
C GLY K 111 -25.90 10.41 -1.65
N ILE K 112 -25.10 9.64 -2.39
CA ILE K 112 -25.14 9.59 -3.84
C ILE K 112 -26.11 8.50 -4.29
N PRO K 113 -26.69 8.67 -5.48
CA PRO K 113 -27.63 7.69 -6.03
C PRO K 113 -26.79 6.51 -6.53
N ARG K 114 -26.53 5.55 -5.64
CA ARG K 114 -25.71 4.40 -6.00
C ARG K 114 -26.56 3.21 -6.47
N THR K 115 -25.93 2.32 -7.23
CA THR K 115 -26.60 1.14 -7.76
C THR K 115 -25.96 -0.16 -7.30
N ALA K 116 -26.80 -1.08 -6.84
CA ALA K 116 -26.34 -2.37 -6.37
C ALA K 116 -27.00 -3.49 -7.15
N GLN K 117 -26.25 -4.56 -7.39
CA GLN K 117 -26.77 -5.72 -8.12
C GLN K 117 -26.77 -7.00 -7.28
N SER K 118 -27.74 -7.88 -7.53
CA SER K 118 -27.80 -9.15 -6.83
C SER K 118 -28.55 -10.24 -7.60
N GLU K 119 -27.99 -11.44 -7.62
CA GLU K 119 -28.60 -12.60 -8.28
C GLU K 119 -29.62 -13.13 -7.28
N GLU K 120 -30.85 -13.36 -7.72
CA GLU K 120 -31.86 -13.82 -6.79
C GLU K 120 -32.70 -14.96 -7.34
N THR K 121 -32.85 -16.00 -6.54
CA THR K 121 -33.62 -17.21 -6.85
C THR K 121 -34.71 -17.38 -5.80
N ARG K 122 -35.95 -17.43 -6.26
CA ARG K 122 -37.10 -17.60 -5.36
C ARG K 122 -37.87 -18.88 -5.74
N VAL K 123 -38.07 -19.77 -4.77
CA VAL K 123 -38.79 -21.02 -5.04
C VAL K 123 -40.19 -20.95 -4.44
N TRP K 124 -41.18 -20.95 -5.31
CA TRP K 124 -42.58 -20.86 -4.89
C TRP K 124 -43.34 -22.20 -4.86
N HIS K 125 -44.35 -22.23 -4.02
CA HIS K 125 -45.19 -23.39 -3.84
C HIS K 125 -46.57 -22.93 -3.39
N ARG K 126 -47.60 -23.33 -4.12
CA ARG K 126 -48.97 -22.93 -3.82
C ARG K 126 -49.63 -23.75 -2.69
N ARG K 127 -50.22 -23.01 -1.76
CA ARG K 127 -50.87 -23.61 -0.59
C ARG K 127 -52.26 -23.01 -0.45
N ASP K 128 -53.27 -23.87 -0.38
CA ASP K 128 -54.66 -23.44 -0.22
C ASP K 128 -54.95 -22.12 -0.91
N GLY K 129 -54.51 -21.98 -2.16
CA GLY K 129 -54.79 -20.74 -2.87
C GLY K 129 -53.65 -19.78 -3.14
N LYS K 130 -52.94 -19.32 -2.10
CA LYS K 130 -51.85 -18.37 -2.33
C LYS K 130 -50.47 -19.01 -2.50
N TRP K 131 -49.58 -18.26 -3.15
CA TRP K 131 -48.22 -18.71 -3.39
C TRP K 131 -47.36 -18.31 -2.20
N GLN K 132 -46.39 -19.16 -1.86
CA GLN K 132 -45.51 -18.88 -0.74
C GLN K 132 -44.06 -19.24 -1.03
N ILE K 133 -43.11 -18.50 -0.45
CA ILE K 133 -41.71 -18.83 -0.68
C ILE K 133 -41.30 -19.98 0.21
N VAL K 134 -40.70 -20.98 -0.39
CA VAL K 134 -40.27 -22.15 0.36
C VAL K 134 -38.74 -22.04 0.53
N HIS K 135 -38.11 -21.27 -0.35
CA HIS K 135 -36.67 -21.06 -0.30
C HIS K 135 -36.21 -19.95 -1.23
N PHE K 136 -35.30 -19.10 -0.77
CA PHE K 136 -34.75 -18.09 -1.66
C PHE K 136 -33.26 -18.07 -1.52
N HIS K 137 -32.59 -17.63 -2.57
CA HIS K 137 -31.13 -17.58 -2.57
C HIS K 137 -30.64 -16.26 -3.19
N ARG K 138 -30.18 -15.33 -2.35
CA ARG K 138 -29.66 -14.06 -2.85
C ARG K 138 -28.14 -14.05 -2.82
N SER K 139 -27.55 -13.66 -3.94
CA SER K 139 -26.11 -13.63 -4.12
C SER K 139 -25.70 -12.20 -4.52
N GLY K 140 -24.50 -11.80 -4.13
CA GLY K 140 -24.03 -10.45 -4.41
C GLY K 140 -24.02 -9.77 -3.05
N ALA K 141 -25.08 -9.04 -2.71
CA ALA K 141 -25.17 -8.37 -1.39
C ALA K 141 -26.36 -7.43 -1.19
N PRO K 142 -26.65 -6.56 -2.19
CA PRO K 142 -27.72 -5.56 -2.24
C PRO K 142 -28.97 -5.80 -1.38
N SER K 143 -29.00 -5.18 -0.20
CA SER K 143 -30.13 -5.31 0.71
C SER K 143 -31.42 -4.79 0.06
N VAL K 144 -31.84 -5.39 -0.95
N GLU L 10 -42.24 -40.56 7.68
CA GLU L 10 -41.36 -41.69 7.28
C GLU L 10 -41.31 -41.84 5.76
N ASP L 11 -42.43 -41.56 5.09
CA ASP L 11 -42.45 -41.63 3.63
C ASP L 11 -41.60 -40.47 3.12
N THR L 12 -41.79 -39.31 3.76
CA THR L 12 -41.06 -38.11 3.40
C THR L 12 -39.57 -38.37 3.61
N LYS L 13 -39.26 -39.03 4.72
CA LYS L 13 -37.89 -39.36 5.08
C LYS L 13 -37.19 -40.01 3.88
N VAL L 14 -37.89 -40.90 3.19
CA VAL L 14 -37.32 -41.61 2.04
C VAL L 14 -37.23 -40.76 0.78
N ARG L 15 -38.25 -39.93 0.56
CA ARG L 15 -38.30 -39.06 -0.60
C ARG L 15 -37.18 -38.02 -0.48
N LYS L 16 -37.08 -37.41 0.70
CA LYS L 16 -36.05 -36.43 0.94
C LYS L 16 -34.71 -37.10 0.71
N GLN L 17 -34.52 -38.29 1.27
CA GLN L 17 -33.28 -39.01 1.10
C GLN L 17 -33.07 -39.32 -0.39
N GLU L 18 -34.18 -39.38 -1.14
CA GLU L 18 -34.11 -39.66 -2.57
C GLU L 18 -33.47 -38.49 -3.32
N ILE L 19 -33.78 -37.27 -2.88
CA ILE L 19 -33.25 -36.07 -3.49
C ILE L 19 -31.80 -35.91 -3.14
N ILE L 20 -31.40 -36.44 -1.99
CA ILE L 20 -30.01 -36.35 -1.55
C ILE L 20 -29.14 -37.24 -2.42
N LYS L 21 -29.72 -38.32 -2.93
CA LYS L 21 -28.96 -39.26 -3.74
C LYS L 21 -28.65 -38.69 -5.13
N VAL L 22 -29.67 -38.16 -5.79
CA VAL L 22 -29.45 -37.62 -7.13
C VAL L 22 -28.48 -36.45 -7.05
N THR L 23 -28.69 -35.61 -6.04
CA THR L 23 -27.82 -34.46 -5.83
C THR L 23 -26.37 -34.93 -5.76
N GLU L 24 -26.13 -35.97 -4.97
CA GLU L 24 -24.80 -36.53 -4.83
C GLU L 24 -24.28 -37.13 -6.12
N GLN L 25 -25.19 -37.73 -6.88
CA GLN L 25 -24.81 -38.32 -8.16
C GLN L 25 -24.46 -37.20 -9.12
N LEU L 26 -25.26 -36.13 -9.13
CA LEU L 26 -24.99 -34.98 -9.99
C LEU L 26 -23.59 -34.49 -9.67
N ILE L 27 -23.31 -34.32 -8.38
CA ILE L 27 -22.01 -33.86 -7.94
C ILE L 27 -20.95 -34.87 -8.33
N GLU L 28 -21.27 -36.15 -8.23
CA GLU L 28 -20.32 -37.20 -8.59
C GLU L 28 -19.92 -37.06 -10.05
N ALA L 29 -20.91 -36.89 -10.91
CA ALA L 29 -20.67 -36.74 -12.35
C ALA L 29 -19.85 -35.47 -12.63
N ILE L 30 -20.15 -34.39 -11.92
CA ILE L 30 -19.42 -33.13 -12.06
C ILE L 30 -17.97 -33.44 -11.71
N SER L 31 -17.75 -33.85 -10.47
CA SER L 31 -16.41 -34.18 -10.00
C SER L 31 -15.67 -35.07 -10.99
N ASN L 32 -16.32 -36.16 -11.40
CA ASN L 32 -15.73 -37.11 -12.35
C ASN L 32 -15.34 -36.53 -13.69
N GLY L 33 -16.18 -35.65 -14.24
CA GLY L 33 -15.90 -35.06 -15.55
C GLY L 33 -16.79 -35.68 -16.60
N ASP L 34 -17.70 -36.53 -16.13
CA ASP L 34 -18.66 -37.22 -16.99
C ASP L 34 -19.76 -36.24 -17.39
N PHE L 35 -19.74 -35.79 -18.64
CA PHE L 35 -20.75 -34.84 -19.11
C PHE L 35 -22.04 -35.51 -19.59
N GLU L 36 -21.95 -36.78 -19.95
CA GLU L 36 -23.11 -37.53 -20.42
C GLU L 36 -24.13 -37.67 -19.29
N SER L 37 -23.61 -38.00 -18.11
CA SER L 37 -24.46 -38.15 -16.93
C SER L 37 -25.05 -36.78 -16.62
N TYR L 38 -24.19 -35.77 -16.57
CA TYR L 38 -24.61 -34.42 -16.27
C TYR L 38 -25.82 -33.99 -17.08
N THR L 39 -25.75 -34.11 -18.41
CA THR L 39 -26.86 -33.71 -19.27
C THR L 39 -28.15 -34.46 -18.98
N LYS L 40 -28.02 -35.76 -18.77
CA LYS L 40 -29.16 -36.61 -18.47
C LYS L 40 -29.90 -36.18 -17.20
N MET L 41 -29.17 -35.64 -16.24
CA MET L 41 -29.77 -35.18 -14.99
C MET L 41 -30.21 -33.73 -15.09
N CYS L 42 -29.87 -33.10 -16.21
CA CYS L 42 -30.22 -31.70 -16.41
C CYS L 42 -31.29 -31.45 -17.48
N ASP L 43 -32.30 -30.66 -17.11
CA ASP L 43 -33.36 -30.31 -18.03
C ASP L 43 -32.79 -29.32 -19.02
N PRO L 44 -33.07 -29.51 -20.33
CA PRO L 44 -32.58 -28.63 -21.42
C PRO L 44 -32.73 -27.15 -21.15
N GLY L 45 -33.83 -26.78 -20.52
CA GLY L 45 -34.07 -25.38 -20.22
C GLY L 45 -33.44 -24.97 -18.90
N MET L 46 -32.60 -25.83 -18.35
CA MET L 46 -31.93 -25.55 -17.07
C MET L 46 -31.32 -24.16 -17.06
N THR L 47 -31.70 -23.41 -16.03
CA THR L 47 -31.26 -22.04 -15.82
C THR L 47 -30.25 -21.96 -14.67
N ALA L 48 -29.20 -21.17 -14.79
CA ALA L 48 -28.22 -21.10 -13.68
C ALA L 48 -27.58 -19.78 -13.29
N PHE L 49 -27.25 -19.70 -12.01
CA PHE L 49 -26.54 -18.59 -11.38
C PHE L 49 -25.32 -19.26 -10.77
N GLU L 50 -24.13 -18.92 -11.24
CA GLU L 50 -22.90 -19.48 -10.68
C GLU L 50 -21.76 -18.49 -10.86
N PRO L 51 -20.74 -18.56 -10.00
CA PRO L 51 -19.59 -17.64 -10.08
C PRO L 51 -18.91 -17.53 -11.45
N GLU L 52 -19.02 -18.55 -12.29
CA GLU L 52 -18.36 -18.47 -13.59
C GLU L 52 -19.20 -17.71 -14.59
N ALA L 53 -20.47 -17.46 -14.28
CA ALA L 53 -21.35 -16.75 -15.20
C ALA L 53 -21.27 -15.24 -14.98
N LEU L 54 -20.40 -14.84 -14.07
CA LEU L 54 -20.18 -13.43 -13.77
C LEU L 54 -21.40 -12.55 -13.51
N GLY L 55 -22.39 -13.02 -12.76
CA GLY L 55 -23.56 -12.21 -12.49
C GLY L 55 -24.68 -12.42 -13.48
N ASN L 56 -24.44 -13.24 -14.50
CA ASN L 56 -25.43 -13.52 -15.52
C ASN L 56 -26.21 -14.82 -15.31
N LEU L 57 -27.51 -14.77 -15.56
CA LEU L 57 -28.35 -15.95 -15.46
C LEU L 57 -28.08 -16.70 -16.73
N VAL L 58 -27.41 -17.84 -16.65
CA VAL L 58 -27.08 -18.63 -17.84
C VAL L 58 -28.16 -19.62 -18.19
N GLU L 59 -28.23 -20.00 -19.46
CA GLU L 59 -29.26 -20.93 -19.92
C GLU L 59 -28.75 -22.11 -20.75
N GLY L 60 -29.18 -23.31 -20.37
CA GLY L 60 -28.78 -24.50 -21.09
C GLY L 60 -27.52 -25.18 -20.59
N LEU L 61 -27.15 -26.27 -21.24
CA LEU L 61 -25.97 -27.05 -20.89
C LEU L 61 -24.70 -26.53 -21.55
N ASP L 62 -24.85 -25.93 -22.73
CA ASP L 62 -23.71 -25.42 -23.50
C ASP L 62 -22.67 -24.64 -22.69
N PHE L 63 -23.11 -23.84 -21.72
CA PHE L 63 -22.18 -23.05 -20.91
C PHE L 63 -21.36 -23.84 -19.88
N HIS L 64 -21.85 -25.00 -19.48
CA HIS L 64 -21.13 -25.80 -18.49
C HIS L 64 -20.21 -26.83 -19.15
N ARG L 65 -20.50 -27.16 -20.40
CA ARG L 65 -19.68 -28.12 -21.12
C ARG L 65 -18.20 -27.72 -21.00
N PHE L 66 -17.93 -26.45 -21.31
CA PHE L 66 -16.57 -25.91 -21.24
C PHE L 66 -15.76 -26.33 -20.02
N TYR L 67 -16.37 -26.30 -18.84
CA TYR L 67 -15.67 -26.68 -17.61
C TYR L 67 -15.53 -28.18 -17.52
N PHE L 68 -16.34 -28.89 -18.31
CA PHE L 68 -16.31 -30.34 -18.35
C PHE L 68 -15.23 -30.85 -19.30
N GLU L 69 -14.80 -30.00 -20.25
CA GLU L 69 -13.78 -30.40 -21.22
C GLU L 69 -12.41 -29.82 -20.96
N ASN L 70 -12.31 -28.82 -20.09
CA ASN L 70 -11.03 -28.19 -19.82
C ASN L 70 -10.59 -28.28 -18.38
N LEU L 71 -11.03 -29.34 -17.71
CA LEU L 71 -10.67 -29.58 -16.33
C LEU L 71 -10.49 -31.08 -16.09
N TRP L 72 -10.28 -31.83 -17.16
CA TRP L 72 -10.10 -33.28 -17.07
C TRP L 72 -8.90 -33.73 -16.21
N SER L 73 -8.04 -32.78 -15.83
CA SER L 73 -6.88 -33.11 -15.01
C SER L 73 -7.36 -33.47 -13.60
N ARG L 74 -8.34 -34.36 -13.54
CA ARG L 74 -8.94 -34.82 -12.28
C ARG L 74 -7.91 -35.57 -11.42
N ASN L 75 -7.49 -36.74 -11.88
CA ASN L 75 -6.52 -37.55 -11.16
C ASN L 75 -5.38 -36.65 -10.68
N SER L 76 -5.01 -35.69 -11.52
CA SER L 76 -3.94 -34.74 -11.21
C SER L 76 -4.38 -33.79 -10.09
N LYS L 77 -5.15 -34.33 -9.14
CA LYS L 77 -5.66 -33.55 -8.02
C LYS L 77 -6.72 -34.34 -7.24
N PRO L 78 -6.41 -34.78 -6.01
CA PRO L 78 -7.41 -35.52 -5.23
C PRO L 78 -8.48 -34.53 -4.80
N VAL L 79 -9.75 -34.90 -4.91
CA VAL L 79 -10.82 -33.99 -4.54
C VAL L 79 -11.93 -34.65 -3.72
N HIS L 80 -12.23 -34.09 -2.55
CA HIS L 80 -13.28 -34.65 -1.70
C HIS L 80 -14.36 -33.66 -1.34
N THR L 81 -15.60 -33.99 -1.67
CA THR L 81 -16.72 -33.11 -1.38
C THR L 81 -17.52 -33.56 -0.18
N THR L 82 -18.10 -32.60 0.52
CA THR L 82 -18.90 -32.89 1.69
C THR L 82 -20.12 -32.04 1.52
N ILE L 83 -21.27 -32.55 1.91
CA ILE L 83 -22.49 -31.77 1.79
C ILE L 83 -22.93 -31.53 3.20
N LEU L 84 -22.89 -30.27 3.62
CA LEU L 84 -23.25 -29.92 4.98
C LEU L 84 -24.60 -29.28 5.17
N ASN L 85 -25.32 -29.82 6.14
CA ASN L 85 -26.61 -29.29 6.54
C ASN L 85 -27.63 -29.21 5.42
N PRO L 86 -27.85 -30.35 4.73
CA PRO L 86 -28.82 -30.39 3.63
C PRO L 86 -30.23 -30.06 4.12
N HIS L 87 -30.99 -29.32 3.33
CA HIS L 87 -32.37 -29.01 3.67
C HIS L 87 -33.18 -29.20 2.38
N ILE L 88 -34.15 -30.11 2.43
CA ILE L 88 -34.97 -30.39 1.26
C ILE L 88 -36.39 -29.93 1.45
N HIS L 89 -36.98 -29.42 0.39
CA HIS L 89 -38.37 -28.97 0.42
C HIS L 89 -39.06 -29.76 -0.67
N LEU L 90 -40.01 -30.63 -0.30
CA LEU L 90 -40.76 -31.39 -1.31
C LEU L 90 -41.96 -30.51 -1.63
N MET L 91 -42.33 -30.44 -2.90
CA MET L 91 -43.47 -29.62 -3.29
C MET L 91 -44.32 -30.41 -4.27
N GLY L 92 -45.08 -31.36 -3.74
CA GLY L 92 -45.90 -32.20 -4.60
C GLY L 92 -45.02 -33.28 -5.21
N ASP L 93 -45.65 -34.37 -5.63
CA ASP L 93 -44.96 -35.50 -6.22
C ASP L 93 -43.89 -35.22 -7.28
N GLU L 94 -44.06 -34.16 -8.05
CA GLU L 94 -43.14 -33.87 -9.15
C GLU L 94 -42.00 -32.84 -8.99
N SER L 95 -41.88 -32.20 -7.83
CA SER L 95 -40.81 -31.21 -7.66
C SER L 95 -40.22 -31.20 -6.27
N ALA L 96 -38.95 -30.82 -6.21
CA ALA L 96 -38.24 -30.77 -4.95
C ALA L 96 -37.24 -29.63 -4.97
N CYS L 97 -36.71 -29.33 -3.79
CA CYS L 97 -35.74 -28.26 -3.67
C CYS L 97 -34.73 -28.59 -2.59
N ILE L 98 -33.46 -28.64 -2.95
CA ILE L 98 -32.44 -28.92 -1.95
C ILE L 98 -31.47 -27.73 -1.80
N ALA L 99 -31.13 -27.43 -0.56
CA ALA L 99 -30.23 -26.32 -0.25
C ALA L 99 -29.16 -26.85 0.69
N TYR L 100 -27.90 -26.61 0.34
CA TYR L 100 -26.81 -27.09 1.17
C TYR L 100 -25.52 -26.27 1.05
N ILE L 101 -24.57 -26.57 1.94
CA ILE L 101 -23.28 -25.93 1.93
C ILE L 101 -22.39 -26.97 1.30
N ARG L 102 -21.68 -26.59 0.26
CA ARG L 102 -20.81 -27.53 -0.42
C ARG L 102 -19.37 -27.24 -0.03
N ILE L 103 -18.74 -28.17 0.67
CA ILE L 103 -17.36 -27.99 1.08
C ILE L 103 -16.48 -28.87 0.21
N THR L 104 -15.45 -28.25 -0.38
CA THR L 104 -14.53 -28.96 -1.25
C THR L 104 -13.11 -28.95 -0.71
N GLN L 105 -12.51 -30.14 -0.58
CA GLN L 105 -11.14 -30.31 -0.10
C GLN L 105 -10.29 -30.75 -1.30
N TYR L 106 -9.27 -29.96 -1.60
CA TYR L 106 -8.40 -30.22 -2.74
C TYR L 106 -6.97 -29.85 -2.42
N LEU L 107 -6.10 -29.95 -3.42
CA LEU L 107 -4.69 -29.63 -3.25
C LEU L 107 -4.18 -28.59 -4.24
N ASP L 108 -3.23 -29.03 -5.07
CA ASP L 108 -2.60 -28.17 -6.08
C ASP L 108 -2.17 -26.83 -5.50
N ALA L 109 -1.78 -25.94 -6.41
CA ALA L 109 -1.32 -24.61 -6.03
C ALA L 109 -0.05 -24.77 -5.17
N GLY L 110 0.54 -25.96 -5.27
CA GLY L 110 1.74 -26.27 -4.50
C GLY L 110 1.49 -27.53 -3.67
N GLY L 111 0.33 -28.13 -3.85
CA GLY L 111 0.01 -29.35 -3.11
C GLY L 111 -0.39 -29.18 -1.65
N ILE L 112 -0.86 -27.99 -1.29
CA ILE L 112 -1.27 -27.73 0.09
C ILE L 112 -2.77 -28.00 0.25
N PRO L 113 -3.14 -28.90 1.18
CA PRO L 113 -4.56 -29.20 1.38
C PRO L 113 -5.37 -27.95 1.69
N ARG L 114 -6.24 -27.55 0.76
CA ARG L 114 -7.06 -26.36 0.94
C ARG L 114 -8.54 -26.72 1.05
N THR L 115 -9.34 -25.78 1.54
CA THR L 115 -10.77 -25.99 1.73
C THR L 115 -11.62 -24.86 1.22
N ALA L 116 -12.47 -25.16 0.25
CA ALA L 116 -13.37 -24.16 -0.34
C ALA L 116 -14.80 -24.39 0.14
N GLN L 117 -15.61 -23.33 0.17
CA GLN L 117 -17.01 -23.42 0.58
C GLN L 117 -17.88 -22.71 -0.44
N SER L 118 -19.10 -23.19 -0.62
CA SER L 118 -20.05 -22.54 -1.54
C SER L 118 -21.45 -22.91 -1.12
N GLU L 119 -22.36 -21.96 -1.27
CA GLU L 119 -23.75 -22.18 -0.93
C GLU L 119 -24.40 -22.64 -2.22
N GLU L 120 -25.17 -23.73 -2.16
CA GLU L 120 -25.84 -24.23 -3.36
C GLU L 120 -27.32 -24.51 -3.17
N THR L 121 -28.08 -24.17 -4.19
CA THR L 121 -29.51 -24.39 -4.25
C THR L 121 -29.81 -25.14 -5.54
N ARG L 122 -30.34 -26.35 -5.43
CA ARG L 122 -30.69 -27.12 -6.62
C ARG L 122 -32.21 -27.32 -6.67
N VAL L 123 -32.85 -26.92 -7.77
CA VAL L 123 -34.29 -27.11 -7.88
C VAL L 123 -34.54 -28.29 -8.81
N TRP L 124 -35.23 -29.31 -8.31
CA TRP L 124 -35.52 -30.50 -9.10
C TRP L 124 -36.97 -30.65 -9.54
N HIS L 125 -37.13 -31.25 -10.71
CA HIS L 125 -38.45 -31.53 -11.26
C HIS L 125 -38.39 -32.94 -11.85
N ARG L 126 -39.36 -33.78 -11.48
CA ARG L 126 -39.38 -35.16 -11.96
C ARG L 126 -40.03 -35.37 -13.32
N ARG L 127 -39.22 -35.91 -14.24
CA ARG L 127 -39.67 -36.18 -15.60
C ARG L 127 -39.66 -37.70 -15.74
N ASP L 128 -40.85 -38.27 -15.78
CA ASP L 128 -40.99 -39.71 -15.90
C ASP L 128 -40.15 -40.37 -14.82
N GLY L 129 -39.28 -41.29 -15.23
CA GLY L 129 -38.42 -41.99 -14.28
C GLY L 129 -37.55 -41.11 -13.38
N LYS L 130 -36.53 -40.50 -13.97
CA LYS L 130 -35.57 -39.68 -13.24
C LYS L 130 -35.87 -38.21 -12.93
N TRP L 131 -35.12 -37.70 -11.96
CA TRP L 131 -35.18 -36.32 -11.50
C TRP L 131 -34.27 -35.50 -12.38
N GLN L 132 -34.68 -34.27 -12.66
CA GLN L 132 -33.90 -33.37 -13.49
C GLN L 132 -33.74 -32.00 -12.85
N ILE L 133 -32.54 -31.44 -12.94
CA ILE L 133 -32.33 -30.10 -12.39
C ILE L 133 -32.84 -29.06 -13.38
N VAL L 134 -33.73 -28.19 -12.91
CA VAL L 134 -34.32 -27.17 -13.74
C VAL L 134 -33.60 -25.83 -13.58
N HIS L 135 -33.13 -25.58 -12.36
CA HIS L 135 -32.41 -24.36 -12.05
C HIS L 135 -31.50 -24.58 -10.86
N PHE L 136 -30.39 -23.86 -10.83
CA PHE L 136 -29.50 -23.96 -9.70
C PHE L 136 -28.74 -22.67 -9.45
N HIS L 137 -28.44 -22.42 -8.19
CA HIS L 137 -27.78 -21.20 -7.77
C HIS L 137 -26.55 -21.45 -6.91
N ARG L 138 -25.39 -20.93 -7.31
CA ARG L 138 -24.18 -21.12 -6.51
C ARG L 138 -23.53 -19.82 -6.03
N SER L 139 -23.14 -19.79 -4.74
CA SER L 139 -22.46 -18.63 -4.16
C SER L 139 -21.13 -19.10 -3.59
N GLY L 140 -20.09 -18.31 -3.81
CA GLY L 140 -18.74 -18.67 -3.37
C GLY L 140 -17.85 -18.58 -4.61
N ALA L 141 -17.45 -19.73 -5.17
CA ALA L 141 -16.61 -19.75 -6.40
C ALA L 141 -16.16 -21.09 -7.00
N PRO L 142 -15.92 -22.13 -6.17
CA PRO L 142 -15.49 -23.50 -6.52
C PRO L 142 -15.79 -24.10 -7.92
N SER L 143 -16.84 -24.90 -8.03
CA SER L 143 -17.19 -25.53 -9.32
C SER L 143 -18.26 -24.78 -10.12
N VAL L 144 -18.63 -25.27 -11.21
N THR M 6 -33.12 -49.79 16.38
CA THR M 6 -33.06 -48.60 17.27
C THR M 6 -34.24 -47.66 17.03
N ILE M 7 -35.30 -47.84 17.81
CA ILE M 7 -36.50 -47.01 17.70
C ILE M 7 -37.17 -46.80 19.06
N GLU M 8 -36.88 -47.69 20.00
CA GLU M 8 -37.45 -47.61 21.35
C GLU M 8 -37.10 -46.28 22.00
N ASP M 9 -37.60 -46.08 23.22
CA ASP M 9 -37.37 -44.87 24.00
C ASP M 9 -36.73 -43.74 23.18
N GLU M 10 -37.54 -43.08 22.36
CA GLU M 10 -37.06 -41.98 21.54
C GLU M 10 -36.92 -40.73 22.40
N ASP M 11 -36.97 -40.93 23.72
CA ASP M 11 -36.85 -39.82 24.66
C ASP M 11 -35.61 -38.97 24.36
N THR M 12 -34.68 -39.54 23.60
CA THR M 12 -33.46 -38.82 23.23
C THR M 12 -33.83 -37.65 22.34
N LYS M 13 -35.11 -37.33 22.32
CA LYS M 13 -35.61 -36.21 21.54
C LYS M 13 -35.81 -35.06 22.51
N VAL M 14 -36.52 -35.32 23.60
CA VAL M 14 -36.75 -34.30 24.61
C VAL M 14 -35.50 -34.16 25.47
N ARG M 15 -34.64 -35.17 25.45
CA ARG M 15 -33.40 -35.12 26.20
C ARG M 15 -32.53 -34.06 25.52
N LYS M 16 -32.36 -34.20 24.21
CA LYS M 16 -31.58 -33.24 23.46
C LYS M 16 -32.28 -31.88 23.52
N GLN M 17 -33.61 -31.91 23.49
CA GLN M 17 -34.43 -30.72 23.54
C GLN M 17 -34.26 -29.95 24.85
N GLU M 18 -33.94 -30.68 25.92
CA GLU M 18 -33.73 -30.04 27.22
C GLU M 18 -32.42 -29.28 27.15
N ILE M 19 -31.43 -29.94 26.55
CA ILE M 19 -30.11 -29.37 26.38
C ILE M 19 -30.20 -28.10 25.55
N ILE M 20 -31.02 -28.10 24.51
CA ILE M 20 -31.17 -26.87 23.73
C ILE M 20 -31.87 -25.85 24.61
N LYS M 21 -32.77 -26.31 25.48
CA LYS M 21 -33.49 -25.42 26.36
C LYS M 21 -32.52 -24.66 27.29
N VAL M 22 -31.62 -25.40 27.96
CA VAL M 22 -30.65 -24.76 28.85
C VAL M 22 -29.66 -23.86 28.09
N THR M 23 -29.21 -24.33 26.93
CA THR M 23 -28.28 -23.58 26.11
C THR M 23 -28.94 -22.28 25.64
N GLU M 24 -30.25 -22.34 25.43
CA GLU M 24 -30.99 -21.18 24.98
C GLU M 24 -31.18 -20.23 26.15
N GLN M 25 -31.43 -20.80 27.33
CA GLN M 25 -31.60 -19.99 28.51
C GLN M 25 -30.28 -19.24 28.72
N LEU M 26 -29.20 -20.03 28.75
CA LEU M 26 -27.85 -19.52 28.95
C LEU M 26 -27.53 -18.38 28.01
N ILE M 27 -27.97 -18.49 26.77
CA ILE M 27 -27.69 -17.45 25.79
C ILE M 27 -28.55 -16.22 26.05
N GLU M 28 -29.75 -16.42 26.63
CA GLU M 28 -30.60 -15.27 26.88
C GLU M 28 -30.00 -14.45 28.01
N ALA M 29 -29.46 -15.13 29.01
CA ALA M 29 -28.85 -14.46 30.15
C ALA M 29 -27.69 -13.59 29.67
N ILE M 30 -26.83 -14.16 28.83
CA ILE M 30 -25.70 -13.41 28.30
C ILE M 30 -26.24 -12.22 27.50
N SER M 31 -27.29 -12.42 26.72
CA SER M 31 -27.84 -11.33 25.91
C SER M 31 -28.47 -10.20 26.73
N ASN M 32 -29.00 -10.53 27.91
CA ASN M 32 -29.65 -9.52 28.73
C ASN M 32 -28.74 -8.89 29.77
N GLY M 33 -27.53 -9.43 29.92
CA GLY M 33 -26.64 -8.88 30.92
C GLY M 33 -27.24 -9.22 32.27
N ASP M 34 -27.40 -10.52 32.49
CA ASP M 34 -27.98 -11.05 33.73
C ASP M 34 -26.98 -12.06 34.30
N PHE M 35 -25.97 -11.54 34.99
CA PHE M 35 -24.93 -12.41 35.52
C PHE M 35 -25.42 -13.50 36.43
N GLU M 36 -26.42 -13.18 37.24
CA GLU M 36 -26.99 -14.14 38.18
C GLU M 36 -27.44 -15.41 37.46
N SER M 37 -28.30 -15.26 36.45
CA SER M 37 -28.76 -16.42 35.71
C SER M 37 -27.57 -17.17 35.13
N TYR M 38 -26.62 -16.42 34.58
CA TYR M 38 -25.45 -17.00 33.98
C TYR M 38 -24.69 -17.88 34.95
N THR M 39 -24.44 -17.39 36.17
CA THR M 39 -23.70 -18.21 37.13
C THR M 39 -24.40 -19.49 37.53
N LYS M 40 -25.72 -19.42 37.67
CA LYS M 40 -26.49 -20.58 38.09
C LYS M 40 -26.30 -21.74 37.15
N MET M 41 -26.03 -21.44 35.88
CA MET M 41 -25.85 -22.48 34.89
C MET M 41 -24.37 -22.77 34.67
N CYS M 42 -23.52 -22.19 35.50
CA CYS M 42 -22.09 -22.42 35.36
C CYS M 42 -21.47 -23.06 36.58
N ASP M 43 -20.66 -24.07 36.34
CA ASP M 43 -19.97 -24.73 37.42
C ASP M 43 -18.87 -23.76 37.83
N PRO M 44 -18.65 -23.57 39.14
CA PRO M 44 -17.61 -22.64 39.58
C PRO M 44 -16.22 -22.97 39.03
N GLY M 45 -16.01 -24.24 38.68
CA GLY M 45 -14.72 -24.66 38.16
C GLY M 45 -14.66 -24.66 36.64
N MET M 46 -15.60 -23.94 36.05
CA MET M 46 -15.73 -23.81 34.60
C MET M 46 -14.47 -23.24 33.93
N THR M 47 -14.12 -23.79 32.77
CA THR M 47 -12.97 -23.34 31.99
C THR M 47 -13.48 -22.86 30.63
N ALA M 48 -12.74 -21.96 29.99
CA ALA M 48 -13.16 -21.46 28.69
C ALA M 48 -12.09 -21.00 27.71
N PHE M 49 -12.40 -21.16 26.42
CA PHE M 49 -11.56 -20.73 25.33
C PHE M 49 -12.50 -19.81 24.57
N GLU M 50 -12.13 -18.55 24.41
CA GLU M 50 -12.95 -17.60 23.68
C GLU M 50 -12.04 -16.52 23.17
N PRO M 51 -12.42 -15.84 22.08
CA PRO M 51 -11.56 -14.78 21.53
C PRO M 51 -11.12 -13.74 22.56
N GLU M 52 -12.00 -13.39 23.48
CA GLU M 52 -11.67 -12.38 24.48
C GLU M 52 -10.48 -12.79 25.35
N ALA M 53 -10.28 -14.09 25.55
CA ALA M 53 -9.19 -14.57 26.39
C ALA M 53 -7.86 -14.72 25.64
N LEU M 54 -7.82 -14.18 24.42
CA LEU M 54 -6.63 -14.20 23.56
C LEU M 54 -5.79 -15.47 23.61
N GLY M 55 -6.39 -16.62 23.37
CA GLY M 55 -5.58 -17.82 23.37
C GLY M 55 -5.36 -18.49 24.69
N ASN M 56 -5.79 -17.89 25.79
CA ASN M 56 -5.60 -18.50 27.09
C ASN M 56 -6.84 -19.25 27.54
N LEU M 57 -6.65 -20.23 28.41
CA LEU M 57 -7.75 -21.02 28.92
C LEU M 57 -8.10 -20.40 30.26
N VAL M 58 -9.32 -19.86 30.38
CA VAL M 58 -9.68 -19.24 31.64
C VAL M 58 -10.53 -20.12 32.52
N GLU M 59 -10.47 -19.88 33.82
CA GLU M 59 -11.22 -20.68 34.76
C GLU M 59 -11.97 -19.80 35.73
N GLY M 60 -13.15 -20.25 36.11
CA GLY M 60 -13.97 -19.49 37.03
C GLY M 60 -14.86 -18.55 36.25
N LEU M 61 -15.74 -17.84 36.96
CA LEU M 61 -16.65 -16.93 36.31
C LEU M 61 -16.19 -15.49 36.38
N ASP M 62 -15.15 -15.25 37.16
CA ASP M 62 -14.67 -13.88 37.29
C ASP M 62 -14.34 -13.25 35.96
N PHE M 63 -13.68 -13.99 35.08
CA PHE M 63 -13.30 -13.44 33.80
C PHE M 63 -14.51 -13.00 33.01
N HIS M 64 -15.60 -13.75 33.09
CA HIS M 64 -16.77 -13.38 32.32
C HIS M 64 -17.57 -12.27 32.95
N ARG M 65 -17.41 -12.08 34.25
CA ARG M 65 -18.18 -11.07 34.94
C ARG M 65 -17.94 -9.67 34.40
N PHE M 66 -16.74 -9.43 33.89
CA PHE M 66 -16.39 -8.11 33.37
C PHE M 66 -17.26 -7.62 32.22
N TYR M 67 -17.75 -8.55 31.40
CA TYR M 67 -18.55 -8.17 30.26
C TYR M 67 -19.99 -7.95 30.65
N PHE M 68 -20.38 -8.48 31.79
CA PHE M 68 -21.74 -8.28 32.28
C PHE M 68 -21.74 -6.93 32.99
N GLU M 69 -20.90 -6.80 34.01
CA GLU M 69 -20.80 -5.58 34.79
C GLU M 69 -20.56 -4.31 33.99
N ASN M 70 -19.81 -4.42 32.90
CA ASN M 70 -19.50 -3.24 32.11
C ASN M 70 -20.22 -3.15 30.78
N LEU M 71 -21.48 -3.58 30.76
CA LEU M 71 -22.31 -3.53 29.56
C LEU M 71 -23.78 -3.69 29.93
N TRP M 72 -24.37 -2.60 30.44
CA TRP M 72 -25.76 -2.55 30.87
C TRP M 72 -26.68 -1.91 29.83
N SER M 73 -26.08 -1.21 28.87
CA SER M 73 -26.83 -0.52 27.82
C SER M 73 -27.56 -1.47 26.87
N ARG M 74 -28.14 -2.54 27.43
CA ARG M 74 -28.88 -3.49 26.62
C ARG M 74 -30.11 -2.77 26.09
N ASN M 75 -30.29 -1.53 26.54
CA ASN M 75 -31.41 -0.70 26.11
C ASN M 75 -31.30 -0.54 24.60
N SER M 76 -30.48 0.41 24.18
CA SER M 76 -30.27 0.67 22.76
C SER M 76 -29.52 -0.51 22.14
N LYS M 77 -29.46 -1.62 22.88
CA LYS M 77 -28.78 -2.82 22.42
C LYS M 77 -29.73 -4.01 22.16
N PRO M 78 -30.83 -3.79 21.42
CA PRO M 78 -31.72 -4.94 21.16
C PRO M 78 -30.94 -5.91 20.29
N VAL M 79 -30.77 -7.13 20.78
CA VAL M 79 -29.99 -8.14 20.08
C VAL M 79 -30.75 -9.43 19.83
N HIS M 80 -30.69 -9.95 18.61
CA HIS M 80 -31.38 -11.19 18.27
C HIS M 80 -30.37 -12.31 18.07
N THR M 81 -30.71 -13.51 18.56
CA THR M 81 -29.83 -14.66 18.44
C THR M 81 -30.46 -15.84 17.73
N THR M 82 -29.63 -16.57 17.00
CA THR M 82 -30.06 -17.76 16.28
C THR M 82 -29.03 -18.86 16.51
N ILE M 83 -29.52 -20.06 16.79
CA ILE M 83 -28.67 -21.22 17.01
C ILE M 83 -28.82 -22.16 15.83
N LEU M 84 -27.94 -22.01 14.85
CA LEU M 84 -27.92 -22.80 13.62
C LEU M 84 -27.29 -24.17 13.76
N ASN M 85 -27.89 -25.13 13.08
CA ASN M 85 -27.35 -26.48 13.03
C ASN M 85 -26.85 -27.05 14.37
N PRO M 86 -27.69 -27.07 15.40
CA PRO M 86 -27.26 -27.61 16.69
C PRO M 86 -27.04 -29.12 16.63
N HIS M 87 -26.08 -29.63 17.38
CA HIS M 87 -25.80 -31.06 17.46
C HIS M 87 -25.50 -31.42 18.90
N ILE M 88 -26.33 -32.24 19.52
CA ILE M 88 -26.10 -32.63 20.90
C ILE M 88 -25.47 -34.00 20.95
N HIS M 89 -24.59 -34.21 21.92
CA HIS M 89 -23.92 -35.49 22.11
C HIS M 89 -24.23 -35.93 23.53
N LEU M 90 -25.22 -36.81 23.67
CA LEU M 90 -25.58 -37.29 24.99
C LEU M 90 -24.52 -38.27 25.49
N MET M 91 -23.89 -37.97 26.62
CA MET M 91 -22.90 -38.87 27.20
C MET M 91 -23.54 -39.35 28.47
N GLY M 92 -23.82 -40.65 28.55
CA GLY M 92 -24.47 -41.14 29.75
C GLY M 92 -25.74 -40.34 29.99
N ASP M 93 -26.17 -40.28 31.24
CA ASP M 93 -27.39 -39.56 31.57
C ASP M 93 -27.11 -38.29 32.34
N GLU M 94 -25.89 -38.17 32.85
CA GLU M 94 -25.49 -36.99 33.61
C GLU M 94 -24.76 -35.92 32.81
N SER M 95 -24.42 -36.20 31.56
CA SER M 95 -23.70 -35.21 30.77
C SER M 95 -24.20 -35.07 29.35
N ALA M 96 -23.78 -33.98 28.72
CA ALA M 96 -24.12 -33.69 27.34
C ALA M 96 -23.15 -32.68 26.76
N CYS M 97 -23.08 -32.62 25.43
CA CYS M 97 -22.21 -31.70 24.73
C CYS M 97 -22.97 -31.18 23.52
N ILE M 98 -23.02 -29.86 23.37
CA ILE M 98 -23.72 -29.28 22.25
C ILE M 98 -22.83 -28.31 21.45
N ALA M 99 -22.91 -28.40 20.14
CA ALA M 99 -22.13 -27.54 19.25
C ALA M 99 -23.09 -26.94 18.25
N TYR M 100 -22.97 -25.63 18.04
CA TYR M 100 -23.83 -24.92 17.13
C TYR M 100 -23.16 -23.64 16.66
N ILE M 101 -23.75 -23.04 15.65
CA ILE M 101 -23.25 -21.78 15.11
C ILE M 101 -24.07 -20.74 15.84
N ARG M 102 -23.42 -19.66 16.29
CA ARG M 102 -24.14 -18.62 17.00
C ARG M 102 -24.16 -17.39 16.10
N ILE M 103 -25.33 -17.06 15.60
CA ILE M 103 -25.50 -15.90 14.74
C ILE M 103 -26.21 -14.86 15.57
N THR M 104 -25.67 -13.67 15.60
CA THR M 104 -26.31 -12.63 16.36
C THR M 104 -26.41 -11.34 15.56
N GLN M 105 -27.62 -10.82 15.53
CA GLN M 105 -27.97 -9.60 14.83
C GLN M 105 -28.02 -8.47 15.84
N TYR M 106 -27.18 -7.47 15.62
CA TYR M 106 -27.10 -6.32 16.52
C TYR M 106 -27.15 -5.02 15.71
N LEU M 107 -27.32 -3.90 16.42
CA LEU M 107 -27.39 -2.59 15.78
C LEU M 107 -26.04 -1.87 15.74
N ASP M 108 -25.93 -0.81 16.53
CA ASP M 108 -24.74 0.05 16.58
C ASP M 108 -24.06 0.09 15.21
N ALA M 109 -22.74 0.25 15.16
CA ALA M 109 -22.08 0.31 13.87
C ALA M 109 -22.84 1.40 13.12
N GLY M 110 -23.16 2.46 13.85
CA GLY M 110 -23.90 3.58 13.30
C GLY M 110 -25.40 3.47 13.52
N GLY M 111 -25.87 2.27 13.79
CA GLY M 111 -27.30 2.05 13.98
C GLY M 111 -27.79 1.18 12.84
N ILE M 112 -26.82 0.76 12.01
CA ILE M 112 -27.09 -0.08 10.86
C ILE M 112 -27.16 -1.54 11.34
N PRO M 113 -27.95 -2.37 10.65
CA PRO M 113 -28.05 -3.78 11.07
C PRO M 113 -26.80 -4.56 10.66
N ARG M 114 -26.23 -5.30 11.60
CA ARG M 114 -25.04 -6.11 11.30
C ARG M 114 -25.18 -7.52 11.88
N THR M 115 -24.46 -8.47 11.29
CA THR M 115 -24.53 -9.85 11.75
C THR M 115 -23.15 -10.40 12.06
N ALA M 116 -23.06 -11.12 13.16
CA ALA M 116 -21.79 -11.71 13.56
C ALA M 116 -21.99 -13.21 13.75
N GLN M 117 -20.92 -13.97 13.58
CA GLN M 117 -21.02 -15.43 13.70
C GLN M 117 -19.91 -16.06 14.53
N SER M 118 -20.24 -17.13 15.23
CA SER M 118 -19.20 -17.81 15.98
C SER M 118 -19.62 -19.26 16.29
N GLU M 119 -18.63 -20.15 16.36
CA GLU M 119 -18.89 -21.54 16.67
C GLU M 119 -18.74 -21.70 18.15
N GLU M 120 -19.70 -22.37 18.78
CA GLU M 120 -19.61 -22.55 20.21
C GLU M 120 -19.81 -24.00 20.61
N THR M 121 -19.06 -24.43 21.60
CA THR M 121 -19.17 -25.76 22.13
C THR M 121 -19.48 -25.53 23.60
N ARG M 122 -20.52 -26.21 24.09
CA ARG M 122 -20.94 -26.11 25.49
C ARG M 122 -20.99 -27.50 26.10
N VAL M 123 -20.13 -27.77 27.08
CA VAL M 123 -20.13 -29.07 27.71
C VAL M 123 -20.93 -28.99 29.02
N TRP M 124 -22.08 -29.68 29.06
CA TRP M 124 -22.95 -29.67 30.22
C TRP M 124 -22.82 -30.93 31.08
N HIS M 125 -23.06 -30.75 32.37
CA HIS M 125 -23.00 -31.83 33.34
C HIS M 125 -24.06 -31.55 34.40
N ARG M 126 -24.89 -32.54 34.70
CA ARG M 126 -25.95 -32.35 35.67
C ARG M 126 -25.55 -32.55 37.14
N ARG M 127 -25.66 -31.48 37.91
CA ARG M 127 -25.37 -31.47 39.34
C ARG M 127 -26.76 -31.32 39.96
N ASP M 128 -27.13 -32.23 40.85
CA ASP M 128 -28.46 -32.21 41.45
C ASP M 128 -29.39 -32.41 40.26
N GLY M 129 -30.39 -31.54 40.14
CA GLY M 129 -31.33 -31.65 39.05
C GLY M 129 -31.09 -30.61 37.97
N LYS M 130 -30.25 -29.62 38.28
CA LYS M 130 -29.97 -28.56 37.32
C LYS M 130 -28.67 -28.77 36.55
N TRP M 131 -28.69 -28.44 35.27
CA TRP M 131 -27.53 -28.57 34.41
C TRP M 131 -26.57 -27.40 34.61
N GLN M 132 -25.29 -27.62 34.38
CA GLN M 132 -24.29 -26.57 34.50
C GLN M 132 -23.19 -26.69 33.45
N ILE M 133 -22.69 -25.54 32.99
CA ILE M 133 -21.62 -25.52 32.00
C ILE M 133 -20.31 -25.87 32.66
N VAL M 134 -19.71 -26.96 32.20
CA VAL M 134 -18.46 -27.44 32.73
C VAL M 134 -17.27 -26.87 31.96
N HIS M 135 -17.48 -26.59 30.68
CA HIS M 135 -16.44 -26.04 29.83
C HIS M 135 -17.05 -25.51 28.55
N PHE M 136 -16.48 -24.46 27.98
CA PHE M 136 -17.02 -23.97 26.73
C PHE M 136 -15.91 -23.40 25.87
N HIS M 137 -16.17 -23.38 24.57
CA HIS M 137 -15.18 -22.95 23.61
C HIS M 137 -15.84 -22.19 22.49
N ARG M 138 -15.39 -20.96 22.26
CA ARG M 138 -15.97 -20.14 21.19
C ARG M 138 -14.90 -19.70 20.19
N SER M 139 -15.28 -19.71 18.91
CA SER M 139 -14.43 -19.29 17.79
C SER M 139 -15.23 -18.25 17.02
N GLY M 140 -14.56 -17.28 16.41
CA GLY M 140 -15.30 -16.30 15.63
C GLY M 140 -15.44 -14.90 16.22
N ALA M 141 -16.64 -14.33 16.13
CA ALA M 141 -16.85 -12.97 16.62
C ALA M 141 -17.62 -12.72 17.92
N PRO M 142 -18.94 -13.00 17.94
CA PRO M 142 -19.83 -12.82 19.11
C PRO M 142 -19.19 -12.84 20.51
N SER M 143 -19.82 -12.12 21.44
CA SER M 143 -19.33 -12.06 22.82
C SER M 143 -20.42 -12.52 23.81
N VAL M 144 -21.39 -11.76 24.00
N ASP N 9 -6.42 -42.68 47.85
CA ASP N 9 -7.85 -42.63 47.41
C ASP N 9 -8.05 -41.87 46.10
N GLU N 10 -7.43 -40.68 45.99
CA GLU N 10 -7.54 -39.84 44.80
C GLU N 10 -7.45 -40.59 43.47
N ASP N 11 -8.59 -41.15 43.09
CA ASP N 11 -8.78 -41.91 41.86
C ASP N 11 -9.12 -40.91 40.75
N THR N 12 -9.58 -39.73 41.15
CA THR N 12 -9.90 -38.69 40.18
C THR N 12 -8.57 -38.30 39.57
N LYS N 13 -7.51 -38.46 40.35
CA LYS N 13 -6.17 -38.16 39.93
C LYS N 13 -5.77 -39.14 38.82
N VAL N 14 -6.06 -40.41 39.02
CA VAL N 14 -5.72 -41.41 38.02
C VAL N 14 -6.68 -41.39 36.85
N ARG N 15 -7.93 -40.99 37.09
CA ARG N 15 -8.92 -40.92 36.03
C ARG N 15 -8.51 -39.83 35.04
N LYS N 16 -8.01 -38.72 35.58
CA LYS N 16 -7.59 -37.61 34.75
C LYS N 16 -6.35 -37.98 33.96
N GLN N 17 -5.45 -38.74 34.59
CA GLN N 17 -4.24 -39.16 33.90
C GLN N 17 -4.66 -40.09 32.78
N GLU N 18 -5.74 -40.83 33.02
CA GLU N 18 -6.30 -41.76 32.04
C GLU N 18 -6.68 -40.94 30.80
N ILE N 19 -7.41 -39.85 31.01
CA ILE N 19 -7.84 -38.97 29.92
C ILE N 19 -6.64 -38.32 29.24
N ILE N 20 -5.63 -37.92 30.01
CA ILE N 20 -4.46 -37.30 29.41
C ILE N 20 -3.73 -38.28 28.51
N LYS N 21 -3.75 -39.56 28.90
CA LYS N 21 -3.07 -40.58 28.11
C LYS N 21 -3.74 -40.85 26.76
N VAL N 22 -5.06 -40.96 26.75
CA VAL N 22 -5.77 -41.18 25.49
C VAL N 22 -5.64 -39.96 24.57
N THR N 23 -5.60 -38.77 25.16
CA THR N 23 -5.46 -37.56 24.37
C THR N 23 -4.08 -37.58 23.72
N GLU N 24 -3.08 -37.99 24.48
CA GLU N 24 -1.70 -38.06 23.98
C GLU N 24 -1.67 -39.10 22.86
N GLN N 25 -2.36 -40.20 23.10
CA GLN N 25 -2.41 -41.26 22.10
C GLN N 25 -3.07 -40.75 20.82
N LEU N 26 -4.18 -40.04 20.99
CA LEU N 26 -4.91 -39.48 19.87
C LEU N 26 -3.99 -38.57 19.07
N ILE N 27 -3.32 -37.67 19.76
CA ILE N 27 -2.42 -36.73 19.10
C ILE N 27 -1.29 -37.45 18.35
N GLU N 28 -0.79 -38.54 18.93
CA GLU N 28 0.28 -39.29 18.29
C GLU N 28 -0.21 -39.92 17.00
N ALA N 29 -1.41 -40.50 17.04
CA ALA N 29 -1.99 -41.10 15.85
C ALA N 29 -2.12 -40.02 14.78
N ILE N 30 -2.65 -38.86 15.15
CA ILE N 30 -2.81 -37.76 14.22
C ILE N 30 -1.44 -37.38 13.67
N SER N 31 -0.50 -37.19 14.58
CA SER N 31 0.84 -36.79 14.21
C SER N 31 1.55 -37.78 13.29
N ASN N 32 1.22 -39.06 13.39
CA ASN N 32 1.85 -40.07 12.56
C ASN N 32 1.02 -40.43 11.33
N GLY N 33 -0.05 -39.70 11.10
CA GLY N 33 -0.90 -39.98 9.94
C GLY N 33 -1.52 -41.36 9.98
N ASP N 34 -1.67 -41.91 11.17
CA ASP N 34 -2.26 -43.23 11.36
C ASP N 34 -3.78 -43.13 11.50
N PHE N 35 -4.47 -43.05 10.36
CA PHE N 35 -5.93 -42.94 10.34
C PHE N 35 -6.68 -44.10 10.96
N GLU N 36 -6.14 -45.31 10.89
CA GLU N 36 -6.80 -46.48 11.48
C GLU N 36 -6.95 -46.33 12.98
N SER N 37 -5.84 -46.02 13.66
CA SER N 37 -5.86 -45.82 15.10
C SER N 37 -6.78 -44.68 15.43
N TYR N 38 -6.73 -43.64 14.60
CA TYR N 38 -7.56 -42.47 14.80
C TYR N 38 -9.05 -42.84 14.86
N THR N 39 -9.53 -43.47 13.79
CA THR N 39 -10.94 -43.87 13.71
C THR N 39 -11.32 -44.75 14.89
N LYS N 40 -10.38 -45.59 15.31
CA LYS N 40 -10.59 -46.50 16.42
C LYS N 40 -10.91 -45.67 17.67
N MET N 41 -10.34 -44.47 17.76
CA MET N 41 -10.54 -43.59 18.91
C MET N 41 -11.68 -42.60 18.78
N CYS N 42 -12.31 -42.55 17.62
CA CYS N 42 -13.41 -41.61 17.42
C CYS N 42 -14.77 -42.28 17.29
N ASP N 43 -15.79 -41.65 17.85
CA ASP N 43 -17.14 -42.17 17.75
C ASP N 43 -17.58 -41.89 16.30
N PRO N 44 -18.30 -42.85 15.68
CA PRO N 44 -18.74 -42.65 14.29
C PRO N 44 -19.48 -41.35 14.07
N GLY N 45 -20.26 -40.93 15.06
CA GLY N 45 -21.02 -39.70 14.93
C GLY N 45 -20.28 -38.49 15.51
N MET N 46 -18.96 -38.57 15.45
CA MET N 46 -18.10 -37.51 15.95
C MET N 46 -18.39 -36.17 15.27
N THR N 47 -18.38 -35.11 16.06
CA THR N 47 -18.65 -33.77 15.56
C THR N 47 -17.38 -32.92 15.72
N ALA N 48 -17.17 -31.94 14.84
CA ALA N 48 -15.96 -31.11 14.96
C ALA N 48 -16.00 -29.68 14.43
N PHE N 49 -15.27 -28.81 15.13
CA PHE N 49 -15.10 -27.40 14.75
C PHE N 49 -13.60 -27.25 14.62
N GLU N 50 -13.14 -26.78 13.46
CA GLU N 50 -11.70 -26.60 13.26
C GLU N 50 -11.45 -25.67 12.09
N PRO N 51 -10.32 -24.96 12.10
CA PRO N 51 -9.96 -24.02 11.02
C PRO N 51 -10.15 -24.60 9.62
N GLU N 52 -9.80 -25.85 9.42
CA GLU N 52 -9.92 -26.47 8.10
C GLU N 52 -11.35 -26.60 7.63
N ALA N 53 -12.31 -26.51 8.56
CA ALA N 53 -13.72 -26.64 8.23
C ALA N 53 -14.41 -25.29 7.94
N LEU N 54 -13.62 -24.23 7.85
CA LEU N 54 -14.11 -22.90 7.54
C LEU N 54 -15.36 -22.42 8.25
N GLY N 55 -15.41 -22.58 9.57
CA GLY N 55 -16.60 -22.11 10.27
C GLY N 55 -17.79 -23.06 10.29
N ASN N 56 -17.66 -24.22 9.66
CA ASN N 56 -18.74 -25.19 9.62
C ASN N 56 -18.54 -26.32 10.61
N LEU N 57 -19.64 -26.83 11.17
CA LEU N 57 -19.58 -27.96 12.08
C LEU N 57 -19.58 -29.20 11.19
N VAL N 58 -18.52 -29.98 11.27
CA VAL N 58 -18.38 -31.18 10.46
C VAL N 58 -18.74 -32.47 11.22
N GLU N 59 -19.30 -33.46 10.51
CA GLU N 59 -19.68 -34.74 11.12
C GLU N 59 -18.92 -35.91 10.53
N GLY N 60 -18.74 -36.96 11.33
CA GLY N 60 -18.04 -38.14 10.87
C GLY N 60 -16.55 -37.96 10.71
N LEU N 61 -15.86 -39.05 10.37
CA LEU N 61 -14.42 -39.01 10.20
C LEU N 61 -14.05 -38.81 8.75
N ASP N 62 -15.05 -38.94 7.89
CA ASP N 62 -14.84 -38.79 6.46
C ASP N 62 -14.07 -37.51 6.08
N PHE N 63 -14.42 -36.39 6.71
CA PHE N 63 -13.79 -35.10 6.44
C PHE N 63 -12.32 -35.04 6.85
N HIS N 64 -11.97 -35.80 7.88
CA HIS N 64 -10.61 -35.81 8.38
C HIS N 64 -9.68 -36.71 7.60
N ARG N 65 -10.28 -37.73 7.01
CA ARG N 65 -9.58 -38.72 6.20
C ARG N 65 -8.67 -38.04 5.15
N PHE N 66 -9.16 -36.96 4.55
CA PHE N 66 -8.39 -36.25 3.55
C PHE N 66 -7.02 -35.82 4.05
N TYR N 67 -7.00 -35.19 5.22
CA TYR N 67 -5.77 -34.70 5.82
C TYR N 67 -4.75 -35.78 6.12
N PHE N 68 -5.22 -37.00 6.31
CA PHE N 68 -4.30 -38.10 6.54
C PHE N 68 -3.79 -38.47 5.15
N GLU N 69 -4.66 -39.11 4.36
CA GLU N 69 -4.35 -39.56 3.00
C GLU N 69 -3.55 -38.58 2.14
N ASN N 70 -3.63 -37.29 2.43
CA ASN N 70 -2.92 -36.31 1.60
C ASN N 70 -1.93 -35.41 2.31
N LEU N 71 -1.43 -35.87 3.44
CA LEU N 71 -0.46 -35.11 4.21
C LEU N 71 0.53 -36.11 4.80
N TRP N 72 1.55 -36.43 4.01
CA TRP N 72 2.57 -37.39 4.40
C TRP N 72 3.94 -36.74 4.65
N SER N 73 3.94 -35.42 4.65
CA SER N 73 5.16 -34.65 4.93
C SER N 73 5.31 -34.73 6.45
N ARG N 74 4.34 -35.40 7.08
CA ARG N 74 4.29 -35.60 8.52
C ARG N 74 5.26 -36.73 8.85
N ASN N 75 5.25 -37.76 8.02
CA ASN N 75 6.11 -38.93 8.19
C ASN N 75 7.57 -38.55 7.95
N SER N 76 7.78 -37.67 6.98
CA SER N 76 9.11 -37.20 6.62
C SER N 76 9.43 -35.89 7.33
N LYS N 77 9.45 -35.93 8.67
CA LYS N 77 9.72 -34.74 9.48
C LYS N 77 9.52 -34.95 10.98
N PRO N 78 10.56 -34.69 11.79
CA PRO N 78 10.43 -34.87 13.24
C PRO N 78 9.41 -33.84 13.75
N VAL N 79 8.36 -34.33 14.39
CA VAL N 79 7.33 -33.44 14.90
C VAL N 79 7.19 -33.57 16.41
N HIS N 80 7.34 -32.47 17.12
CA HIS N 80 7.20 -32.55 18.57
C HIS N 80 5.98 -31.78 19.04
N THR N 81 5.17 -32.45 19.87
CA THR N 81 3.96 -31.84 20.39
C THR N 81 4.00 -31.69 21.89
N THR N 82 3.46 -30.58 22.37
CA THR N 82 3.43 -30.31 23.79
C THR N 82 2.00 -29.95 24.16
N ILE N 83 1.52 -30.50 25.25
CA ILE N 83 0.17 -30.23 25.74
C ILE N 83 0.36 -29.35 26.96
N LEU N 84 -0.05 -28.09 26.87
CA LEU N 84 0.11 -27.16 27.97
C LEU N 84 -1.15 -26.83 28.74
N ASN N 85 -0.95 -26.60 30.04
CA ASN N 85 -2.00 -26.19 30.94
C ASN N 85 -3.30 -26.99 30.77
N PRO N 86 -3.20 -28.33 30.78
CA PRO N 86 -4.36 -29.21 30.62
C PRO N 86 -5.37 -29.01 31.74
N HIS N 87 -6.64 -29.20 31.42
CA HIS N 87 -7.70 -29.10 32.41
C HIS N 87 -8.75 -30.15 32.08
N ILE N 88 -8.97 -31.09 32.99
CA ILE N 88 -9.95 -32.13 32.76
C ILE N 88 -11.18 -31.92 33.63
N HIS N 89 -12.34 -32.24 33.09
CA HIS N 89 -13.59 -32.13 33.81
C HIS N 89 -14.18 -33.53 33.71
N LEU N 90 -14.38 -34.16 34.86
CA LEU N 90 -14.96 -35.49 34.88
C LEU N 90 -16.46 -35.34 35.03
N MET N 91 -17.21 -36.14 34.27
CA MET N 91 -18.67 -36.08 34.31
C MET N 91 -19.20 -37.51 34.25
N GLY N 92 -19.37 -38.13 35.40
CA GLY N 92 -19.83 -39.51 35.41
C GLY N 92 -18.61 -40.37 35.14
N ASP N 93 -18.78 -41.69 35.12
CA ASP N 93 -17.66 -42.58 34.89
C ASP N 93 -17.42 -42.85 33.42
N GLU N 94 -18.37 -42.43 32.57
CA GLU N 94 -18.23 -42.67 31.13
C GLU N 94 -18.08 -41.39 30.31
N SER N 95 -17.94 -40.25 30.98
CA SER N 95 -17.85 -38.99 30.28
C SER N 95 -16.80 -38.01 30.83
N ALA N 96 -15.90 -37.56 29.95
CA ALA N 96 -14.85 -36.61 30.34
C ALA N 96 -14.66 -35.51 29.31
N CYS N 97 -14.06 -34.41 29.77
CA CYS N 97 -13.82 -33.28 28.90
C CYS N 97 -12.45 -32.69 29.19
N ILE N 98 -11.63 -32.56 28.16
CA ILE N 98 -10.30 -32.01 28.35
C ILE N 98 -10.01 -30.81 27.44
N ALA N 99 -9.42 -29.77 28.02
CA ALA N 99 -9.09 -28.56 27.29
C ALA N 99 -7.62 -28.23 27.51
N TYR N 100 -6.89 -27.98 26.43
CA TYR N 100 -5.48 -27.67 26.56
C TYR N 100 -4.95 -26.84 25.40
N ILE N 101 -3.74 -26.31 25.57
CA ILE N 101 -3.10 -25.54 24.52
C ILE N 101 -2.21 -26.56 23.84
N ARG N 102 -2.29 -26.63 22.53
CA ARG N 102 -1.48 -27.57 21.79
C ARG N 102 -0.38 -26.83 21.06
N ILE N 103 0.87 -27.09 21.44
CA ILE N 103 1.98 -26.45 20.80
C ILE N 103 2.73 -27.43 19.94
N THR N 104 2.96 -27.05 18.69
CA THR N 104 3.65 -27.93 17.76
C THR N 104 4.94 -27.31 17.25
N GLN N 105 6.02 -28.08 17.37
CA GLN N 105 7.32 -27.64 16.90
C GLN N 105 7.61 -28.46 15.67
N TYR N 106 7.76 -27.78 14.54
CA TYR N 106 8.02 -28.45 13.28
C TYR N 106 9.10 -27.68 12.51
N LEU N 107 9.63 -28.30 11.45
CA LEU N 107 10.65 -27.66 10.63
C LEU N 107 10.06 -27.09 9.35
N ASP N 108 10.67 -27.43 8.21
CA ASP N 108 10.20 -26.97 6.91
C ASP N 108 10.51 -25.49 6.68
N ALA N 109 10.10 -24.99 5.51
CA ALA N 109 10.34 -23.61 5.14
C ALA N 109 11.85 -23.46 4.94
N GLY N 110 12.51 -24.60 4.74
CA GLY N 110 13.95 -24.63 4.55
C GLY N 110 14.64 -25.21 5.78
N GLY N 111 13.93 -26.10 6.48
CA GLY N 111 14.50 -26.72 7.66
C GLY N 111 14.56 -25.78 8.86
N ILE N 112 13.76 -24.71 8.79
CA ILE N 112 13.72 -23.74 9.88
C ILE N 112 12.74 -24.20 10.96
N PRO N 113 13.14 -24.05 12.23
CA PRO N 113 12.28 -24.44 13.36
C PRO N 113 11.20 -23.39 13.62
N ARG N 114 9.94 -23.81 13.60
CA ARG N 114 8.83 -22.90 13.87
C ARG N 114 7.85 -23.51 14.86
N THR N 115 7.04 -22.65 15.48
CA THR N 115 6.09 -23.10 16.48
C THR N 115 4.66 -22.65 16.20
N ALA N 116 3.73 -23.58 16.33
CA ALA N 116 2.34 -23.28 16.09
C ALA N 116 1.53 -23.54 17.35
N GLN N 117 0.52 -22.73 17.59
CA GLN N 117 -0.33 -22.88 18.76
C GLN N 117 -1.78 -23.03 18.38
N SER N 118 -2.52 -23.82 19.15
CA SER N 118 -3.94 -23.97 18.92
C SER N 118 -4.61 -24.38 20.23
N GLU N 119 -5.83 -23.90 20.43
CA GLU N 119 -6.59 -24.24 21.63
C GLU N 119 -7.47 -25.41 21.25
N GLU N 120 -7.45 -26.46 22.06
CA GLU N 120 -8.27 -27.62 21.74
C GLU N 120 -9.15 -28.09 22.89
N THR N 121 -10.34 -28.54 22.52
CA THR N 121 -11.29 -29.09 23.46
C THR N 121 -11.61 -30.48 22.91
N ARG N 122 -11.54 -31.50 23.75
CA ARG N 122 -11.87 -32.86 23.34
C ARG N 122 -12.94 -33.40 24.28
N VAL N 123 -14.05 -33.89 23.75
CA VAL N 123 -15.08 -34.43 24.60
C VAL N 123 -15.04 -35.96 24.47
N TRP N 124 -14.78 -36.61 25.61
CA TRP N 124 -14.66 -38.07 25.67
C TRP N 124 -15.85 -38.82 26.26
N HIS N 125 -16.16 -39.95 25.63
CA HIS N 125 -17.24 -40.79 26.10
C HIS N 125 -16.77 -42.24 26.13
N ARG N 126 -16.97 -42.88 27.27
CA ARG N 126 -16.57 -44.28 27.48
C ARG N 126 -17.60 -45.23 26.89
N ARG N 127 -17.20 -46.01 25.90
CA ARG N 127 -18.09 -46.96 25.28
C ARG N 127 -17.48 -48.35 25.29
N ASP N 128 -18.18 -49.30 25.90
CA ASP N 128 -17.72 -50.68 25.98
C ASP N 128 -16.25 -50.81 26.36
N GLY N 129 -15.83 -50.10 27.39
CA GLY N 129 -14.45 -50.20 27.82
C GLY N 129 -13.46 -49.12 27.39
N LYS N 130 -13.46 -48.76 26.11
CA LYS N 130 -12.52 -47.74 25.65
C LYS N 130 -13.14 -46.35 25.44
N TRP N 131 -12.32 -45.33 25.68
CA TRP N 131 -12.71 -43.96 25.52
C TRP N 131 -12.75 -43.58 24.06
N GLN N 132 -13.76 -42.82 23.67
CA GLN N 132 -13.89 -42.38 22.30
C GLN N 132 -14.25 -40.90 22.24
N ILE N 133 -13.72 -40.20 21.23
CA ILE N 133 -14.04 -38.79 21.08
C ILE N 133 -15.40 -38.63 20.45
N VAL N 134 -16.23 -37.83 21.09
CA VAL N 134 -17.57 -37.62 20.59
C VAL N 134 -17.67 -36.24 19.91
N HIS N 135 -16.77 -35.35 20.27
CA HIS N 135 -16.75 -34.00 19.70
C HIS N 135 -15.45 -33.30 20.03
N PHE N 136 -14.96 -32.47 19.12
CA PHE N 136 -13.76 -31.72 19.40
C PHE N 136 -13.83 -30.37 18.72
N HIS N 137 -13.18 -29.40 19.35
CA HIS N 137 -13.17 -28.04 18.85
C HIS N 137 -11.73 -27.51 18.87
N ARG N 138 -11.21 -27.17 17.69
CA ARG N 138 -9.86 -26.64 17.58
C ARG N 138 -9.91 -25.18 17.13
N SER N 139 -9.23 -24.32 17.88
CA SER N 139 -9.18 -22.89 17.59
C SER N 139 -7.73 -22.52 17.34
N GLY N 140 -7.45 -21.84 16.24
CA GLY N 140 -6.08 -21.46 15.92
C GLY N 140 -5.72 -21.83 14.49
N ALA N 141 -4.92 -22.88 14.29
CA ALA N 141 -4.54 -23.25 12.92
C ALA N 141 -4.09 -24.71 12.72
N PRO N 142 -3.48 -25.32 13.75
CA PRO N 142 -3.00 -26.72 13.67
C PRO N 142 -4.03 -27.73 13.15
N SER N 143 -3.68 -29.02 13.24
CA SER N 143 -4.57 -30.09 12.77
C SER N 143 -4.53 -31.35 13.64
N VAL N 144 -5.45 -31.52 14.49
S1 DTT O . 8.91 -26.56 57.85
C1 DTT O . 9.41 -25.15 56.87
C2 DTT O . 10.74 -24.82 57.48
O2 DTT O . 11.43 -25.60 57.12
C3 DTT O . 11.12 -23.40 57.28
O3 DTT O . 10.75 -23.12 55.99
C4 DTT O . 12.47 -22.97 57.30
S4 DTT O . 12.61 -23.05 59.02
CL CL P . 5.28 -3.00 37.22
TA1 TBR Q . 15.10 -26.47 51.18
TA2 TBR Q . 13.13 -26.85 53.38
TA3 TBR Q . 13.40 -24.21 52.02
TA4 TBR Q . 11.00 -25.82 51.55
TA5 TBR Q . 12.94 -25.44 49.36
TA6 TBR Q . 12.68 -28.12 50.70
BR1 TBR Q . 15.72 -27.41 53.60
BR2 TBR Q . 16.06 -24.15 51.95
BR3 TBR Q . 15.46 -25.69 48.66
BR4 TBR Q . 15.14 -28.98 50.31
BR5 TBR Q . 13.60 -24.61 54.66
BR6 TBR Q . 10.38 -24.87 49.15
BR7 TBR Q . 10.04 -28.12 50.78
BR8 TBR Q . 10.64 -26.61 54.06
BR9 TBR Q . 12.47 -27.73 48.07
BRA TBR Q . 12.69 -29.45 53.01
BRB TBR Q . 10.97 -23.30 52.42
BRC TBR Q . 13.37 -22.84 49.71
CL CL R . 17.57 -20.91 26.84
CL CL S . 22.12 18.89 23.46
CL CL T . 35.15 1.46 13.63
CL CL U . 17.23 33.39 -4.13
CL CL V . 29.90 15.06 -13.29
CL CL W . -5.75 28.72 -24.96
CL CL X . 7.85 12.12 -34.59
CL CL Y . -28.96 8.55 -20.77
CL CL Z . -16.54 -6.96 -33.99
CL CL AA . -36.22 -11.80 1.27
CL CL BA . -23.13 -27.37 -11.54
CL CL CA . -20.28 -17.39 27.60
CL CL DA . -8.04 -33.88 15.20
#